data_6BHU
#
_entry.id   6BHU
#
_cell.length_a   1
_cell.length_b   1
_cell.length_c   1
_cell.angle_alpha   90.00
_cell.angle_beta   90.00
_cell.angle_gamma   90.00
#
_symmetry.space_group_name_H-M   'P 1'
#
loop_
_entity.id
_entity.type
_entity.pdbx_description
1 polymer 'Multidrug resistance-associated protein 1'
2 non-polymer "ADENOSINE-5'-TRIPHOSPHATE"
3 non-polymer 'MAGNESIUM ION'
4 non-polymer CHOLESTEROL
#
_entity_poly.entity_id   1
_entity_poly.type   'polypeptide(L)'
_entity_poly.pdbx_seq_one_letter_code
;(UNK)(UNK)(UNK)(UNK)(UNK)(UNK)(UNK)(UNK)(UNK)(UNK)(UNK)(UNK)(UNK)(UNK)(UNK)(UNK)
(UNK)(UNK)(UNK)(UNK)(UNK)(UNK)(UNK)(UNK)(UNK)(UNK)(UNK)(UNK)(UNK)(UNK)(UNK)(UNK)
(UNK)(UNK)(UNK)(UNK)(UNK)(UNK)(UNK)(UNK)(UNK)(UNK)(UNK)(UNK)(UNK)(UNK)(UNK)(UNK)
(UNK)(UNK)(UNK)(UNK)(UNK)(UNK)(UNK)(UNK)(UNK)(UNK)(UNK)(UNK)(UNK)(UNK)(UNK)(UNK)
(UNK)(UNK)(UNK)(UNK)(UNK)(UNK)(UNK)(UNK)(UNK)(UNK)(UNK)(UNK)(UNK)(UNK)(UNK)(UNK)
(UNK)(UNK)(UNK)(UNK)(UNK)(UNK)(UNK)(UNK)(UNK)(UNK)(UNK)(UNK)(UNK)(UNK)(UNK)(UNK)
(UNK)(UNK)(UNK)(UNK)(UNK)(UNK)(UNK)(UNK)(UNK)(UNK)(UNK)(UNK)(UNK)(UNK)(UNK)(UNK)
(UNK)(UNK)(UNK)(UNK)(UNK)(UNK)(UNK)(UNK)MALRDFCSVDGSDLFWEWNVTWNTSNPDFTKCFQNTVLVW
VPCSYLWVCFPFYFLYLSHHDRGYIQMTHLNKAKTALGFLLWIVCWADLFYSFWERSMGKLLAPVFLVSPTLLGITMLLA
TFLIQIERRRGVQSSGIMLTFWLIALLCALAILRSKIMTALKEDARVDVFRDVTFYIYFSLVLIQLVLSCFSDRSPLFSE
TINDPNPCPESSASFLSRITFWWITGMMVQGYRQPLESTDLWSLNKEDTSEQVVPVLVKNWKKECAKSRKQPVKIVYSSK
DPAKPKGSSKVDVNEEAEALIVKCPQKERDPSLFKVLYKTFGPYFLMSFLFKAVHDLMMFAGPEILKLLINFVNDKKAPE
WQGYFYTALLFISACLQTLVLHQYFHICFVSGMRIKTAVIGAVYRKALVITNAARKSSTVGEIVNLMSVDAQRFMDLATY
INMIWSAPLQVILALYLLWLNLGPSVLAGVAVMVLMVPLNAVMAMKTKTYQVAHMKSKDNRIKLMNEILNGIKVLKLYAW
ELAFKDKVLAIRQEELKVLKKSAYLAAVGTFTWVCTPFLVALSTFAVYVTVDENNILDAQKAFVSLALFNILRFPLNILP
MVISSIVQASVSLKRLRVFLSHEDLDPDSIQRRPIKDAGATNSITVKNATFTWARNDPPTLHGITFSVPEGSLVAVVGQV
GCGKSSLLSALLAEMDKVEGHVTVKGSVAYVPQQAWIQNISLRENILFGRQLQERYYKAVVEACALLPDLEILPSGDRTE
IGEKGVNLSGGQKQRVSLARAVYCDSDVYLLDDPLSAVDAHVGKHIFENVIGPKGLLKNKTRLLVTHAISYLPQMDVIIV
MSGGKISEMGSYQELLARDGAFAEFLRTYASAEQEQGQPEDGLAGVGGPGKEVKQMENGMLVTDTAGKQMQRQLSSSSSY
SRDVSQHHTSTAELRKPGPTEETWKLVEADKAQTGQVKLSVYWDYMKAIGLFISFLSIFLFLCNHVASLVSNYWLSLWTD
DPIVNGTQEHTQVRLSVYGALGISQGITVFGYSMAVSIGGIFASRRLHLDLLHNVLRSPISFFERTPSGNLVNRFSKELD
TVDSMIPQVIKMFMGSLFNVIGACIIILLATPMAAVIIPPLGLIYFFVQRFYVASSRQLKRLESVSRSPVYSHFNETLLG
VSVIRAFEEQERFIRQSDLKVDENQKAYYPSIVANRWLAVRLECVGNCIVLFASLFAVISRHSLSAGLVGLSVSYSLQVT
TYLNWLVRMSSEMETNIVAVERLKEYSETEKEAPWQIQDMAPPKDWPQVGRVEFRDYGLRYREDLDLVLKHINVTIDGGE
KVGIVGRTGAGKSSLTLGLFRIKESAEGEIIIDDINIAKIGLHDLRFKITIIPQDPVLFSGSLRMNLDPFSQYSDEEVWT
SLELAHLKGFVSALPDKLNHECAEGGENLSVGQRQLVCLARALLRKTKILVLDQATAAVDLETDDLIQSTIRTQFDDCTV
LTIAHRLNTIMDYTRVIVLDKGEIQEWGSPSDLLQQRGLFYSMAKDSGLVSNSLEVLFQ
;
_entity_poly.pdbx_strand_id   A
#
loop_
_chem_comp.id
_chem_comp.type
_chem_comp.name
_chem_comp.formula
ATP non-polymer ADENOSINE-5'-TRIPHOSPHATE 'C10 H16 N5 O13 P3'
CLR non-polymer CHOLESTEROL 'C27 H46 O'
MG non-polymer 'MAGNESIUM ION' 'Mg 2'
#
# COMPACT_ATOMS: atom_id res chain seq x y z
N UNK A 1 12.12 62.94 9.34
CA UNK A 1 11.58 62.77 7.94
C UNK A 1 12.69 62.50 6.92
N UNK A 2 13.63 63.43 6.81
CA UNK A 2 14.77 63.31 5.89
C UNK A 2 15.87 62.43 6.49
N UNK A 3 16.29 62.79 7.70
CA UNK A 3 17.27 62.00 8.46
C UNK A 3 16.71 60.63 8.84
N UNK A 4 15.43 60.58 9.17
CA UNK A 4 14.70 59.33 9.39
C UNK A 4 14.71 58.44 8.15
N UNK A 5 14.45 59.04 6.98
CA UNK A 5 14.52 58.32 5.70
C UNK A 5 15.94 57.83 5.42
N UNK A 6 16.91 58.72 5.59
CA UNK A 6 18.34 58.36 5.44
C UNK A 6 18.74 57.18 6.33
N UNK A 7 18.44 57.30 7.62
CA UNK A 7 18.80 56.27 8.61
C UNK A 7 18.03 54.97 8.44
N UNK A 8 16.71 55.07 8.20
CA UNK A 8 15.86 53.88 8.02
C UNK A 8 16.09 53.16 6.69
N UNK A 9 16.16 53.92 5.60
CA UNK A 9 16.40 53.33 4.27
C UNK A 9 17.81 52.75 4.11
N UNK A 10 18.79 53.33 4.80
CA UNK A 10 20.13 52.75 4.88
C UNK A 10 20.11 51.41 5.61
N UNK A 11 19.42 51.37 6.74
CA UNK A 11 19.23 50.13 7.52
C UNK A 11 18.06 49.31 6.94
N UNK A 12 18.30 48.72 5.77
CA UNK A 12 17.31 47.89 5.08
C UNK A 12 17.74 46.42 5.17
N UNK A 13 18.03 45.98 6.39
CA UNK A 13 18.56 44.64 6.68
C UNK A 13 19.85 44.31 5.90
N UNK A 14 20.68 45.32 5.62
CA UNK A 14 21.87 45.16 4.76
C UNK A 14 22.89 44.20 5.37
N UNK A 15 23.36 44.54 6.56
CA UNK A 15 24.27 43.67 7.33
C UNK A 15 23.55 42.41 7.81
N UNK A 16 22.24 42.52 8.06
CA UNK A 16 21.42 41.37 8.47
C UNK A 16 21.32 40.32 7.37
N UNK A 17 21.04 40.77 6.14
CA UNK A 17 21.04 39.92 4.96
C UNK A 17 22.45 39.43 4.65
N UNK A 18 23.40 40.37 4.62
CA UNK A 18 24.82 40.04 4.37
C UNK A 18 25.45 39.07 5.38
N UNK A 19 24.90 39.00 6.60
CA UNK A 19 25.34 38.04 7.61
C UNK A 19 24.51 36.76 7.59
N UNK A 20 23.19 36.90 7.73
CA UNK A 20 22.27 35.74 7.85
C UNK A 20 22.23 34.86 6.60
N UNK A 21 22.23 35.46 5.41
CA UNK A 21 22.28 34.71 4.16
C UNK A 21 23.64 34.04 3.96
N UNK A 22 24.72 34.78 4.26
CA UNK A 22 26.08 34.25 4.18
C UNK A 22 26.36 33.31 5.36
N UNK A 23 28.94 33.61 -18.69
CA UNK A 23 27.61 33.96 -19.19
C UNK A 23 27.45 35.47 -19.37
N UNK A 24 26.51 35.85 -20.24
CA UNK A 24 26.21 37.26 -20.52
C UNK A 24 25.55 37.95 -19.31
N UNK A 25 24.65 37.24 -18.63
CA UNK A 25 24.02 37.71 -17.39
C UNK A 25 25.06 38.05 -16.32
N UNK A 26 26.04 37.17 -16.17
CA UNK A 26 27.17 37.39 -15.23
C UNK A 26 28.00 38.62 -15.59
N UNK A 27 28.22 38.84 -16.89
CA UNK A 27 28.97 40.01 -17.37
C UNK A 27 28.24 41.32 -17.10
N UNK A 28 26.94 41.36 -17.43
CA UNK A 28 26.10 42.52 -17.16
C UNK A 28 25.95 42.77 -15.66
N UNK A 29 25.70 41.69 -14.90
CA UNK A 29 25.59 41.75 -13.44
C UNK A 29 26.89 42.23 -12.78
N UNK A 30 28.04 41.75 -13.28
CA UNK A 30 29.36 42.17 -12.77
C UNK A 30 29.65 43.63 -13.08
N UNK A 31 29.35 44.06 -14.30
CA UNK A 31 29.50 45.47 -14.72
C UNK A 31 28.58 46.38 -13.91
N UNK A 32 27.31 46.00 -13.79
CA UNK A 32 26.33 46.72 -12.97
C UNK A 32 26.71 46.74 -11.48
N UNK A 33 27.30 45.65 -11.00
CA UNK A 33 27.80 45.55 -9.62
C UNK A 33 29.02 46.43 -9.38
N UNK A 34 29.96 46.41 -10.33
CA UNK A 34 31.18 47.23 -10.24
C UNK A 34 30.90 48.73 -10.39
N UNK A 35 29.94 49.09 -11.24
CA UNK A 35 29.57 50.50 -11.45
C UNK A 35 28.90 51.15 -10.23
N UNK A 36 27.96 50.42 -9.62
CA UNK A 36 27.22 50.90 -8.44
C UNK A 36 28.12 51.20 -7.25
N UNK A 37 29.11 50.32 -7.03
CA UNK A 37 30.13 50.52 -6.00
C UNK A 37 30.98 51.76 -6.29
N UNK A 38 31.36 51.96 -7.54
CA UNK A 38 32.10 53.15 -7.97
C UNK A 38 31.28 54.43 -7.81
N UNK A 39 29.99 54.36 -8.13
CA UNK A 39 29.06 55.49 -7.95
C UNK A 39 28.92 55.90 -6.49
N UNK A 40 28.67 54.91 -5.62
CA UNK A 40 28.56 55.14 -4.17
C UNK A 40 29.89 55.57 -3.55
N UNK A 41 30.99 54.94 -3.98
CA UNK A 41 32.33 55.31 -3.52
C UNK A 41 32.75 56.71 -3.98
N UNK A 42 32.31 57.11 -5.18
CA UNK A 42 32.52 58.50 -5.65
C UNK A 42 31.77 59.51 -4.79
N UNK A 43 30.51 59.20 -4.45
CA UNK A 43 29.70 60.03 -3.55
C UNK A 43 30.29 60.08 -2.14
N UNK A 44 30.69 58.92 -1.62
CA UNK A 44 31.35 58.83 -0.31
C UNK A 44 32.70 59.55 -0.27
N UNK A 45 33.45 59.48 -1.38
CA UNK A 45 34.71 60.21 -1.54
C UNK A 45 34.47 61.72 -1.66
N UNK A 46 33.42 62.11 -2.37
CA UNK A 46 33.05 63.52 -2.55
C UNK A 46 32.40 64.20 -1.32
N UNK A 47 32.09 63.43 -0.28
CA UNK A 47 31.50 63.97 0.95
C UNK A 47 32.34 65.03 1.67
N UNK A 48 33.67 64.87 1.63
CA UNK A 48 34.59 65.80 2.31
C UNK A 48 34.71 67.13 1.56
N UNK A 49 27.58 63.83 9.45
CA UNK A 49 28.13 62.75 10.26
C UNK A 49 27.75 61.38 9.70
N UNK A 50 26.45 61.13 9.60
CA UNK A 50 25.92 59.85 9.12
C UNK A 50 25.96 59.68 7.59
N UNK A 51 26.05 60.79 6.86
CA UNK A 51 25.98 60.78 5.38
C UNK A 51 27.08 59.97 4.72
N UNK A 52 28.33 60.24 5.10
CA UNK A 52 29.49 59.52 4.57
C UNK A 52 29.51 58.04 4.98
N UNK A 53 29.21 57.79 6.25
CA UNK A 53 29.13 56.42 6.79
C UNK A 53 28.04 55.59 6.11
N UNK A 54 26.87 56.21 5.89
CA UNK A 54 25.76 55.57 5.18
C UNK A 54 26.13 55.23 3.74
N UNK A 55 26.73 56.20 3.04
CA UNK A 55 27.21 56.01 1.66
C UNK A 55 28.31 54.95 1.56
N UNK A 56 29.24 54.95 2.52
CA UNK A 56 30.31 53.95 2.59
C UNK A 56 29.78 52.55 2.89
N UNK A 57 28.90 52.45 3.88
CA UNK A 57 28.24 51.19 4.23
C UNK A 57 27.36 50.66 3.09
N UNK A 58 26.66 51.56 2.40
CA UNK A 58 25.87 51.21 1.21
C UNK A 58 26.76 50.72 0.06
N UNK A 59 27.93 51.34 -0.10
CA UNK A 59 28.93 50.88 -1.08
C UNK A 59 29.49 49.51 -0.69
N UNK A 60 29.77 49.32 0.60
CA UNK A 60 30.19 48.01 1.14
C UNK A 60 29.13 46.93 0.94
N UNK A 61 27.86 47.31 1.11
CA UNK A 61 26.72 46.42 0.82
C UNK A 61 26.63 46.05 -0.67
N UNK A 62 26.86 47.05 -1.54
CA UNK A 62 26.93 46.84 -2.99
C UNK A 62 28.10 45.95 -3.39
N UNK A 63 29.24 46.12 -2.71
CA UNK A 63 30.40 45.23 -2.88
C UNK A 63 30.10 43.81 -2.38
N UNK A 64 29.39 43.71 -1.25
CA UNK A 64 28.91 42.43 -0.72
C UNK A 64 27.92 41.74 -1.66
N UNK A 65 27.08 42.53 -2.33
CA UNK A 65 26.18 42.02 -3.38
C UNK A 65 26.95 41.51 -4.60
N UNK A 66 28.04 42.21 -4.96
CA UNK A 66 28.96 41.76 -6.01
C UNK A 66 29.65 40.45 -5.61
N UNK A 67 30.10 40.38 -4.35
CA UNK A 67 30.66 39.14 -3.80
C UNK A 67 29.65 37.99 -3.76
N UNK A 68 28.40 38.32 -3.44
CA UNK A 68 27.30 37.35 -3.45
C UNK A 68 27.00 36.80 -4.85
N UNK A 69 27.08 37.66 -5.86
CA UNK A 69 26.95 37.25 -7.26
C UNK A 69 28.11 36.35 -7.70
N UNK A 70 29.33 36.73 -7.29
CA UNK A 70 30.52 35.92 -7.54
C UNK A 70 30.47 34.55 -6.86
N UNK A 71 29.97 34.53 -5.61
CA UNK A 71 29.75 33.27 -4.88
C UNK A 71 28.60 32.44 -5.46
N UNK A 72 27.56 33.12 -5.96
CA UNK A 72 26.43 32.47 -6.62
C UNK A 72 26.82 31.79 -7.94
N UNK A 73 27.79 32.36 -8.65
CA UNK A 73 28.34 31.76 -9.87
C UNK A 73 29.02 30.41 -9.59
N UNK A 74 29.78 30.36 -8.50
CA UNK A 74 30.42 29.12 -8.06
C UNK A 74 29.42 28.20 -7.39
N UNK A 75 16.38 38.01 -7.02
CA UNK A 75 16.20 37.43 -5.69
C UNK A 75 15.27 38.27 -4.83
N UNK A 76 14.89 37.72 -3.67
CA UNK A 76 14.00 38.39 -2.73
C UNK A 76 14.68 39.55 -1.97
N UNK A 77 15.96 39.39 -1.66
CA UNK A 77 16.74 40.39 -0.91
C UNK A 77 16.95 41.68 -1.73
N UNK A 78 17.42 41.51 -2.96
CA UNK A 78 17.59 42.63 -3.90
C UNK A 78 16.27 43.35 -4.18
N UNK A 79 15.18 42.59 -4.28
CA UNK A 79 13.83 43.16 -4.42
C UNK A 79 13.37 43.90 -3.16
N UNK A 80 13.66 43.32 -2.00
CA UNK A 80 13.38 43.96 -0.70
C UNK A 80 14.17 45.25 -0.51
N UNK A 81 15.42 45.27 -0.97
CA UNK A 81 16.25 46.49 -0.96
C UNK A 81 15.78 47.51 -2.02
N UNK A 82 15.45 47.01 -3.21
CA UNK A 82 14.94 47.86 -4.30
C UNK A 82 13.56 48.46 -4.02
N UNK A 83 12.74 47.77 -3.22
CA UNK A 83 11.43 48.29 -2.79
C UNK A 83 11.59 49.51 -1.88
N UNK A 84 12.47 49.39 -0.89
CA UNK A 84 12.83 50.51 -0.01
C UNK A 84 13.59 51.60 -0.77
N UNK A 85 14.43 51.20 -1.73
CA UNK A 85 15.13 52.15 -2.61
C UNK A 85 14.17 52.92 -3.53
N UNK A 86 13.08 52.27 -3.95
CA UNK A 86 12.01 52.92 -4.71
C UNK A 86 11.22 53.90 -3.83
N UNK A 87 10.98 53.50 -2.58
CA UNK A 87 10.36 54.38 -1.58
C UNK A 87 11.26 55.56 -1.17
N UNK A 88 12.58 55.35 -1.23
CA UNK A 88 13.56 56.40 -0.91
C UNK A 88 13.57 57.60 -1.88
N UNK A 89 13.01 57.42 -3.09
CA UNK A 89 12.88 58.51 -4.07
C UNK A 89 11.55 59.26 -3.92
N UNK A 90 11.27 59.73 -2.71
CA UNK A 90 10.09 60.55 -2.41
C UNK A 90 10.45 62.03 -2.20
N UNK A 91 11.75 62.36 -2.26
CA UNK A 91 12.23 63.74 -2.09
C UNK A 91 12.39 64.51 -3.41
N UNK A 92 11.93 63.90 -4.52
CA UNK A 92 11.94 64.56 -5.83
C UNK A 92 10.94 65.73 -5.93
N UNK A 93 9.88 65.68 -5.12
CA UNK A 93 8.87 66.75 -5.06
C UNK A 93 9.42 68.10 -4.58
N UNK A 94 10.44 68.06 -3.72
CA UNK A 94 11.12 69.27 -3.24
C UNK A 94 11.86 69.97 -4.39
N UNK A 95 12.68 69.20 -5.11
CA UNK A 95 13.40 69.70 -6.28
C UNK A 95 12.49 69.74 -7.49
N UNK A 96 28.32 70.29 -4.44
CA UNK A 96 28.25 68.90 -4.88
C UNK A 96 27.04 68.08 -4.38
N UNK A 97 26.19 68.64 -3.52
CA UNK A 97 24.96 67.97 -3.05
C UNK A 97 23.97 67.71 -4.20
N UNK A 98 23.94 68.61 -5.19
CA UNK A 98 23.14 68.41 -6.40
C UNK A 98 23.64 67.21 -7.21
N UNK A 99 24.97 67.09 -7.32
CA UNK A 99 25.59 65.93 -7.95
C UNK A 99 25.36 64.65 -7.15
N UNK A 100 25.42 64.77 -5.82
CA UNK A 100 25.09 63.67 -4.91
C UNK A 100 23.62 63.21 -5.04
N UNK A 101 22.71 64.17 -5.22
CA UNK A 101 21.29 63.87 -5.42
C UNK A 101 21.03 63.14 -6.74
N UNK A 102 21.58 63.68 -7.83
CA UNK A 102 21.48 63.06 -9.16
C UNK A 102 22.17 61.70 -9.21
N UNK A 103 23.34 61.60 -8.58
CA UNK A 103 24.07 60.32 -8.46
C UNK A 103 23.34 59.31 -7.56
N UNK A 104 22.65 59.81 -6.53
CA UNK A 104 21.77 58.95 -5.70
C UNK A 104 20.56 58.47 -6.51
N UNK A 105 20.00 59.34 -7.34
CA UNK A 105 18.94 58.94 -8.28
C UNK A 105 19.44 57.94 -9.32
N UNK A 106 20.67 58.12 -9.80
CA UNK A 106 21.33 57.16 -10.69
C UNK A 106 21.59 55.82 -9.99
N UNK A 107 21.98 55.88 -8.71
CA UNK A 107 22.16 54.68 -7.88
C UNK A 107 20.85 53.96 -7.60
N UNK A 108 19.77 54.73 -7.39
CA UNK A 108 18.42 54.19 -7.24
C UNK A 108 17.93 53.48 -8.49
N UNK A 109 18.23 54.07 -9.66
CA UNK A 109 17.95 53.44 -10.96
C UNK A 109 18.82 52.20 -11.19
N UNK A 110 20.09 52.30 -10.83
CA UNK A 110 21.05 51.19 -10.94
C UNK A 110 20.66 49.96 -10.13
N UNK A 111 20.10 50.19 -8.94
CA UNK A 111 19.58 49.11 -8.08
C UNK A 111 18.38 48.39 -8.72
N UNK A 112 17.50 49.14 -9.37
CA UNK A 112 16.35 48.58 -10.09
C UNK A 112 16.80 47.75 -11.30
N UNK A 113 17.78 48.28 -12.05
CA UNK A 113 18.40 47.53 -13.15
C UNK A 113 19.15 46.30 -12.66
N UNK A 114 19.82 46.41 -11.51
CA UNK A 114 20.53 45.28 -10.89
C UNK A 114 19.57 44.19 -10.40
N UNK A 115 18.48 44.60 -9.75
CA UNK A 115 17.43 43.68 -9.32
C UNK A 115 16.68 43.05 -10.51
N UNK A 116 16.42 43.86 -11.54
CA UNK A 116 15.85 43.37 -12.80
C UNK A 116 16.79 42.40 -13.52
N UNK A 117 18.10 42.66 -13.45
CA UNK A 117 19.11 41.75 -13.98
C UNK A 117 19.22 40.46 -13.14
N UNK A 118 19.09 40.59 -11.82
CA UNK A 118 19.09 39.44 -10.91
C UNK A 118 17.89 38.50 -11.12
N UNK A 119 16.75 39.05 -11.53
CA UNK A 119 15.56 38.26 -11.86
C UNK A 119 15.77 37.35 -13.08
N UNK A 120 16.57 37.81 -14.04
CA UNK A 120 16.89 37.04 -15.24
C UNK A 120 17.81 35.86 -14.93
N ASN A 323 20.36 12.67 -19.89
CA ASN A 323 19.48 13.07 -20.99
C ASN A 323 18.19 12.25 -20.99
N ASP A 324 17.13 12.81 -20.41
CA ASP A 324 15.83 12.15 -20.30
C ASP A 324 14.99 12.35 -21.57
N PRO A 325 14.03 11.44 -21.83
CA PRO A 325 13.07 11.66 -22.92
C PRO A 325 12.01 12.73 -22.58
N ASN A 326 11.61 12.80 -21.31
CA ASN A 326 10.66 13.81 -20.85
C ASN A 326 10.91 14.11 -19.35
N PRO A 327 11.78 15.09 -19.04
CA PRO A 327 12.15 15.38 -17.65
C PRO A 327 11.14 16.28 -16.93
N CYS A 328 11.40 16.51 -15.64
CA CYS A 328 10.55 17.35 -14.80
C CYS A 328 10.78 18.84 -15.13
N PRO A 329 9.70 19.59 -15.44
CA PRO A 329 9.86 21.05 -15.67
C PRO A 329 10.19 21.89 -14.42
N GLU A 330 10.08 21.32 -13.22
CA GLU A 330 10.37 22.03 -11.97
C GLU A 330 11.83 22.47 -11.83
N SER A 331 12.76 21.65 -12.35
CA SER A 331 14.20 21.93 -12.25
C SER A 331 14.63 23.17 -13.04
N SER A 332 14.16 23.28 -14.29
CA SER A 332 14.49 24.41 -15.17
C SER A 332 13.69 25.70 -14.91
N ALA A 333 12.70 25.64 -14.02
CA ALA A 333 11.78 26.76 -13.78
C ALA A 333 12.43 27.94 -13.05
N SER A 334 11.86 29.13 -13.27
CA SER A 334 12.31 30.37 -12.64
C SER A 334 11.74 30.51 -11.23
N PHE A 335 12.05 31.63 -10.56
CA PHE A 335 11.57 31.89 -9.19
C PHE A 335 10.05 32.12 -9.13
N LEU A 336 9.50 32.81 -10.12
CA LEU A 336 8.05 33.00 -10.25
C LEU A 336 7.32 31.66 -10.44
N SER A 337 7.83 30.84 -11.36
CA SER A 337 7.23 29.55 -11.67
C SER A 337 7.34 28.53 -10.53
N ARG A 338 8.44 28.56 -9.78
CA ARG A 338 8.60 27.68 -8.61
C ARG A 338 7.76 28.12 -7.40
N ILE A 339 7.58 29.42 -7.21
CA ILE A 339 6.83 29.95 -6.06
C ILE A 339 5.30 29.93 -6.25
N THR A 340 4.83 30.14 -7.49
CA THR A 340 3.40 30.10 -7.81
C THR A 340 2.90 28.80 -8.46
N PHE A 341 3.83 27.88 -8.78
CA PHE A 341 3.53 26.59 -9.44
C PHE A 341 2.91 26.74 -10.83
N TRP A 342 3.52 27.55 -11.68
CA TRP A 342 3.04 27.79 -13.04
C TRP A 342 3.31 26.62 -13.98
N TRP A 343 4.52 26.05 -13.89
CA TRP A 343 4.97 24.94 -14.76
C TRP A 343 4.00 23.75 -14.94
N ILE A 344 3.20 23.45 -13.92
CA ILE A 344 2.19 22.38 -14.04
C ILE A 344 1.04 22.71 -15.00
N THR A 345 0.73 24.01 -15.17
CA THR A 345 -0.41 24.48 -16.01
C THR A 345 -0.54 23.75 -17.35
N GLY A 346 0.60 23.55 -18.02
CA GLY A 346 0.65 22.84 -19.30
C GLY A 346 0.02 21.45 -19.29
N MET A 347 0.14 20.75 -18.17
CA MET A 347 -0.50 19.43 -18.00
C MET A 347 -2.02 19.54 -17.90
N MET A 348 -2.50 20.52 -17.13
CA MET A 348 -3.94 20.64 -16.82
C MET A 348 -4.78 21.07 -18.01
N VAL A 349 -4.26 22.01 -18.82
CA VAL A 349 -4.91 22.41 -20.08
C VAL A 349 -4.98 21.26 -21.09
N GLN A 350 -3.95 20.41 -21.09
CA GLN A 350 -3.96 19.18 -21.88
C GLN A 350 -4.95 18.16 -21.33
N GLY A 351 -5.00 18.05 -20.00
CA GLY A 351 -5.93 17.16 -19.30
C GLY A 351 -7.38 17.63 -19.19
N TYR A 352 -7.65 18.87 -19.56
CA TYR A 352 -9.03 19.39 -19.60
C TYR A 352 -9.81 18.86 -20.82
N ARG A 353 -9.18 18.90 -21.99
CA ARG A 353 -9.82 18.44 -23.24
C ARG A 353 -9.99 16.92 -23.32
N GLN A 354 -8.94 16.19 -22.93
CA GLN A 354 -8.89 14.74 -22.99
C GLN A 354 -8.56 14.19 -21.61
N PRO A 355 -8.99 12.94 -21.31
CA PRO A 355 -8.59 12.32 -20.05
C PRO A 355 -7.12 11.89 -20.10
N LEU A 356 -6.38 12.17 -19.02
CA LEU A 356 -4.94 11.89 -18.97
C LEU A 356 -4.64 10.39 -19.00
N GLU A 357 -3.42 10.07 -19.41
CA GLU A 357 -2.95 8.69 -19.53
C GLU A 357 -1.58 8.56 -18.88
N SER A 358 -1.20 7.33 -18.51
CA SER A 358 0.10 7.06 -17.88
C SER A 358 1.33 7.35 -18.76
N THR A 359 1.14 7.42 -20.08
CA THR A 359 2.21 7.71 -21.04
C THR A 359 2.82 9.10 -20.86
N ASP A 360 1.98 10.13 -20.77
CA ASP A 360 2.42 11.54 -20.77
C ASP A 360 2.68 12.15 -19.36
N LEU A 361 3.21 11.33 -18.44
CA LEU A 361 3.68 11.81 -17.13
C LEU A 361 5.18 12.09 -17.18
N TRP A 362 5.64 13.03 -16.36
CA TRP A 362 7.05 13.35 -16.25
C TRP A 362 7.79 12.31 -15.42
N SER A 363 9.06 12.08 -15.74
CA SER A 363 9.96 11.33 -14.86
C SER A 363 10.32 12.21 -13.68
N LEU A 364 10.63 11.59 -12.54
CA LEU A 364 10.92 12.31 -11.31
C LEU A 364 12.34 12.90 -11.32
N ASN A 365 12.60 13.74 -10.31
CA ASN A 365 13.95 14.28 -10.08
C ASN A 365 14.86 13.18 -9.55
N LYS A 366 16.17 13.44 -9.62
CA LYS A 366 17.18 12.47 -9.17
C LYS A 366 17.09 12.24 -7.66
N GLU A 367 16.84 13.32 -6.92
CA GLU A 367 16.67 13.24 -5.46
C GLU A 367 15.44 12.44 -5.00
N ASP A 368 14.35 12.50 -5.79
CA ASP A 368 13.12 11.75 -5.51
C ASP A 368 13.09 10.42 -6.30
N THR A 369 14.04 9.55 -5.99
CA THR A 369 14.12 8.21 -6.60
C THR A 369 14.73 7.24 -5.59
N SER A 370 14.21 6.01 -5.57
CA SER A 370 14.57 4.98 -4.58
C SER A 370 16.07 4.76 -4.42
N GLU A 371 16.81 4.86 -5.54
CA GLU A 371 18.28 4.73 -5.54
C GLU A 371 18.99 5.79 -4.69
N GLN A 372 18.40 6.99 -4.57
CA GLN A 372 18.95 8.04 -3.70
C GLN A 372 18.32 8.06 -2.30
N VAL A 373 17.03 7.75 -2.21
CA VAL A 373 16.29 7.86 -0.94
C VAL A 373 16.59 6.69 0.01
N VAL A 374 16.57 5.46 -0.51
CA VAL A 374 16.62 4.26 0.35
C VAL A 374 18.01 4.00 0.99
N PRO A 375 19.09 3.96 0.17
CA PRO A 375 20.44 3.70 0.72
C PRO A 375 20.85 4.56 1.91
N VAL A 376 20.37 5.81 1.95
CA VAL A 376 20.62 6.71 3.08
C VAL A 376 19.97 6.17 4.37
N LEU A 377 18.75 5.64 4.26
CA LEU A 377 18.04 5.11 5.44
C LEU A 377 18.70 3.84 5.98
N VAL A 378 19.00 2.90 5.09
CA VAL A 378 19.65 1.65 5.51
C VAL A 378 21.07 1.89 6.04
N LYS A 379 21.78 2.88 5.50
CA LYS A 379 23.10 3.29 6.03
C LYS A 379 23.00 3.80 7.47
N ASN A 380 22.12 4.78 7.68
CA ASN A 380 21.91 5.38 9.01
C ASN A 380 21.35 4.36 10.00
N TRP A 381 20.42 3.52 9.55
CA TRP A 381 19.89 2.41 10.37
C TRP A 381 20.97 1.38 10.72
N LYS A 382 21.80 1.02 9.74
CA LYS A 382 22.91 0.09 9.95
C LYS A 382 23.88 0.59 11.03
N LYS A 383 24.30 1.85 10.91
CA LYS A 383 25.21 2.46 11.90
C LYS A 383 24.57 2.61 13.28
N GLU A 384 23.35 3.15 13.32
CA GLU A 384 22.63 3.38 14.58
C GLU A 384 22.26 2.07 15.29
N CYS A 385 21.87 1.05 14.53
CA CYS A 385 21.59 -0.28 15.08
C CYS A 385 22.88 -0.98 15.54
N ALA A 386 23.94 -0.86 14.74
CA ALA A 386 25.26 -1.43 15.09
C ALA A 386 25.96 -0.69 16.25
N LYS A 387 25.58 0.56 16.51
CA LYS A 387 26.14 1.34 17.63
C LYS A 387 25.93 0.64 18.98
N SER A 388 24.66 0.40 19.32
CA SER A 388 24.28 -0.22 20.60
C SER A 388 24.20 -1.73 20.45
N PRO A 431 18.77 -1.30 23.66
CA PRO A 431 17.74 -1.38 22.63
C PRO A 431 18.06 -0.51 21.41
N SER A 432 17.34 -0.77 20.30
CA SER A 432 17.51 -0.02 19.05
C SER A 432 16.37 0.99 18.90
N LEU A 433 16.72 2.27 18.78
CA LEU A 433 15.75 3.36 18.71
C LEU A 433 15.53 3.81 17.25
N PHE A 434 14.26 4.00 16.88
CA PHE A 434 13.85 4.29 15.50
C PHE A 434 13.38 5.73 15.26
N LYS A 435 12.86 6.39 16.29
CA LYS A 435 12.50 7.82 16.23
C LYS A 435 13.72 8.71 15.96
N VAL A 436 14.86 8.35 16.56
CA VAL A 436 16.13 9.06 16.35
C VAL A 436 16.64 8.98 14.90
N LEU A 437 16.28 7.91 14.19
CA LEU A 437 16.64 7.76 12.77
C LEU A 437 16.01 8.82 11.85
N TYR A 438 14.88 9.40 12.26
CA TYR A 438 14.23 10.49 11.49
C TYR A 438 14.83 11.90 11.72
N LYS A 439 16.13 11.95 11.98
CA LYS A 439 16.95 13.13 11.68
C LYS A 439 17.58 13.02 10.28
N THR A 440 17.26 11.95 9.56
CA THR A 440 17.63 11.80 8.15
C THR A 440 16.84 12.76 7.25
N PHE A 441 15.52 12.76 7.41
CA PHE A 441 14.62 13.65 6.65
C PHE A 441 14.50 15.06 7.24
N GLY A 442 14.98 15.25 8.47
CA GLY A 442 14.96 16.55 9.16
C GLY A 442 15.55 17.74 8.41
N PRO A 443 16.81 17.62 7.94
CA PRO A 443 17.51 18.67 7.18
C PRO A 443 16.67 19.34 6.09
N TYR A 444 15.95 18.55 5.30
CA TYR A 444 15.01 19.08 4.30
C TYR A 444 13.77 19.68 4.97
N PHE A 445 13.27 18.98 5.99
CA PHE A 445 12.03 19.35 6.69
C PHE A 445 12.09 20.61 7.58
N LEU A 446 13.30 21.05 7.96
CA LEU A 446 13.45 22.17 8.93
C LEU A 446 12.99 23.56 8.45
N MET A 447 12.89 23.78 7.14
CA MET A 447 12.39 25.06 6.60
C MET A 447 10.92 25.35 6.94
N SER A 448 10.15 24.28 7.21
CA SER A 448 8.76 24.35 7.68
C SER A 448 8.51 25.36 8.82
N PHE A 449 9.45 25.48 9.76
CA PHE A 449 9.32 26.42 10.88
C PHE A 449 9.25 27.87 10.39
N LEU A 450 10.18 28.24 9.50
CA LEU A 450 10.26 29.60 8.95
C LEU A 450 8.99 30.00 8.21
N PHE A 451 8.52 29.13 7.32
CA PHE A 451 7.28 29.37 6.56
C PHE A 451 6.06 29.47 7.47
N LYS A 452 5.91 28.52 8.40
CA LYS A 452 4.76 28.52 9.31
C LYS A 452 4.76 29.73 10.26
N ALA A 453 5.95 30.07 10.79
CA ALA A 453 6.11 31.23 11.67
C ALA A 453 5.74 32.55 10.97
N VAL A 454 6.19 32.73 9.72
CA VAL A 454 5.81 33.89 8.91
C VAL A 454 4.29 33.91 8.64
N HIS A 455 3.72 32.75 8.35
CA HIS A 455 2.27 32.61 8.15
C HIS A 455 1.47 32.96 9.40
N ASP A 456 1.95 32.52 10.56
CA ASP A 456 1.34 32.89 11.85
C ASP A 456 1.34 34.40 12.08
N LEU A 457 2.48 35.05 11.83
CA LEU A 457 2.58 36.51 11.97
C LEU A 457 1.66 37.28 11.00
N MET A 458 1.50 36.76 9.79
CA MET A 458 0.52 37.30 8.83
C MET A 458 -0.91 37.08 9.32
N MET A 459 -1.21 35.86 9.78
CA MET A 459 -2.54 35.53 10.34
C MET A 459 -2.99 36.51 11.42
N PHE A 460 -2.07 36.92 12.29
CA PHE A 460 -2.33 38.00 13.26
C PHE A 460 -2.46 39.38 12.59
N ALA A 461 -1.61 39.64 11.60
CA ALA A 461 -1.56 40.95 10.92
C ALA A 461 -2.82 41.34 10.14
N GLY A 462 -3.57 40.36 9.66
CA GLY A 462 -4.77 40.62 8.84
C GLY A 462 -5.89 41.37 9.56
N PRO A 463 -6.47 40.77 10.63
CA PRO A 463 -7.52 41.42 11.43
C PRO A 463 -7.15 42.81 12.00
N GLU A 464 -5.89 42.99 12.40
CA GLU A 464 -5.40 44.28 12.90
C GLU A 464 -5.45 45.39 11.85
N ILE A 465 -5.14 45.05 10.60
CA ILE A 465 -5.24 46.00 9.47
C ILE A 465 -6.71 46.34 9.20
N LEU A 466 -7.55 45.31 9.09
CA LEU A 466 -8.98 45.48 8.82
C LEU A 466 -9.71 46.23 9.94
N LYS A 467 -9.27 46.03 11.18
CA LYS A 467 -9.76 46.79 12.35
C LYS A 467 -9.53 48.29 12.19
N LEU A 468 -8.32 48.66 11.76
CA LEU A 468 -7.97 50.06 11.51
C LEU A 468 -8.76 50.64 10.34
N LEU A 469 -8.99 49.83 9.31
CA LEU A 469 -9.77 50.25 8.14
C LEU A 469 -11.25 50.44 8.46
N ILE A 470 -11.87 49.44 9.11
CA ILE A 470 -13.29 49.55 9.49
C ILE A 470 -13.55 50.70 10.47
N ASN A 471 -12.57 50.97 11.34
CA ASN A 471 -12.59 52.14 12.22
C ASN A 471 -12.40 53.44 11.43
N PHE A 472 -11.44 53.43 10.50
CA PHE A 472 -11.18 54.55 9.59
C PHE A 472 -12.39 54.93 8.72
N VAL A 473 -13.16 53.92 8.29
CA VAL A 473 -14.33 54.12 7.42
C VAL A 473 -15.44 54.94 8.11
N ASN A 474 -15.69 54.64 9.39
CA ASN A 474 -16.71 55.35 10.17
C ASN A 474 -16.42 56.84 10.32
N ASP A 475 -15.16 57.18 10.65
CA ASP A 475 -14.75 58.55 10.92
C ASP A 475 -14.39 59.32 9.64
N LYS A 476 -15.07 60.45 9.41
CA LYS A 476 -14.83 61.29 8.23
C LYS A 476 -13.78 62.40 8.43
N LYS A 477 -13.26 62.55 9.66
CA LYS A 477 -12.24 63.56 9.95
C LYS A 477 -10.87 63.21 9.36
N ALA A 478 -10.60 61.93 9.12
CA ALA A 478 -9.30 61.47 8.63
C ALA A 478 -9.06 61.82 7.15
N PRO A 479 -7.78 61.78 6.69
CA PRO A 479 -7.47 62.05 5.28
C PRO A 479 -7.93 60.94 4.33
N GLU A 480 -8.08 61.26 3.04
CA GLU A 480 -8.62 60.33 2.04
C GLU A 480 -7.67 59.17 1.70
N TRP A 481 -6.42 59.49 1.41
CA TRP A 481 -5.38 58.51 1.02
C TRP A 481 -5.16 57.35 2.00
N GLN A 482 -5.19 57.64 3.31
CA GLN A 482 -4.91 56.65 4.36
C GLN A 482 -5.71 55.34 4.21
N GLY A 483 -6.92 55.45 3.67
CA GLY A 483 -7.71 54.30 3.24
C GLY A 483 -7.03 53.47 2.16
N TYR A 484 -6.47 54.14 1.14
CA TYR A 484 -5.74 53.45 0.07
C TYR A 484 -4.50 52.73 0.60
N PHE A 485 -3.86 53.33 1.60
CA PHE A 485 -2.72 52.72 2.29
C PHE A 485 -3.12 51.43 3.03
N TYR A 486 -4.27 51.47 3.72
CA TYR A 486 -4.79 50.27 4.41
C TYR A 486 -5.22 49.15 3.46
N THR A 487 -5.82 49.49 2.33
CA THR A 487 -6.22 48.49 1.32
C THR A 487 -5.02 47.82 0.66
N ALA A 488 -3.98 48.60 0.36
CA ALA A 488 -2.73 48.09 -0.22
C ALA A 488 -1.97 47.18 0.76
N LEU A 489 -1.93 47.60 2.02
CA LEU A 489 -1.28 46.81 3.08
C LEU A 489 -2.00 45.49 3.34
N LEU A 490 -3.34 45.53 3.33
CA LEU A 490 -4.17 44.32 3.48
C LEU A 490 -3.97 43.31 2.34
N PHE A 491 -4.01 43.81 1.10
CA PHE A 491 -3.82 42.98 -0.09
C PHE A 491 -2.44 42.32 -0.17
N ILE A 492 -1.39 43.09 0.15
CA ILE A 492 -0.01 42.58 0.18
C ILE A 492 0.19 41.52 1.27
N SER A 493 -0.39 41.74 2.45
CA SER A 493 -0.30 40.79 3.57
C SER A 493 -0.96 39.44 3.26
N ALA A 494 -2.13 39.49 2.64
CA ALA A 494 -2.86 38.27 2.24
C ALA A 494 -2.16 37.50 1.11
N CYS A 495 -1.59 38.22 0.15
CA CYS A 495 -0.82 37.61 -0.94
C CYS A 495 0.44 36.90 -0.44
N LEU A 496 1.13 37.52 0.52
CA LEU A 496 2.32 36.92 1.15
C LEU A 496 1.99 35.66 1.94
N GLN A 497 0.90 35.69 2.72
CA GLN A 497 0.49 34.50 3.51
C GLN A 497 0.03 33.33 2.63
N THR A 498 -0.56 33.62 1.47
CA THR A 498 -0.92 32.60 0.48
C THR A 498 0.31 31.86 -0.02
N LEU A 499 1.28 32.62 -0.53
CA LEU A 499 2.53 32.05 -1.09
C LEU A 499 3.33 31.29 -0.02
N VAL A 500 3.52 31.92 1.13
CA VAL A 500 4.27 31.34 2.25
C VAL A 500 3.63 30.06 2.79
N LEU A 501 2.29 30.04 2.87
CA LEU A 501 1.55 28.86 3.37
C LEU A 501 1.71 27.64 2.47
N HIS A 502 1.57 27.82 1.16
CA HIS A 502 1.62 26.70 0.22
C HIS A 502 3.03 26.21 -0.09
N GLN A 503 4.05 27.03 0.21
CA GLN A 503 5.42 26.54 0.27
C GLN A 503 5.61 25.55 1.43
N TYR A 504 4.95 25.84 2.56
CA TYR A 504 4.95 24.96 3.75
C TYR A 504 4.20 23.64 3.53
N PHE A 505 3.03 23.71 2.88
CA PHE A 505 2.28 22.49 2.52
C PHE A 505 3.00 21.63 1.48
N HIS A 506 3.64 22.29 0.51
CA HIS A 506 4.37 21.57 -0.55
C HIS A 506 5.58 20.81 0.00
N ILE A 507 6.35 21.46 0.86
CA ILE A 507 7.51 20.82 1.50
C ILE A 507 7.12 19.69 2.48
N CYS A 508 5.94 19.80 3.09
CA CYS A 508 5.38 18.73 3.93
C CYS A 508 5.02 17.47 3.13
N PHE A 509 4.25 17.63 2.05
CA PHE A 509 3.82 16.50 1.21
C PHE A 509 4.97 15.83 0.46
N VAL A 510 5.93 16.63 -0.04
CA VAL A 510 7.15 16.09 -0.68
C VAL A 510 7.98 15.29 0.32
N SER A 511 8.06 15.76 1.57
CA SER A 511 8.75 15.01 2.64
C SER A 511 8.05 13.69 2.93
N GLY A 512 6.72 13.71 2.98
CA GLY A 512 5.91 12.51 3.15
C GLY A 512 6.09 11.49 2.04
N MET A 513 6.19 11.98 0.81
CA MET A 513 6.44 11.15 -0.38
C MET A 513 7.75 10.36 -0.25
N ARG A 514 8.79 11.03 0.23
CA ARG A 514 10.10 10.40 0.46
C ARG A 514 10.10 9.38 1.61
N ILE A 515 9.26 9.62 2.63
CA ILE A 515 9.09 8.65 3.72
C ILE A 515 8.48 7.35 3.20
N LYS A 516 7.52 7.45 2.28
CA LYS A 516 6.87 6.26 1.70
C LYS A 516 7.85 5.41 0.88
N THR A 517 8.63 6.08 0.02
CA THR A 517 9.62 5.40 -0.84
C THR A 517 10.68 4.68 0.00
N ALA A 518 11.08 5.32 1.09
CA ALA A 518 12.07 4.77 2.03
C ALA A 518 11.54 3.53 2.77
N VAL A 519 10.29 3.61 3.26
CA VAL A 519 9.64 2.50 3.99
C VAL A 519 9.49 1.25 3.12
N ILE A 520 8.88 1.39 1.94
CA ILE A 520 8.62 0.26 1.04
C ILE A 520 9.92 -0.42 0.60
N GLY A 521 10.92 0.37 0.22
CA GLY A 521 12.25 -0.13 -0.14
C GLY A 521 12.98 -0.84 0.99
N ALA A 522 12.79 -0.35 2.22
CA ALA A 522 13.42 -0.95 3.41
C ALA A 522 12.80 -2.30 3.76
N VAL A 523 11.47 -2.35 3.78
CA VAL A 523 10.71 -3.57 4.07
C VAL A 523 11.02 -4.68 3.05
N TYR A 524 11.13 -4.30 1.77
CA TYR A 524 11.48 -5.23 0.69
C TYR A 524 12.92 -5.76 0.80
N ARG A 525 13.85 -4.85 1.08
CA ARG A 525 15.26 -5.22 1.33
C ARG A 525 15.43 -6.10 2.56
N LYS A 526 14.65 -5.81 3.61
CA LYS A 526 14.66 -6.61 4.85
C LYS A 526 14.07 -8.02 4.66
N ALA A 527 13.05 -8.13 3.80
CA ALA A 527 12.34 -9.40 3.57
C ALA A 527 13.19 -10.51 2.94
N LEU A 528 14.19 -10.13 2.14
CA LEU A 528 15.11 -11.11 1.51
C LEU A 528 16.18 -11.68 2.46
N VAL A 529 16.43 -11.01 3.58
CA VAL A 529 17.47 -11.40 4.55
C VAL A 529 16.90 -12.14 5.79
N ILE A 530 15.65 -11.87 6.16
CA ILE A 530 15.04 -12.38 7.39
C ILE A 530 15.07 -13.91 7.52
N THR A 531 15.24 -14.39 8.76
CA THR A 531 15.30 -15.81 9.07
C THR A 531 13.90 -16.43 9.09
N ASN A 532 13.85 -17.75 8.90
CA ASN A 532 12.58 -18.47 8.81
C ASN A 532 11.81 -18.53 10.14
N ALA A 533 12.55 -18.56 11.26
CA ALA A 533 11.94 -18.50 12.59
C ALA A 533 11.18 -17.18 12.82
N ALA A 534 11.78 -16.07 12.36
CA ALA A 534 11.14 -14.75 12.40
C ALA A 534 10.05 -14.59 11.33
N ARG A 535 10.30 -15.18 10.15
CA ARG A 535 9.34 -15.20 9.04
C ARG A 535 7.99 -15.86 9.40
N LYS A 536 8.01 -16.86 10.27
CA LYS A 536 6.78 -17.50 10.76
C LYS A 536 5.97 -16.58 11.68
N SER A 537 6.66 -15.87 12.57
CA SER A 537 6.02 -14.93 13.49
C SER A 537 5.52 -13.69 12.75
N SER A 538 6.42 -13.02 12.03
CA SER A 538 6.07 -11.88 11.19
C SER A 538 5.51 -12.37 9.84
N THR A 539 4.19 -12.47 9.76
CA THR A 539 3.51 -13.13 8.63
C THR A 539 3.48 -12.26 7.37
N VAL A 540 3.02 -12.84 6.27
CA VAL A 540 2.87 -12.12 4.98
C VAL A 540 1.97 -10.89 5.11
N GLY A 541 0.91 -10.99 5.92
CA GLY A 541 -0.03 -9.90 6.15
C GLY A 541 0.60 -8.63 6.71
N GLU A 542 1.49 -8.81 7.70
CA GLU A 542 2.23 -7.70 8.30
C GLU A 542 3.10 -6.95 7.28
N ILE A 543 3.74 -7.70 6.37
CA ILE A 543 4.56 -7.11 5.31
C ILE A 543 3.70 -6.29 4.32
N VAL A 544 2.57 -6.87 3.90
CA VAL A 544 1.62 -6.18 3.01
C VAL A 544 1.01 -4.94 3.70
N ASN A 545 0.74 -5.07 5.00
CA ASN A 545 0.18 -3.98 5.81
C ASN A 545 1.20 -2.85 6.02
N LEU A 546 2.45 -3.23 6.30
CA LEU A 546 3.57 -2.27 6.45
C LEU A 546 3.75 -1.35 5.24
N MET A 547 3.70 -1.92 4.03
CA MET A 547 3.82 -1.14 2.80
C MET A 547 2.58 -0.30 2.48
N SER A 548 1.39 -0.85 2.73
CA SER A 548 0.13 -0.20 2.36
C SER A 548 -0.32 0.89 3.35
N VAL A 549 -0.71 0.49 4.56
CA VAL A 549 -1.36 1.39 5.51
C VAL A 549 -0.37 2.24 6.30
N ASP A 550 0.68 1.61 6.85
CA ASP A 550 1.63 2.27 7.76
C ASP A 550 2.42 3.43 7.12
N ALA A 551 2.79 3.27 5.85
CA ALA A 551 3.40 4.36 5.07
C ALA A 551 2.46 5.57 4.96
N GLN A 552 1.17 5.31 4.74
CA GLN A 552 0.14 6.35 4.68
C GLN A 552 -0.04 7.08 6.02
N ARG A 553 0.10 6.33 7.12
CA ARG A 553 0.04 6.91 8.47
C ARG A 553 1.19 7.87 8.77
N PHE A 554 2.38 7.57 8.23
CA PHE A 554 3.52 8.52 8.31
C PHE A 554 3.27 9.78 7.48
N MET A 555 2.79 9.61 6.25
CA MET A 555 2.47 10.74 5.36
C MET A 555 1.46 11.72 5.96
N ASP A 556 0.45 11.20 6.66
CA ASP A 556 -0.51 12.04 7.40
C ASP A 556 0.13 12.80 8.57
N LEU A 557 1.10 12.16 9.25
CA LEU A 557 1.83 12.80 10.35
C LEU A 557 2.63 14.02 9.88
N ALA A 558 3.26 13.91 8.70
CA ALA A 558 4.10 14.99 8.15
C ALA A 558 3.38 16.34 7.97
N THR A 559 2.08 16.30 7.71
CA THR A 559 1.24 17.51 7.64
C THR A 559 1.06 18.17 9.02
N TYR A 560 0.62 17.36 9.99
CA TYR A 560 0.19 17.86 11.32
C TYR A 560 1.27 17.90 12.40
N ILE A 561 2.45 17.32 12.15
CA ILE A 561 3.54 17.30 13.15
C ILE A 561 4.05 18.70 13.52
N ASN A 562 4.02 19.61 12.56
CA ASN A 562 4.44 21.00 12.75
C ASN A 562 3.47 21.84 13.61
N MET A 563 2.21 21.40 13.73
CA MET A 563 1.19 22.11 14.54
C MET A 563 1.41 22.05 16.05
N ILE A 564 2.20 21.07 16.52
CA ILE A 564 2.41 20.83 17.97
C ILE A 564 2.94 22.06 18.74
N TRP A 565 3.78 22.87 18.10
CA TRP A 565 4.23 24.17 18.65
C TRP A 565 3.40 25.35 18.14
N SER A 566 2.96 25.27 16.88
CA SER A 566 2.20 26.35 16.23
C SER A 566 0.87 26.65 16.91
N ALA A 567 0.21 25.63 17.47
CA ALA A 567 -1.04 25.85 18.21
C ALA A 567 -0.83 26.53 19.57
N PRO A 568 0.13 26.04 20.40
CA PRO A 568 0.55 26.78 21.58
C PRO A 568 1.00 28.23 21.33
N LEU A 569 1.82 28.44 20.30
CA LEU A 569 2.27 29.78 19.92
C LEU A 569 1.10 30.70 19.54
N GLN A 570 0.17 30.15 18.76
CA GLN A 570 -1.07 30.84 18.37
C GLN A 570 -1.93 31.18 19.59
N VAL A 571 -2.15 30.19 20.46
CA VAL A 571 -2.93 30.38 21.69
C VAL A 571 -2.28 31.42 22.62
N ILE A 572 -0.99 31.26 22.89
CA ILE A 572 -0.25 32.15 23.81
C ILE A 572 -0.28 33.62 23.34
N LEU A 573 0.04 33.84 22.06
CA LEU A 573 0.09 35.20 21.52
C LEU A 573 -1.29 35.84 21.37
N ALA A 574 -2.28 35.04 20.98
CA ALA A 574 -3.69 35.49 20.94
C ALA A 574 -4.23 35.79 22.34
N LEU A 575 -3.83 35.00 23.33
CA LEU A 575 -4.19 35.24 24.72
C LEU A 575 -3.44 36.43 25.32
N TYR A 576 -2.22 36.67 24.85
CA TYR A 576 -1.45 37.87 25.23
C TYR A 576 -2.08 39.19 24.75
N LEU A 577 -2.84 39.15 23.65
CA LEU A 577 -3.68 40.29 23.25
C LEU A 577 -4.82 40.52 24.25
N LEU A 578 -5.40 39.44 24.75
CA LEU A 578 -6.38 39.51 25.86
C LEU A 578 -5.75 39.91 27.20
N TRP A 579 -4.46 39.59 27.40
CA TRP A 579 -3.69 40.12 28.53
C TRP A 579 -3.53 41.65 28.44
N LEU A 580 -3.19 42.14 27.25
CA LEU A 580 -3.09 43.59 27.01
C LEU A 580 -4.45 44.29 27.04
N ASN A 581 -5.49 43.62 26.54
CA ASN A 581 -6.84 44.19 26.52
C ASN A 581 -7.49 44.18 27.91
N LEU A 582 -7.53 43.01 28.54
CA LEU A 582 -8.14 42.81 29.85
C LEU A 582 -7.13 42.58 31.00
N GLY A 583 -5.95 43.20 30.90
CA GLY A 583 -4.99 43.25 32.01
C GLY A 583 -4.54 41.90 32.55
N PRO A 584 -4.18 41.83 33.84
CA PRO A 584 -3.88 40.56 34.51
C PRO A 584 -5.10 39.92 35.17
N SER A 585 -6.18 39.79 34.41
CA SER A 585 -7.41 39.12 34.84
C SER A 585 -7.68 37.84 34.04
N VAL A 586 -6.69 37.41 33.25
CA VAL A 586 -6.82 36.24 32.36
C VAL A 586 -6.32 34.96 33.05
N LEU A 587 -5.59 35.10 34.16
CA LEU A 587 -4.96 33.97 34.88
C LEU A 587 -5.84 32.74 35.12
N ALA A 588 -7.13 32.97 35.34
CA ALA A 588 -8.10 31.88 35.51
C ALA A 588 -8.34 31.11 34.21
N GLY A 589 -8.51 31.84 33.11
CA GLY A 589 -8.83 31.25 31.80
C GLY A 589 -7.79 30.29 31.24
N VAL A 590 -6.52 30.72 31.25
CA VAL A 590 -5.39 29.87 30.85
C VAL A 590 -5.24 28.64 31.75
N ALA A 591 -5.53 28.80 33.04
CA ALA A 591 -5.44 27.72 34.02
C ALA A 591 -6.50 26.62 33.84
N VAL A 592 -7.64 26.94 33.23
CA VAL A 592 -8.69 25.93 32.97
C VAL A 592 -8.27 24.97 31.86
N MET A 593 -7.75 25.51 30.76
CA MET A 593 -7.35 24.72 29.59
C MET A 593 -6.31 23.65 29.94
N VAL A 594 -5.26 24.07 30.64
CA VAL A 594 -4.21 23.18 31.14
C VAL A 594 -4.78 22.07 32.04
N LEU A 595 -5.82 22.37 32.82
CA LEU A 595 -6.52 21.35 33.62
C LEU A 595 -7.31 20.36 32.76
N MET A 596 -7.82 20.82 31.60
CA MET A 596 -8.52 19.95 30.66
C MET A 596 -7.59 18.97 29.93
N VAL A 597 -6.42 19.44 29.50
CA VAL A 597 -5.46 18.65 28.70
C VAL A 597 -5.31 17.17 29.14
N PRO A 598 -5.08 16.91 30.44
CA PRO A 598 -5.00 15.52 30.94
C PRO A 598 -6.16 14.58 30.56
N LEU A 599 -7.37 15.12 30.41
CA LEU A 599 -8.52 14.29 29.98
C LEU A 599 -8.30 13.70 28.59
N ASN A 600 -7.87 14.55 27.65
CA ASN A 600 -7.54 14.13 26.28
C ASN A 600 -6.31 13.22 26.24
N ALA A 601 -5.36 13.48 27.14
CA ALA A 601 -4.15 12.65 27.28
C ALA A 601 -4.46 11.22 27.73
N VAL A 602 -5.41 11.06 28.66
CA VAL A 602 -5.86 9.73 29.09
C VAL A 602 -6.62 9.06 27.95
N MET A 603 -7.57 9.78 27.36
CA MET A 603 -8.36 9.28 26.22
C MET A 603 -7.50 8.89 25.01
N ALA A 604 -6.38 9.59 24.82
CA ALA A 604 -5.38 9.23 23.81
C ALA A 604 -4.69 7.90 24.12
N MET A 605 -4.37 7.67 25.40
CA MET A 605 -3.77 6.39 25.84
C MET A 605 -4.74 5.21 25.70
N LYS A 606 -6.05 5.47 25.79
CA LYS A 606 -7.07 4.46 25.54
C LYS A 606 -7.15 4.10 24.05
N THR A 607 -7.21 5.11 23.18
CA THR A 607 -7.28 4.88 21.73
C THR A 607 -6.04 4.16 21.16
N LYS A 608 -4.88 4.39 21.78
CA LYS A 608 -3.65 3.68 21.42
C LYS A 608 -3.81 2.16 21.50
N THR A 609 -4.43 1.68 22.58
CA THR A 609 -4.66 0.24 22.76
C THR A 609 -5.66 -0.34 21.75
N TYR A 610 -6.66 0.47 21.38
CA TYR A 610 -7.58 0.12 20.29
C TYR A 610 -6.87 0.08 18.94
N GLN A 611 -6.04 1.07 18.64
CA GLN A 611 -5.27 1.09 17.39
C GLN A 611 -4.36 -0.13 17.21
N VAL A 612 -3.73 -0.59 18.30
CA VAL A 612 -2.88 -1.80 18.28
C VAL A 612 -3.70 -3.06 17.98
N ALA A 613 -4.84 -3.21 18.63
CA ALA A 613 -5.73 -4.38 18.43
C ALA A 613 -6.39 -4.37 17.05
N HIS A 614 -6.84 -3.19 16.63
CA HIS A 614 -7.36 -2.96 15.27
C HIS A 614 -6.38 -3.37 14.17
N MET A 615 -5.13 -2.95 14.33
CA MET A 615 -4.07 -3.20 13.34
C MET A 615 -3.65 -4.67 13.26
N LYS A 616 -3.59 -5.35 14.40
CA LYS A 616 -3.25 -6.78 14.46
C LYS A 616 -4.36 -7.67 13.87
N SER A 617 -5.61 -7.26 14.06
CA SER A 617 -6.77 -7.93 13.44
C SER A 617 -6.73 -7.82 11.91
N LYS A 618 -6.35 -6.64 11.42
CA LYS A 618 -6.18 -6.39 9.98
C LYS A 618 -5.09 -7.24 9.36
N ASP A 619 -3.97 -7.41 10.08
CA ASP A 619 -2.87 -8.29 9.64
C ASP A 619 -3.32 -9.74 9.49
N ASN A 620 -4.09 -10.20 10.47
CA ASN A 620 -4.64 -11.57 10.48
C ASN A 620 -5.60 -11.80 9.29
N ARG A 621 -6.38 -10.78 8.94
CA ARG A 621 -7.36 -10.87 7.86
C ARG A 621 -6.71 -10.98 6.48
N ILE A 622 -5.80 -10.07 6.17
CA ILE A 622 -5.06 -10.08 4.88
C ILE A 622 -4.20 -11.35 4.74
N LYS A 623 -3.61 -11.79 5.86
CA LYS A 623 -2.87 -13.05 5.94
C LYS A 623 -3.72 -14.27 5.56
N LEU A 624 -4.99 -14.27 5.97
CA LEU A 624 -5.95 -15.32 5.57
C LEU A 624 -6.33 -15.23 4.09
N MET A 625 -6.55 -14.01 3.59
CA MET A 625 -6.90 -13.78 2.17
C MET A 625 -5.86 -14.30 1.17
N ASN A 626 -4.57 -14.19 1.51
CA ASN A 626 -3.49 -14.77 0.69
C ASN A 626 -3.57 -16.29 0.61
N GLU A 627 -3.81 -16.92 1.76
CA GLU A 627 -3.94 -18.39 1.83
C GLU A 627 -5.14 -18.92 1.05
N ILE A 628 -6.21 -18.12 0.95
CA ILE A 628 -7.36 -18.43 0.08
C ILE A 628 -6.93 -18.35 -1.38
N LEU A 629 -6.47 -17.18 -1.80
CA LEU A 629 -6.12 -16.90 -3.20
C LEU A 629 -4.97 -17.76 -3.75
N ASN A 630 -4.02 -18.14 -2.89
CA ASN A 630 -2.92 -19.03 -3.29
C ASN A 630 -3.34 -20.47 -3.53
N GLY A 631 -4.50 -20.88 -2.99
CA GLY A 631 -5.03 -22.24 -3.20
C GLY A 631 -6.54 -22.30 -3.35
N ILE A 632 -7.07 -21.44 -4.22
CA ILE A 632 -8.53 -21.33 -4.42
C ILE A 632 -9.15 -22.49 -5.20
N LYS A 633 -8.34 -23.19 -6.01
CA LYS A 633 -8.81 -24.40 -6.71
C LYS A 633 -9.32 -25.47 -5.73
N VAL A 634 -8.62 -25.62 -4.61
CA VAL A 634 -9.00 -26.58 -3.56
C VAL A 634 -10.31 -26.15 -2.87
N LEU A 635 -10.51 -24.84 -2.69
CA LEU A 635 -11.81 -24.29 -2.26
C LEU A 635 -12.93 -24.61 -3.25
N LYS A 636 -12.64 -24.48 -4.55
CA LYS A 636 -13.61 -24.83 -5.59
C LYS A 636 -13.91 -26.33 -5.65
N LEU A 637 -12.89 -27.18 -5.47
CA LEU A 637 -13.07 -28.64 -5.46
C LEU A 637 -13.93 -29.13 -4.29
N TYR A 638 -13.49 -28.86 -3.06
CA TYR A 638 -14.20 -29.33 -1.86
C TYR A 638 -15.50 -28.58 -1.52
N ALA A 639 -15.68 -27.37 -2.08
CA ALA A 639 -16.80 -26.48 -1.76
C ALA A 639 -16.80 -26.04 -0.28
N TRP A 640 -15.76 -25.28 0.08
CA TRP A 640 -15.53 -24.81 1.45
C TRP A 640 -15.66 -23.28 1.64
N GLU A 641 -15.93 -22.53 0.58
CA GLU A 641 -15.89 -21.05 0.63
C GLU A 641 -16.74 -20.40 1.73
N LEU A 642 -17.87 -21.02 2.08
CA LEU A 642 -18.78 -20.48 3.10
C LEU A 642 -18.20 -20.51 4.52
N ALA A 643 -17.43 -21.56 4.84
CA ALA A 643 -16.72 -21.67 6.11
C ALA A 643 -15.64 -20.59 6.26
N PHE A 644 -14.82 -20.44 5.22
CA PHE A 644 -13.82 -19.37 5.16
C PHE A 644 -14.44 -17.98 5.15
N LYS A 645 -15.61 -17.84 4.50
CA LYS A 645 -16.36 -16.58 4.53
C LYS A 645 -16.78 -16.18 5.95
N ASP A 646 -17.20 -17.15 6.76
CA ASP A 646 -17.51 -16.91 8.18
C ASP A 646 -16.26 -16.48 8.98
N LYS A 647 -15.12 -17.12 8.70
CA LYS A 647 -13.87 -16.81 9.39
C LYS A 647 -13.31 -15.42 9.07
N VAL A 648 -13.37 -15.04 7.80
CA VAL A 648 -12.98 -13.69 7.37
C VAL A 648 -13.88 -12.62 8.00
N LEU A 649 -15.20 -12.87 7.99
CA LEU A 649 -16.18 -11.95 8.62
C LEU A 649 -16.06 -11.87 10.14
N ALA A 650 -15.63 -12.96 10.77
CA ALA A 650 -15.39 -12.99 12.23
C ALA A 650 -14.24 -12.08 12.64
N ILE A 651 -13.13 -12.15 11.91
CA ILE A 651 -11.96 -11.28 12.12
C ILE A 651 -12.31 -9.82 11.77
N ARG A 652 -13.12 -9.65 10.72
CA ARG A 652 -13.64 -8.34 10.33
C ARG A 652 -14.55 -7.71 11.40
N GLN A 653 -15.40 -8.53 12.03
CA GLN A 653 -16.26 -8.06 13.13
C GLN A 653 -15.48 -7.52 14.32
N GLU A 654 -14.39 -8.18 14.66
CA GLU A 654 -13.48 -7.71 15.73
C GLU A 654 -12.78 -6.40 15.35
N GLU A 655 -12.35 -6.29 14.09
CA GLU A 655 -11.72 -5.06 13.56
C GLU A 655 -12.66 -3.85 13.65
N LEU A 656 -13.89 -4.03 13.18
CA LEU A 656 -14.90 -2.95 13.19
C LEU A 656 -15.38 -2.57 14.59
N LYS A 657 -15.45 -3.54 15.50
CA LYS A 657 -15.82 -3.28 16.91
C LYS A 657 -14.84 -2.34 17.60
N VAL A 658 -13.54 -2.61 17.42
CA VAL A 658 -12.48 -1.82 18.04
C VAL A 658 -12.39 -0.41 17.43
N LEU A 659 -12.62 -0.30 16.12
CA LEU A 659 -12.66 0.99 15.42
C LEU A 659 -13.88 1.85 15.84
N LYS A 660 -14.99 1.19 16.18
CA LYS A 660 -16.20 1.86 16.68
C LYS A 660 -15.95 2.52 18.04
N LYS A 661 -15.23 1.82 18.92
CA LYS A 661 -14.84 2.36 20.23
C LYS A 661 -13.88 3.55 20.09
N SER A 662 -12.97 3.46 19.13
CA SER A 662 -12.05 4.57 18.82
C SER A 662 -12.79 5.82 18.32
N ALA A 663 -13.85 5.61 17.56
CA ALA A 663 -14.71 6.70 17.08
C ALA A 663 -15.46 7.40 18.22
N TYR A 664 -15.94 6.62 19.21
CA TYR A 664 -16.63 7.18 20.38
C TYR A 664 -15.71 8.09 21.20
N LEU A 665 -14.51 7.60 21.52
CA LEU A 665 -13.50 8.39 22.23
C LEU A 665 -13.10 9.66 21.47
N ALA A 666 -12.98 9.54 20.14
CA ALA A 666 -12.68 10.69 19.27
C ALA A 666 -13.78 11.76 19.29
N ALA A 667 -15.04 11.30 19.34
CA ALA A 667 -16.20 12.21 19.43
C ALA A 667 -16.24 13.01 20.74
N VAL A 668 -16.00 12.31 21.86
CA VAL A 668 -15.97 12.94 23.19
C VAL A 668 -14.81 13.94 23.31
N GLY A 669 -13.68 13.62 22.68
CA GLY A 669 -12.55 14.54 22.56
C GLY A 669 -12.90 15.78 21.75
N THR A 670 -13.55 15.58 20.61
CA THR A 670 -14.04 16.67 19.76
C THR A 670 -15.03 17.56 20.52
N PHE A 671 -15.92 16.94 21.30
CA PHE A 671 -16.86 17.68 22.15
C PHE A 671 -16.17 18.64 23.12
N THR A 672 -15.24 18.11 23.91
CA THR A 672 -14.53 18.90 24.92
C THR A 672 -13.67 20.03 24.35
N TRP A 673 -13.08 19.81 23.17
CA TRP A 673 -12.28 20.84 22.49
C TRP A 673 -13.11 21.96 21.85
N VAL A 674 -14.22 21.60 21.21
CA VAL A 674 -15.06 22.58 20.49
C VAL A 674 -15.72 23.59 21.42
N CYS A 675 -16.23 23.12 22.57
CA CYS A 675 -16.91 24.00 23.56
C CYS A 675 -16.00 24.54 24.68
N THR A 676 -14.68 24.57 24.45
CA THR A 676 -13.73 25.18 25.38
C THR A 676 -13.82 26.71 25.44
N PRO A 677 -13.62 27.42 24.31
CA PRO A 677 -13.43 28.88 24.34
C PRO A 677 -14.64 29.66 24.88
N PHE A 678 -15.84 29.11 24.73
CA PHE A 678 -17.03 29.66 25.38
C PHE A 678 -16.88 29.60 26.90
N LEU A 679 -16.51 28.41 27.40
CA LEU A 679 -16.32 28.19 28.85
C LEU A 679 -15.15 29.05 29.39
N VAL A 680 -14.08 29.13 28.61
CA VAL A 680 -12.92 29.99 28.93
C VAL A 680 -13.32 31.48 28.93
N ALA A 681 -14.16 31.87 27.97
CA ALA A 681 -14.67 33.26 27.90
C ALA A 681 -15.52 33.64 29.12
N LEU A 682 -16.45 32.76 29.50
CA LEU A 682 -17.22 32.94 30.74
C LEU A 682 -16.31 32.93 31.98
N SER A 683 -15.36 31.98 32.00
CA SER A 683 -14.35 31.90 33.06
C SER A 683 -13.51 33.18 33.19
N THR A 684 -13.22 33.82 32.06
CA THR A 684 -12.50 35.11 32.06
C THR A 684 -13.38 36.25 32.56
N PHE A 685 -14.59 36.38 32.01
CA PHE A 685 -15.51 37.46 32.39
C PHE A 685 -16.09 37.34 33.80
N ALA A 686 -16.06 36.13 34.37
CA ALA A 686 -16.45 35.93 35.79
C ALA A 686 -15.54 36.68 36.77
N VAL A 687 -14.23 36.73 36.46
CA VAL A 687 -13.21 37.29 37.36
C VAL A 687 -13.48 38.76 37.68
N TYR A 688 -13.77 39.55 36.64
CA TYR A 688 -14.08 40.97 36.82
C TYR A 688 -15.27 41.21 37.74
N VAL A 689 -16.39 40.56 37.43
CA VAL A 689 -17.64 40.77 38.18
C VAL A 689 -17.59 40.29 39.64
N THR A 690 -16.76 39.27 39.92
CA THR A 690 -16.61 38.77 41.29
C THR A 690 -15.49 39.49 42.06
N VAL A 691 -14.35 39.74 41.41
CA VAL A 691 -13.19 40.37 42.07
C VAL A 691 -13.21 41.89 41.89
N ASP A 692 -13.15 42.34 40.64
CA ASP A 692 -12.98 43.77 40.32
C ASP A 692 -14.26 44.57 40.51
N GLU A 693 -14.49 44.98 41.76
CA GLU A 693 -15.70 45.72 42.15
C GLU A 693 -15.53 47.23 41.98
N ASN A 694 -14.41 47.75 42.49
CA ASN A 694 -14.22 49.19 42.64
C ASN A 694 -13.91 49.96 41.35
N ASN A 695 -13.40 49.27 40.33
CA ASN A 695 -12.86 49.94 39.13
C ASN A 695 -13.57 49.59 37.81
N ILE A 696 -13.56 48.32 37.42
CA ILE A 696 -13.94 47.91 36.06
C ILE A 696 -15.44 47.60 35.96
N LEU A 697 -16.10 48.19 34.96
CA LEU A 697 -17.50 47.93 34.65
C LEU A 697 -17.74 48.38 33.20
N ASP A 698 -17.82 47.41 32.28
CA ASP A 698 -17.91 47.71 30.85
C ASP A 698 -18.64 46.61 30.07
N ALA A 699 -19.37 47.03 29.04
CA ALA A 699 -20.13 46.13 28.14
C ALA A 699 -19.58 46.09 26.72
N GLN A 700 -19.28 47.25 26.14
CA GLN A 700 -18.73 47.36 24.79
C GLN A 700 -17.27 46.86 24.65
N LYS A 701 -16.54 46.81 25.77
CA LYS A 701 -15.20 46.22 25.81
C LYS A 701 -15.24 44.71 25.58
N ALA A 702 -16.22 44.06 26.21
CA ALA A 702 -16.45 42.61 26.06
C ALA A 702 -16.79 42.19 24.62
N PHE A 703 -17.35 43.11 23.83
CA PHE A 703 -17.55 42.86 22.39
C PHE A 703 -16.23 42.66 21.65
N VAL A 704 -15.22 43.46 22.00
CA VAL A 704 -13.86 43.33 21.44
C VAL A 704 -13.22 42.04 21.95
N SER A 705 -13.41 41.74 23.24
CA SER A 705 -12.87 40.53 23.88
C SER A 705 -13.44 39.25 23.27
N LEU A 706 -14.77 39.18 23.16
CA LEU A 706 -15.48 38.05 22.54
C LEU A 706 -14.99 37.71 21.12
N ALA A 707 -14.60 38.74 20.37
CA ALA A 707 -13.95 38.53 19.06
C ALA A 707 -12.57 37.89 19.22
N LEU A 708 -11.82 38.34 20.22
CA LEU A 708 -10.50 37.76 20.55
C LEU A 708 -10.59 36.38 21.21
N PHE A 709 -11.78 35.98 21.67
CA PHE A 709 -12.08 34.58 22.00
C PHE A 709 -12.48 33.82 20.72
N ASN A 710 -13.32 34.44 19.89
CA ASN A 710 -13.74 33.84 18.61
C ASN A 710 -12.63 33.74 17.53
N ILE A 711 -11.43 34.26 17.82
CA ILE A 711 -10.21 33.87 17.07
C ILE A 711 -9.52 32.67 17.72
N LEU A 712 -9.60 32.56 19.06
CA LEU A 712 -9.04 31.43 19.81
C LEU A 712 -9.73 30.08 19.53
N ARG A 713 -10.98 30.12 19.07
CA ARG A 713 -11.74 28.91 18.72
C ARG A 713 -11.18 28.10 17.55
N PHE A 714 -10.59 28.78 16.55
CA PHE A 714 -10.18 28.11 15.29
C PHE A 714 -9.00 27.13 15.43
N PRO A 715 -7.91 27.52 16.12
CA PRO A 715 -6.80 26.57 16.33
C PRO A 715 -7.14 25.32 17.15
N LEU A 716 -8.08 25.45 18.10
CA LEU A 716 -8.53 24.32 18.92
C LEU A 716 -9.38 23.29 18.16
N ASN A 717 -10.04 23.72 17.08
CA ASN A 717 -10.93 22.84 16.28
C ASN A 717 -10.19 21.69 15.59
N ILE A 718 -9.01 21.98 15.04
CA ILE A 718 -8.20 20.98 14.31
C ILE A 718 -7.25 20.17 15.20
N LEU A 719 -7.30 20.37 16.51
CA LEU A 719 -6.43 19.69 17.47
C LEU A 719 -6.67 18.17 17.67
N PRO A 720 -7.95 17.72 17.69
CA PRO A 720 -8.19 16.26 17.76
C PRO A 720 -7.67 15.44 16.56
N MET A 721 -7.58 16.07 15.39
CA MET A 721 -6.94 15.45 14.20
C MET A 721 -5.44 15.26 14.40
N VAL A 722 -4.79 16.21 15.09
CA VAL A 722 -3.37 16.10 15.45
C VAL A 722 -3.16 14.94 16.42
N ILE A 723 -4.06 14.81 17.39
CA ILE A 723 -3.98 13.74 18.41
C ILE A 723 -4.13 12.35 17.79
N SER A 724 -5.15 12.17 16.96
CA SER A 724 -5.38 10.89 16.26
C SER A 724 -4.25 10.53 15.29
N SER A 725 -3.70 11.54 14.61
CA SER A 725 -2.59 11.36 13.68
C SER A 725 -1.30 10.87 14.36
N ILE A 726 -0.97 11.45 15.52
CA ILE A 726 0.23 11.08 16.28
C ILE A 726 0.12 9.67 16.88
N VAL A 727 -1.05 9.35 17.46
CA VAL A 727 -1.29 8.04 18.07
C VAL A 727 -1.25 6.92 17.02
N GLN A 728 -1.91 7.15 15.89
CA GLN A 728 -1.91 6.19 14.77
C GLN A 728 -0.52 6.05 14.13
N ALA A 729 0.23 7.14 14.05
CA ALA A 729 1.63 7.11 13.59
C ALA A 729 2.53 6.35 14.57
N SER A 730 2.30 6.55 15.87
CA SER A 730 3.08 5.89 16.93
C SER A 730 2.99 4.36 16.91
N VAL A 731 1.78 3.84 16.66
CA VAL A 731 1.56 2.39 16.55
C VAL A 731 2.35 1.80 15.38
N SER A 732 2.22 2.42 14.21
CA SER A 732 2.97 2.04 13.00
C SER A 732 4.49 2.09 13.21
N LEU A 733 4.94 3.16 13.87
CA LEU A 733 6.36 3.36 14.19
C LEU A 733 6.94 2.20 15.01
N LYS A 734 6.18 1.77 16.03
CA LYS A 734 6.56 0.62 16.85
C LYS A 734 6.64 -0.68 16.04
N ARG A 735 5.62 -0.93 15.23
CA ARG A 735 5.52 -2.17 14.42
C ARG A 735 6.64 -2.29 13.40
N LEU A 736 6.90 -1.20 12.67
CA LEU A 736 8.00 -1.14 11.69
C LEU A 736 9.38 -1.34 12.34
N ARG A 737 9.55 -0.76 13.53
CA ARG A 737 10.79 -0.90 14.31
C ARG A 737 11.04 -2.33 14.78
N VAL A 738 9.97 -3.00 15.22
CA VAL A 738 10.03 -4.43 15.60
C VAL A 738 10.41 -5.30 14.40
N PHE A 739 9.87 -4.98 13.22
CA PHE A 739 10.13 -5.75 12.00
C PHE A 739 11.57 -5.58 11.48
N LEU A 740 12.08 -4.35 11.46
CA LEU A 740 13.46 -4.07 11.04
C LEU A 740 14.54 -4.59 12.01
N SER A 741 14.17 -4.89 13.26
CA SER A 741 15.08 -5.42 14.27
C SER A 741 15.00 -6.95 14.44
N HIS A 742 14.60 -7.67 13.38
CA HIS A 742 14.57 -9.14 13.41
C HIS A 742 15.96 -9.72 13.20
N GLU A 743 16.10 -11.02 13.47
CA GLU A 743 17.35 -11.74 13.23
C GLU A 743 17.57 -11.94 11.73
N ASP A 744 18.83 -11.89 11.31
CA ASP A 744 19.23 -12.02 9.91
C ASP A 744 20.12 -13.24 9.73
N LEU A 745 19.80 -14.06 8.72
CA LEU A 745 20.67 -15.19 8.36
C LEU A 745 21.93 -14.67 7.69
N ASP A 746 23.06 -15.32 7.98
CA ASP A 746 24.38 -14.84 7.55
C ASP A 746 24.99 -15.74 6.46
N PRO A 747 25.70 -15.13 5.49
CA PRO A 747 26.36 -15.91 4.43
C PRO A 747 27.66 -16.61 4.89
N ASP A 748 28.40 -15.99 5.81
CA ASP A 748 29.68 -16.55 6.29
C ASP A 748 29.53 -17.74 7.27
N SER A 749 28.31 -18.16 7.57
CA SER A 749 28.04 -19.43 8.26
C SER A 749 28.66 -20.60 7.50
N ILE A 750 28.41 -20.64 6.18
CA ILE A 750 29.07 -21.57 5.26
C ILE A 750 30.31 -20.89 4.68
N GLN A 751 31.33 -21.69 4.37
CA GLN A 751 32.63 -21.18 3.90
C GLN A 751 32.53 -20.44 2.56
N ARG A 752 31.98 -21.12 1.56
CA ARG A 752 31.75 -20.55 0.22
C ARG A 752 33.03 -20.07 -0.48
N ARG A 753 33.98 -20.99 -0.61
CA ARG A 753 35.28 -20.70 -1.23
C ARG A 753 35.23 -20.94 -2.76
N PRO A 754 36.07 -20.21 -3.54
CA PRO A 754 36.15 -20.48 -5.00
C PRO A 754 36.69 -21.88 -5.39
N ILE A 755 36.67 -22.16 -6.70
CA ILE A 755 36.92 -23.50 -7.24
C ILE A 755 38.37 -23.95 -7.11
N LYS A 756 39.28 -23.22 -7.76
CA LYS A 756 40.70 -23.61 -7.79
C LYS A 756 41.34 -23.47 -6.41
N THR A 761 40.91 -32.08 -2.44
CA THR A 761 40.02 -30.95 -2.68
C THR A 761 38.61 -31.40 -3.07
N ASN A 762 37.74 -31.51 -2.08
CA ASN A 762 36.37 -32.00 -2.26
C ASN A 762 35.42 -30.86 -2.65
N SER A 763 34.28 -31.22 -3.23
CA SER A 763 33.28 -30.24 -3.68
C SER A 763 32.47 -29.69 -2.51
N ILE A 764 31.88 -30.60 -1.73
CA ILE A 764 31.21 -30.24 -0.46
C ILE A 764 31.69 -31.14 0.67
N THR A 765 31.95 -30.53 1.83
CA THR A 765 32.31 -31.27 3.06
C THR A 765 31.52 -30.75 4.25
N VAL A 766 30.97 -31.68 5.02
CA VAL A 766 30.22 -31.40 6.24
C VAL A 766 30.82 -32.25 7.37
N LYS A 767 31.09 -31.62 8.52
CA LYS A 767 31.71 -32.30 9.67
C LYS A 767 31.08 -31.88 11.01
N ASN A 768 30.51 -32.86 11.71
CA ASN A 768 29.94 -32.70 13.05
C ASN A 768 28.86 -31.61 13.11
N ALA A 769 27.89 -31.72 12.20
CA ALA A 769 26.91 -30.67 11.98
C ALA A 769 25.57 -30.93 12.67
N THR A 770 25.09 -29.91 13.39
CA THR A 770 23.75 -29.91 13.99
C THR A 770 23.04 -28.62 13.62
N PHE A 771 21.99 -28.72 12.81
CA PHE A 771 21.17 -27.57 12.38
C PHE A 771 19.79 -27.56 13.03
N THR A 772 19.07 -26.46 12.85
CA THR A 772 17.70 -26.32 13.36
C THR A 772 16.94 -25.20 12.66
N TRP A 773 15.64 -25.39 12.46
CA TRP A 773 14.78 -24.36 11.85
C TRP A 773 14.57 -23.18 12.78
N ALA A 774 14.07 -23.47 13.98
CA ALA A 774 13.88 -22.47 15.04
C ALA A 774 15.04 -22.54 16.04
N ARG A 775 15.29 -21.42 16.72
CA ARG A 775 16.40 -21.30 17.66
C ARG A 775 16.15 -22.10 18.96
N ASN A 776 14.94 -21.95 19.51
CA ASN A 776 14.58 -22.58 20.79
C ASN A 776 14.22 -24.06 20.67
N ASP A 777 13.64 -24.46 19.53
CA ASP A 777 13.22 -25.85 19.31
C ASP A 777 14.42 -26.80 19.17
N PRO A 778 14.22 -28.12 19.40
CA PRO A 778 15.32 -29.07 19.23
C PRO A 778 15.73 -29.26 17.76
N PRO A 779 16.98 -29.73 17.52
CA PRO A 779 17.51 -29.80 16.16
C PRO A 779 16.89 -30.91 15.31
N THR A 780 16.74 -30.63 14.01
CA THR A 780 16.26 -31.62 13.05
C THR A 780 17.39 -32.59 12.70
N LEU A 781 18.51 -32.05 12.22
CA LEU A 781 19.68 -32.85 11.85
C LEU A 781 20.61 -33.03 13.06
N HIS A 782 21.06 -34.28 13.27
CA HIS A 782 21.82 -34.66 14.47
C HIS A 782 23.23 -35.18 14.16
N GLY A 783 24.18 -34.26 14.01
CA GLY A 783 25.61 -34.62 14.01
C GLY A 783 26.08 -35.32 12.74
N ILE A 784 25.65 -34.80 11.59
CA ILE A 784 26.01 -35.37 10.29
C ILE A 784 27.48 -35.08 9.94
N THR A 785 28.12 -36.04 9.28
CA THR A 785 29.53 -35.95 8.88
C THR A 785 29.73 -36.68 7.55
N PHE A 786 29.94 -35.93 6.46
CA PHE A 786 30.18 -36.54 5.15
C PHE A 786 30.93 -35.62 4.18
N SER A 787 31.37 -36.19 3.05
CA SER A 787 32.16 -35.49 2.05
C SER A 787 31.82 -35.95 0.64
N VAL A 788 31.91 -35.04 -0.33
CA VAL A 788 31.65 -35.37 -1.74
C VAL A 788 32.83 -34.91 -2.62
N PRO A 789 33.56 -35.87 -3.23
CA PRO A 789 34.55 -35.53 -4.25
C PRO A 789 33.91 -34.89 -5.50
N GLU A 790 34.67 -34.01 -6.16
CA GLU A 790 34.15 -33.24 -7.29
C GLU A 790 33.87 -34.11 -8.52
N GLY A 791 32.75 -33.83 -9.19
CA GLY A 791 32.35 -34.56 -10.39
C GLY A 791 31.88 -35.98 -10.09
N SER A 792 30.95 -36.10 -9.14
CA SER A 792 30.41 -37.40 -8.73
C SER A 792 28.90 -37.32 -8.48
N LEU A 793 28.17 -38.28 -9.06
CA LEU A 793 26.72 -38.35 -8.90
C LEU A 793 26.37 -39.03 -7.57
N VAL A 794 26.02 -38.18 -6.59
CA VAL A 794 25.61 -38.61 -5.24
C VAL A 794 24.08 -38.58 -5.16
N ALA A 795 23.51 -39.54 -4.43
CA ALA A 795 22.06 -39.60 -4.20
C ALA A 795 21.71 -39.68 -2.71
N VAL A 796 20.50 -39.24 -2.40
CA VAL A 796 19.97 -39.21 -1.03
C VAL A 796 18.63 -39.96 -1.00
N VAL A 797 18.50 -40.89 -0.06
CA VAL A 797 17.24 -41.63 0.14
C VAL A 797 16.91 -41.75 1.62
N GLY A 798 15.67 -42.15 1.91
CA GLY A 798 15.20 -42.32 3.29
C GLY A 798 13.70 -42.48 3.42
N GLN A 799 13.17 -42.26 4.63
CA GLN A 799 11.73 -42.35 4.90
C GLN A 799 11.05 -41.03 4.57
N VAL A 800 9.72 -41.02 4.44
CA VAL A 800 8.98 -39.80 4.15
C VAL A 800 9.13 -38.85 5.31
N GLY A 801 9.24 -37.56 5.04
CA GLY A 801 9.40 -36.64 6.13
C GLY A 801 10.60 -36.90 7.01
N CYS A 802 11.74 -37.12 6.40
CA CYS A 802 12.97 -37.36 7.12
C CYS A 802 14.16 -36.39 7.03
N GLY A 803 13.95 -35.17 6.52
CA GLY A 803 15.05 -34.20 6.47
C GLY A 803 16.10 -34.20 5.37
N LYS A 804 15.79 -34.73 4.22
CA LYS A 804 16.68 -34.73 3.05
C LYS A 804 16.60 -33.38 2.33
N SER A 805 15.38 -32.84 2.18
CA SER A 805 15.20 -31.45 1.72
C SER A 805 15.80 -30.47 2.73
N SER A 806 15.74 -30.82 4.02
CA SER A 806 16.41 -30.10 5.10
C SER A 806 17.93 -30.05 4.91
N LEU A 807 18.53 -31.15 4.46
CA LEU A 807 19.97 -31.20 4.14
C LEU A 807 20.32 -30.26 2.97
N LEU A 808 19.50 -30.29 1.93
CA LEU A 808 19.65 -29.37 0.79
C LEU A 808 19.43 -27.91 1.20
N SER A 809 18.50 -27.67 2.12
CA SER A 809 18.27 -26.35 2.70
C SER A 809 19.42 -25.87 3.59
N ALA A 810 20.04 -26.80 4.33
CA ALA A 810 21.19 -26.50 5.19
C ALA A 810 22.43 -26.02 4.43
N LEU A 811 22.68 -26.61 3.25
CA LEU A 811 23.81 -26.20 2.39
C LEU A 811 23.62 -24.85 1.67
N LEU A 812 22.39 -24.32 1.67
CA LEU A 812 22.08 -22.97 1.12
C LEU A 812 22.12 -21.85 2.17
N ALA A 813 22.36 -22.20 3.43
CA ALA A 813 22.27 -21.27 4.58
C ALA A 813 20.86 -20.73 4.84
N GLU A 814 19.85 -21.53 4.49
CA GLU A 814 18.45 -21.25 4.84
C GLU A 814 18.22 -21.55 6.31
N MET A 815 18.83 -22.63 6.79
CA MET A 815 18.65 -23.13 8.15
C MET A 815 19.72 -22.58 9.10
N ASP A 816 19.37 -22.50 10.38
CA ASP A 816 20.26 -21.99 11.41
C ASP A 816 21.11 -23.11 12.01
N LYS A 817 22.42 -22.94 12.01
CA LYS A 817 23.35 -23.94 12.54
C LYS A 817 23.58 -23.74 14.05
N VAL A 818 23.81 -24.86 14.74
CA VAL A 818 24.13 -24.88 16.17
C VAL A 818 25.62 -25.19 16.32
N GLU A 819 26.06 -26.30 15.71
CA GLU A 819 27.49 -26.62 15.59
C GLU A 819 27.81 -27.19 14.20
N GLY A 820 29.10 -27.24 13.87
CA GLY A 820 29.61 -27.89 12.66
C GLY A 820 30.40 -26.99 11.72
N HIS A 821 31.05 -27.62 10.74
CA HIS A 821 31.77 -26.93 9.67
C HIS A 821 31.32 -27.44 8.31
N VAL A 822 30.77 -26.55 7.49
CA VAL A 822 30.31 -26.86 6.13
C VAL A 822 31.12 -26.06 5.13
N THR A 823 31.83 -26.76 4.25
CA THR A 823 32.56 -26.11 3.14
C THR A 823 31.94 -26.54 1.81
N VAL A 824 31.50 -25.55 1.03
CA VAL A 824 30.95 -25.75 -0.31
C VAL A 824 31.86 -25.03 -1.30
N LYS A 825 32.14 -25.68 -2.42
CA LYS A 825 33.08 -25.17 -3.42
C LYS A 825 32.39 -24.86 -4.76
N GLY A 826 32.11 -23.57 -5.00
CA GLY A 826 31.53 -23.10 -6.26
C GLY A 826 30.13 -22.53 -6.15
N SER A 827 29.64 -22.00 -7.28
CA SER A 827 28.27 -21.49 -7.40
C SER A 827 27.26 -22.64 -7.41
N VAL A 828 26.13 -22.42 -6.73
CA VAL A 828 25.11 -23.45 -6.51
C VAL A 828 23.88 -23.19 -7.38
N ALA A 829 23.32 -24.27 -7.92
CA ALA A 829 22.03 -24.25 -8.63
C ALA A 829 21.04 -25.15 -7.87
N TYR A 830 19.86 -24.61 -7.61
CA TYR A 830 18.86 -25.25 -6.75
C TYR A 830 17.54 -25.46 -7.49
N VAL A 831 17.00 -26.67 -7.38
CA VAL A 831 15.67 -27.02 -7.92
C VAL A 831 14.82 -27.44 -6.73
N PRO A 832 13.79 -26.64 -6.36
CA PRO A 832 12.97 -26.98 -5.20
C PRO A 832 11.97 -28.10 -5.50
N GLN A 833 11.38 -28.65 -4.45
CA GLN A 833 10.42 -29.74 -4.57
C GLN A 833 9.10 -29.25 -5.17
N GLN A 834 8.54 -28.19 -4.58
CA GLN A 834 7.40 -27.48 -5.16
C GLN A 834 7.96 -26.42 -6.11
N ALA A 835 7.50 -26.46 -7.37
CA ALA A 835 8.01 -25.59 -8.41
C ALA A 835 7.58 -24.13 -8.22
N TRP A 836 8.43 -23.21 -8.67
CA TRP A 836 8.21 -21.77 -8.55
C TRP A 836 8.49 -21.08 -9.89
N ILE A 837 7.43 -20.53 -10.51
CA ILE A 837 7.52 -19.88 -11.82
C ILE A 837 6.89 -18.48 -11.78
N GLN A 838 7.58 -17.50 -12.37
CA GLN A 838 7.16 -16.10 -12.37
C GLN A 838 6.09 -15.81 -13.42
N ASN A 839 5.58 -14.58 -13.41
CA ASN A 839 4.59 -14.11 -14.40
C ASN A 839 5.14 -13.98 -15.83
N ILE A 840 6.43 -13.70 -15.96
CA ILE A 840 7.12 -13.53 -17.26
C ILE A 840 7.00 -14.76 -18.18
N SER A 841 7.38 -14.57 -19.45
CA SER A 841 7.26 -15.61 -20.48
C SER A 841 8.15 -16.83 -20.26
N LEU A 842 7.82 -17.93 -20.96
CA LEU A 842 8.48 -19.24 -20.76
C LEU A 842 9.97 -19.21 -21.07
N ARG A 843 10.36 -18.49 -22.13
CA ARG A 843 11.77 -18.25 -22.45
C ARG A 843 12.44 -17.44 -21.33
N GLU A 844 11.76 -16.37 -20.90
CA GLU A 844 12.28 -15.49 -19.85
C GLU A 844 12.43 -16.20 -18.50
N ASN A 845 11.60 -17.20 -18.23
CA ASN A 845 11.75 -18.08 -17.06
C ASN A 845 13.00 -18.94 -17.13
N ILE A 846 13.23 -19.57 -18.28
CA ILE A 846 14.38 -20.45 -18.50
C ILE A 846 15.69 -19.64 -18.53
N LEU A 847 15.67 -18.48 -19.18
CA LEU A 847 16.85 -17.60 -19.24
C LEU A 847 17.20 -17.04 -17.87
N PHE A 848 16.21 -16.45 -17.20
CA PHE A 848 16.33 -15.98 -15.80
C PHE A 848 17.34 -14.84 -15.63
N GLY A 849 17.16 -13.79 -16.44
CA GLY A 849 18.03 -12.61 -16.42
C GLY A 849 19.43 -12.88 -16.91
N ARG A 850 19.55 -13.60 -18.03
CA ARG A 850 20.83 -14.02 -18.59
C ARG A 850 20.86 -13.80 -20.10
N GLN A 851 22.07 -13.87 -20.67
CA GLN A 851 22.28 -13.67 -22.11
C GLN A 851 22.01 -14.96 -22.87
N LEU A 852 21.55 -14.83 -24.12
CA LEU A 852 21.15 -15.97 -24.95
C LEU A 852 22.32 -16.56 -25.74
N GLN A 853 22.60 -17.85 -25.50
CA GLN A 853 23.49 -18.66 -26.35
C GLN A 853 22.63 -19.72 -27.04
N GLU A 854 22.48 -19.58 -28.35
CA GLU A 854 21.44 -20.30 -29.11
C GLU A 854 21.62 -21.82 -29.13
N ARG A 855 22.85 -22.28 -29.32
CA ARG A 855 23.19 -23.71 -29.29
C ARG A 855 22.87 -24.31 -27.92
N TYR A 856 23.37 -23.67 -26.87
CA TYR A 856 23.21 -24.14 -25.49
C TYR A 856 21.74 -24.10 -25.05
N TYR A 857 21.04 -23.02 -25.42
CA TYR A 857 19.61 -22.88 -25.14
C TYR A 857 18.80 -24.02 -25.77
N LYS A 858 18.99 -24.21 -27.07
CA LYS A 858 18.35 -25.31 -27.80
C LYS A 858 18.74 -26.68 -27.22
N ALA A 859 20.02 -26.83 -26.87
CA ALA A 859 20.52 -28.07 -26.24
C ALA A 859 19.81 -28.36 -24.91
N VAL A 860 19.76 -27.36 -24.03
CA VAL A 860 19.11 -27.50 -22.71
C VAL A 860 17.60 -27.68 -22.84
N VAL A 861 16.95 -26.90 -23.71
CA VAL A 861 15.51 -27.03 -23.96
C VAL A 861 15.16 -28.41 -24.57
N GLU A 862 15.98 -28.87 -25.52
CA GLU A 862 15.76 -30.18 -26.17
C GLU A 862 16.10 -31.37 -25.25
N ALA A 863 17.15 -31.23 -24.44
CA ALA A 863 17.56 -32.28 -23.49
C ALA A 863 16.54 -32.54 -22.37
N CYS A 864 15.73 -31.53 -22.03
CA CYS A 864 14.68 -31.67 -21.00
C CYS A 864 13.33 -32.23 -21.52
N ALA A 865 13.27 -32.65 -22.78
CA ALA A 865 12.08 -33.25 -23.41
C ALA A 865 10.89 -32.28 -23.41
N LEU A 866 11.15 -31.08 -23.96
CA LEU A 866 10.18 -29.98 -23.95
C LEU A 866 9.58 -29.59 -25.33
N LEU A 867 10.13 -30.11 -26.43
CA LEU A 867 9.65 -29.77 -27.79
C LEU A 867 8.17 -30.13 -28.06
N PRO A 868 7.74 -31.37 -27.68
CA PRO A 868 6.31 -31.71 -27.79
C PRO A 868 5.37 -30.78 -27.00
N ASP A 869 5.85 -30.26 -25.86
CA ASP A 869 5.08 -29.34 -25.03
C ASP A 869 5.20 -27.87 -25.48
N LEU A 870 6.28 -27.54 -26.18
CA LEU A 870 6.41 -26.24 -26.86
C LEU A 870 5.58 -26.18 -28.15
N GLU A 871 5.46 -27.31 -28.85
CA GLU A 871 4.66 -27.38 -30.08
C GLU A 871 3.16 -27.19 -29.81
N ILE A 872 2.64 -27.81 -28.76
CA ILE A 872 1.21 -27.73 -28.40
C ILE A 872 0.73 -26.35 -27.93
N LEU A 873 1.63 -25.59 -27.30
CA LEU A 873 1.29 -24.24 -26.78
C LEU A 873 0.91 -23.26 -27.90
N PRO A 874 -0.04 -22.34 -27.64
CA PRO A 874 -0.64 -21.51 -28.70
C PRO A 874 0.35 -20.60 -29.46
N SER A 875 1.15 -19.83 -28.72
CA SER A 875 2.19 -18.98 -29.31
C SER A 875 3.59 -19.59 -29.14
N GLY A 876 3.67 -20.81 -28.58
CA GLY A 876 4.91 -21.57 -28.50
C GLY A 876 5.83 -21.14 -27.37
N ASP A 877 7.07 -20.80 -27.72
CA ASP A 877 8.13 -20.49 -26.74
C ASP A 877 7.88 -19.17 -26.01
N ARG A 878 7.19 -18.23 -26.66
CA ARG A 878 6.77 -16.99 -26.03
C ARG A 878 5.28 -17.02 -25.72
N THR A 879 4.96 -17.53 -24.53
CA THR A 879 3.60 -17.46 -23.97
C THR A 879 3.69 -16.94 -22.54
N GLU A 880 2.82 -15.99 -22.20
CA GLU A 880 2.71 -15.48 -20.84
C GLU A 880 2.23 -16.62 -19.94
N ILE A 881 3.13 -17.10 -19.08
CA ILE A 881 2.95 -18.40 -18.42
C ILE A 881 1.92 -18.40 -17.27
N GLY A 882 1.71 -17.25 -16.62
CA GLY A 882 0.73 -17.12 -15.54
C GLY A 882 1.37 -16.77 -14.21
N GLU A 883 0.53 -16.54 -13.20
CA GLU A 883 0.99 -16.02 -11.90
C GLU A 883 1.89 -17.00 -11.14
N LYS A 884 1.42 -18.24 -10.99
CA LYS A 884 2.20 -19.31 -10.35
C LYS A 884 2.18 -20.58 -11.20
N GLY A 885 2.30 -20.41 -12.52
CA GLY A 885 2.26 -21.53 -13.46
C GLY A 885 0.90 -22.19 -13.61
N VAL A 886 -0.17 -21.39 -13.60
CA VAL A 886 -1.54 -21.91 -13.63
C VAL A 886 -1.88 -22.57 -14.98
N ASN A 887 -1.26 -22.10 -16.06
CA ASN A 887 -1.37 -22.75 -17.38
C ASN A 887 -0.75 -24.14 -17.42
N LEU A 888 0.50 -24.24 -16.96
CA LEU A 888 1.28 -25.47 -17.10
C LEU A 888 0.80 -26.62 -16.21
N SER A 889 1.17 -27.83 -16.63
CA SER A 889 0.94 -29.06 -15.87
C SER A 889 2.02 -29.24 -14.80
N GLY A 890 1.87 -30.28 -13.98
CA GLY A 890 2.84 -30.59 -12.92
C GLY A 890 4.24 -30.91 -13.43
N GLY A 891 4.31 -31.75 -14.47
CA GLY A 891 5.57 -32.11 -15.11
C GLY A 891 6.22 -30.95 -15.84
N GLN A 892 5.41 -30.17 -16.55
CA GLN A 892 5.89 -29.00 -17.29
C GLN A 892 6.50 -27.95 -16.37
N LYS A 893 5.82 -27.68 -15.25
CA LYS A 893 6.38 -26.85 -14.16
C LYS A 893 7.75 -27.35 -13.72
N GLN A 894 7.80 -28.65 -13.43
CA GLN A 894 9.00 -29.29 -12.88
C GLN A 894 10.18 -29.27 -13.86
N ARG A 895 9.89 -29.54 -15.15
CA ARG A 895 10.93 -29.51 -16.20
C ARG A 895 11.44 -28.10 -16.51
N VAL A 896 10.53 -27.11 -16.53
CA VAL A 896 10.91 -25.70 -16.72
C VAL A 896 11.81 -25.23 -15.56
N SER A 897 11.43 -25.60 -14.34
CA SER A 897 12.22 -25.32 -13.14
C SER A 897 13.62 -25.97 -13.20
N LEU A 898 13.68 -27.18 -13.76
CA LEU A 898 14.94 -27.90 -13.97
C LEU A 898 15.81 -27.24 -15.04
N ALA A 899 15.20 -26.95 -16.19
CA ALA A 899 15.87 -26.29 -17.33
C ALA A 899 16.56 -24.98 -16.96
N ARG A 900 15.90 -24.18 -16.12
CA ARG A 900 16.45 -22.92 -15.62
C ARG A 900 17.80 -23.11 -14.92
N ALA A 901 17.82 -24.07 -13.98
CA ALA A 901 19.03 -24.41 -13.23
C ALA A 901 20.14 -24.97 -14.12
N VAL A 902 19.77 -25.82 -15.07
CA VAL A 902 20.71 -26.40 -16.05
C VAL A 902 21.29 -25.32 -16.96
N TYR A 903 20.44 -24.40 -17.42
CA TYR A 903 20.86 -23.29 -18.29
C TYR A 903 21.80 -22.29 -17.62
N CYS A 904 21.66 -22.11 -16.31
CA CYS A 904 22.54 -21.20 -15.54
C CYS A 904 24.02 -21.61 -15.55
N ASP A 905 24.27 -22.92 -15.62
CA ASP A 905 25.63 -23.48 -15.73
C ASP A 905 26.47 -23.21 -14.47
N SER A 906 25.91 -23.57 -13.32
CA SER A 906 26.56 -23.39 -12.01
C SER A 906 27.52 -24.55 -11.73
N ASP A 907 28.26 -24.45 -10.63
CA ASP A 907 29.28 -25.45 -10.28
C ASP A 907 28.70 -26.66 -9.55
N VAL A 908 27.84 -26.41 -8.56
CA VAL A 908 27.16 -27.46 -7.79
C VAL A 908 25.68 -27.48 -8.16
N TYR A 909 25.09 -28.67 -8.25
CA TYR A 909 23.66 -28.85 -8.53
C TYR A 909 22.94 -29.59 -7.40
N LEU A 910 21.89 -28.97 -6.85
CA LEU A 910 21.10 -29.57 -5.77
C LEU A 910 19.66 -29.79 -6.22
N LEU A 911 19.33 -31.03 -6.57
CA LEU A 911 18.00 -31.37 -7.13
C LEU A 911 17.08 -31.98 -6.07
N ASP A 912 15.93 -31.33 -5.83
CA ASP A 912 14.96 -31.79 -4.84
C ASP A 912 13.83 -32.59 -5.48
N ASP A 913 14.19 -33.77 -6.00
CA ASP A 913 13.25 -34.72 -6.62
C ASP A 913 12.58 -34.13 -7.88
N PRO A 914 13.33 -34.05 -9.01
CA PRO A 914 12.79 -33.50 -10.25
C PRO A 914 12.01 -34.48 -11.15
N LEU A 915 11.92 -35.76 -10.78
CA LEU A 915 11.20 -36.79 -11.55
C LEU A 915 10.00 -37.33 -10.76
N SER A 916 9.12 -36.41 -10.33
CA SER A 916 7.92 -36.77 -9.56
C SER A 916 6.68 -36.82 -10.45
N ALA A 917 6.39 -35.71 -11.13
CA ALA A 917 5.19 -35.57 -11.96
C ALA A 917 5.36 -36.02 -13.43
N VAL A 918 6.56 -36.46 -13.82
CA VAL A 918 6.81 -36.97 -15.17
C VAL A 918 6.79 -38.50 -15.19
N ASP A 919 6.47 -39.07 -16.35
CA ASP A 919 6.40 -40.53 -16.52
C ASP A 919 7.80 -41.15 -16.68
N ALA A 920 7.83 -42.48 -16.70
CA ALA A 920 9.08 -43.26 -16.81
C ALA A 920 9.86 -42.97 -18.09
N HIS A 921 9.15 -42.75 -19.20
CA HIS A 921 9.76 -42.52 -20.50
C HIS A 921 10.50 -41.18 -20.57
N VAL A 922 9.81 -40.11 -20.17
CA VAL A 922 10.41 -38.77 -20.09
C VAL A 922 11.46 -38.73 -18.97
N GLY A 923 11.19 -39.42 -17.86
CA GLY A 923 12.15 -39.58 -16.77
C GLY A 923 13.47 -40.20 -17.23
N LYS A 924 13.35 -41.29 -18.00
CA LYS A 924 14.52 -41.93 -18.64
C LYS A 924 15.27 -40.96 -19.56
N HIS A 925 14.52 -40.21 -20.36
CA HIS A 925 15.10 -39.22 -21.29
C HIS A 925 15.86 -38.13 -20.53
N ILE A 926 15.24 -37.59 -19.48
CA ILE A 926 15.89 -36.58 -18.62
C ILE A 926 17.13 -37.15 -17.93
N PHE A 927 17.00 -38.34 -17.34
CA PHE A 927 18.12 -38.98 -16.64
C PHE A 927 19.27 -39.37 -17.57
N GLU A 928 18.96 -39.84 -18.77
CA GLU A 928 20.00 -40.20 -19.76
C GLU A 928 20.69 -38.98 -20.38
N ASN A 929 19.92 -37.93 -20.69
CA ASN A 929 20.44 -36.76 -21.41
C ASN A 929 20.90 -35.59 -20.54
N VAL A 930 20.43 -35.49 -19.29
CA VAL A 930 20.73 -34.34 -18.41
C VAL A 930 21.49 -34.73 -17.14
N ILE A 931 20.85 -35.53 -16.28
CA ILE A 931 21.36 -35.80 -14.93
C ILE A 931 22.50 -36.82 -14.91
N GLY A 932 22.38 -37.88 -15.72
CA GLY A 932 23.30 -39.02 -15.69
C GLY A 932 24.72 -38.78 -16.21
N PRO A 933 25.53 -39.86 -16.31
CA PRO A 933 26.96 -39.75 -16.66
C PRO A 933 27.27 -39.28 -18.08
N LYS A 934 26.37 -39.52 -19.03
CA LYS A 934 26.54 -39.04 -20.41
C LYS A 934 26.07 -37.59 -20.61
N GLY A 935 25.18 -37.10 -19.75
CA GLY A 935 24.49 -35.83 -19.96
C GLY A 935 25.31 -34.55 -19.79
N LEU A 936 24.60 -33.42 -19.76
CA LEU A 936 25.21 -32.08 -19.67
C LEU A 936 25.89 -31.80 -18.32
N LEU A 937 25.41 -32.46 -17.26
CA LEU A 937 25.96 -32.27 -15.91
C LEU A 937 27.03 -33.30 -15.51
N LYS A 938 27.62 -33.98 -16.51
CA LYS A 938 28.61 -35.05 -16.26
C LYS A 938 29.87 -34.59 -15.50
N ASN A 939 30.36 -33.39 -15.83
CA ASN A 939 31.55 -32.82 -15.20
C ASN A 939 31.25 -32.17 -13.85
N LYS A 940 30.09 -31.52 -13.74
CA LYS A 940 29.71 -30.77 -12.54
C LYS A 940 29.28 -31.68 -11.39
N THR A 941 29.46 -31.19 -10.17
CA THR A 941 29.00 -31.89 -8.96
C THR A 941 27.48 -31.79 -8.86
N ARG A 942 26.83 -32.93 -8.66
CA ARG A 942 25.37 -33.02 -8.64
C ARG A 942 24.87 -33.94 -7.52
N LEU A 943 23.97 -33.40 -6.69
CA LEU A 943 23.36 -34.12 -5.57
C LEU A 943 21.84 -34.05 -5.75
N LEU A 944 21.18 -35.21 -5.63
CA LEU A 944 19.73 -35.31 -5.83
C LEU A 944 19.05 -36.20 -4.81
N VAL A 945 17.88 -35.75 -4.45
CA VAL A 945 17.07 -36.48 -3.51
C VAL A 945 15.99 -37.24 -4.27
N THR A 946 16.17 -38.56 -4.45
CA THR A 946 15.18 -39.30 -5.22
C THR A 946 14.55 -40.48 -4.53
N HIS A 947 13.23 -40.59 -4.61
CA HIS A 947 12.54 -41.71 -4.01
C HIS A 947 12.42 -42.86 -4.97
N ALA A 948 12.82 -42.66 -6.21
CA ALA A 948 12.68 -43.73 -7.18
C ALA A 948 13.91 -44.59 -7.19
N ILE A 949 13.73 -45.85 -6.85
CA ILE A 949 14.80 -46.83 -6.74
C ILE A 949 15.42 -47.36 -8.02
N SER A 950 14.81 -47.11 -9.17
CA SER A 950 15.31 -47.71 -10.39
C SER A 950 16.73 -47.38 -10.82
N TYR A 951 17.14 -46.12 -10.75
CA TYR A 951 18.44 -45.75 -11.24
C TYR A 951 19.59 -45.88 -10.25
N LEU A 952 19.27 -46.22 -9.02
CA LEU A 952 20.28 -46.26 -7.95
C LEU A 952 21.64 -46.93 -8.27
N PRO A 953 21.65 -48.04 -9.04
CA PRO A 953 22.93 -48.63 -9.48
C PRO A 953 23.82 -47.71 -10.34
N GLN A 954 23.24 -46.69 -10.98
CA GLN A 954 24.02 -45.72 -11.76
C GLN A 954 24.89 -44.79 -10.90
N MET A 955 24.36 -44.38 -9.74
CA MET A 955 25.02 -43.37 -8.89
C MET A 955 26.32 -43.85 -8.27
N ASP A 956 27.21 -42.91 -7.97
CA ASP A 956 28.56 -43.22 -7.47
C ASP A 956 28.52 -43.64 -6.01
N VAL A 957 27.92 -42.78 -5.18
CA VAL A 957 27.67 -43.07 -3.76
C VAL A 957 26.28 -42.59 -3.37
N ILE A 958 25.57 -43.41 -2.60
CA ILE A 958 24.20 -43.10 -2.16
C ILE A 958 24.17 -43.02 -0.64
N ILE A 959 23.37 -42.11 -0.09
CA ILE A 959 23.22 -41.98 1.37
C ILE A 959 21.79 -42.27 1.84
N VAL A 960 21.68 -43.09 2.87
CA VAL A 960 20.41 -43.44 3.51
C VAL A 960 20.39 -42.73 4.86
N MET A 961 19.32 -42.00 5.12
CA MET A 961 19.14 -41.30 6.41
C MET A 961 17.80 -41.62 7.04
N SER A 962 17.73 -41.49 8.37
CA SER A 962 16.50 -41.74 9.13
C SER A 962 16.55 -41.00 10.46
N GLY A 963 15.40 -40.43 10.86
CA GLY A 963 15.27 -39.67 12.10
C GLY A 963 16.22 -38.47 12.24
N GLY A 964 16.55 -37.85 11.11
CA GLY A 964 17.56 -36.79 11.07
C GLY A 964 18.96 -37.27 11.38
N LYS A 965 19.30 -38.48 10.93
CA LYS A 965 20.61 -39.09 11.15
C LYS A 965 20.99 -39.95 9.95
N ILE A 966 22.19 -39.76 9.44
CA ILE A 966 22.70 -40.59 8.33
C ILE A 966 23.06 -42.00 8.81
N SER A 967 22.46 -43.02 8.19
CA SER A 967 22.63 -44.41 8.59
C SER A 967 23.94 -44.98 8.06
N GLU A 968 24.08 -44.98 6.73
CA GLU A 968 25.27 -45.52 6.08
C GLU A 968 25.45 -44.98 4.65
N MET A 969 26.71 -44.72 4.29
CA MET A 969 27.09 -44.26 2.95
C MET A 969 27.60 -45.46 2.14
N GLY A 970 27.89 -45.20 0.86
CA GLY A 970 28.51 -46.18 -0.03
C GLY A 970 27.75 -46.37 -1.34
N SER A 971 28.29 -47.24 -2.20
CA SER A 971 27.69 -47.57 -3.48
C SER A 971 26.58 -48.62 -3.31
N TYR A 972 26.00 -49.05 -4.43
CA TYR A 972 24.95 -50.07 -4.46
C TYR A 972 25.48 -51.44 -3.99
N GLN A 973 26.57 -51.87 -4.64
CA GLN A 973 27.20 -53.17 -4.35
C GLN A 973 27.80 -53.26 -2.95
N GLU A 974 28.31 -52.14 -2.44
CA GLU A 974 28.80 -52.06 -1.06
C GLU A 974 27.65 -52.24 -0.08
N LEU A 975 26.67 -51.33 -0.15
CA LEU A 975 25.49 -51.36 0.72
C LEU A 975 24.68 -52.66 0.62
N LEU A 976 24.67 -53.27 -0.56
CA LEU A 976 24.11 -54.62 -0.71
C LEU A 976 24.94 -55.68 0.05
N ALA A 977 26.27 -55.55 -0.01
CA ALA A 977 27.18 -56.47 0.70
C ALA A 977 27.20 -56.31 2.23
N ARG A 978 26.80 -55.14 2.73
CA ARG A 978 26.72 -54.92 4.19
C ARG A 978 25.61 -55.75 4.86
N ASP A 979 24.48 -55.89 4.16
CA ASP A 979 23.30 -56.62 4.64
C ASP A 979 22.69 -55.95 5.89
N GLY A 980 22.31 -54.70 5.73
CA GLY A 980 21.67 -53.90 6.78
C GLY A 980 20.17 -53.73 6.52
N ALA A 981 19.65 -52.58 6.95
CA ALA A 981 18.23 -52.25 6.77
C ALA A 981 17.91 -51.91 5.31
N PHE A 982 18.77 -51.12 4.68
CA PHE A 982 18.59 -50.72 3.28
C PHE A 982 18.74 -51.89 2.31
N ALA A 983 19.67 -52.80 2.59
CA ALA A 983 19.81 -54.05 1.84
C ALA A 983 18.56 -54.91 1.95
N GLU A 984 18.01 -55.00 3.17
CA GLU A 984 16.75 -55.70 3.44
C GLU A 984 15.54 -55.01 2.78
N PHE A 985 15.59 -53.68 2.69
CA PHE A 985 14.54 -52.88 2.04
C PHE A 985 14.39 -53.15 0.53
N LEU A 986 15.51 -53.31 -0.18
CA LEU A 986 15.50 -53.47 -1.63
C LEU A 986 14.74 -54.71 -2.17
N ARG A 987 14.61 -55.74 -1.35
CA ARG A 987 13.82 -56.92 -1.69
C ARG A 987 12.34 -56.65 -1.50
N GLU A 1062 1.96 -10.86 -33.13
CA GLU A 1062 1.56 -10.67 -31.74
C GLU A 1062 1.57 -11.98 -30.96
N THR A 1063 2.44 -12.07 -29.95
CA THR A 1063 2.45 -13.22 -29.02
C THR A 1063 1.29 -13.07 -28.04
N TRP A 1064 0.60 -14.18 -27.79
CA TRP A 1064 -0.61 -14.17 -26.95
C TRP A 1064 -0.27 -13.99 -25.47
N LYS A 1065 -1.05 -13.17 -24.78
CA LYS A 1065 -0.91 -12.91 -23.34
C LYS A 1065 -2.19 -13.27 -22.59
N LEU A 1066 -2.03 -13.73 -21.35
CA LEU A 1066 -3.13 -14.20 -20.50
C LEU A 1066 -3.47 -13.14 -19.45
N VAL A 1067 -2.47 -12.72 -18.69
CA VAL A 1067 -2.67 -11.79 -17.57
C VAL A 1067 -2.97 -10.38 -18.09
N GLU A 1068 -4.25 -10.02 -18.09
CA GLU A 1068 -4.69 -8.68 -18.45
C GLU A 1068 -4.44 -7.74 -17.27
N ALA A 1069 -3.60 -6.72 -17.49
CA ALA A 1069 -3.27 -5.74 -16.46
C ALA A 1069 -4.44 -4.80 -16.17
N ASP A 1070 -4.37 -4.12 -15.04
CA ASP A 1070 -5.43 -3.23 -14.59
C ASP A 1070 -5.40 -1.91 -15.35
N LYS A 1071 -6.60 -1.38 -15.65
CA LYS A 1071 -6.76 -0.13 -16.40
C LYS A 1071 -7.78 0.79 -15.71
N ALA A 1072 -7.62 2.10 -15.93
CA ALA A 1072 -8.46 3.12 -15.32
C ALA A 1072 -9.70 3.39 -16.16
N GLN A 1073 -10.73 3.94 -15.50
CA GLN A 1073 -11.93 4.42 -16.18
C GLN A 1073 -11.66 5.79 -16.80
N THR A 1074 -12.36 6.09 -17.89
CA THR A 1074 -12.06 7.26 -18.73
C THR A 1074 -12.82 8.54 -18.33
N GLY A 1075 -14.09 8.40 -17.95
CA GLY A 1075 -15.00 9.53 -17.75
C GLY A 1075 -15.27 9.90 -16.30
N GLN A 1076 -16.43 10.50 -16.08
CA GLN A 1076 -16.86 10.97 -14.76
C GLN A 1076 -17.33 9.82 -13.88
N VAL A 1077 -17.31 10.04 -12.56
CA VAL A 1077 -17.86 9.08 -11.58
C VAL A 1077 -19.39 9.07 -11.72
N LYS A 1078 -19.97 7.87 -11.68
CA LYS A 1078 -21.42 7.69 -11.83
C LYS A 1078 -22.11 7.97 -10.51
N LEU A 1079 -23.36 8.43 -10.58
CA LEU A 1079 -24.16 8.74 -9.37
C LEU A 1079 -24.56 7.47 -8.58
N SER A 1080 -24.60 6.33 -9.28
CA SER A 1080 -24.84 5.03 -8.65
C SER A 1080 -23.78 4.65 -7.61
N VAL A 1081 -22.54 5.10 -7.79
CA VAL A 1081 -21.44 4.84 -6.85
C VAL A 1081 -21.70 5.57 -5.51
N TYR A 1082 -21.95 6.88 -5.60
CA TYR A 1082 -22.33 7.69 -4.45
C TYR A 1082 -23.62 7.16 -3.81
N TRP A 1083 -24.61 6.87 -4.66
CA TRP A 1083 -25.89 6.33 -4.19
C TRP A 1083 -25.75 4.96 -3.50
N ASP A 1084 -24.81 4.13 -3.95
CA ASP A 1084 -24.54 2.83 -3.32
C ASP A 1084 -23.95 3.01 -1.92
N TYR A 1085 -22.93 3.87 -1.82
CA TYR A 1085 -22.34 4.23 -0.52
C TYR A 1085 -23.37 4.87 0.42
N MET A 1086 -24.20 5.77 -0.12
CA MET A 1086 -25.25 6.43 0.65
C MET A 1086 -26.35 5.45 1.09
N LYS A 1087 -26.67 4.49 0.23
CA LYS A 1087 -27.67 3.45 0.51
C LYS A 1087 -27.25 2.51 1.64
N ALA A 1088 -25.95 2.22 1.72
CA ALA A 1088 -25.39 1.34 2.76
C ALA A 1088 -25.52 1.90 4.17
N ILE A 1089 -25.53 3.24 4.30
CA ILE A 1089 -25.67 3.90 5.60
C ILE A 1089 -27.09 3.73 6.11
N GLY A 1090 -28.06 4.17 5.30
CA GLY A 1090 -29.49 4.07 5.60
C GLY A 1090 -30.18 5.41 5.73
N LEU A 1091 -31.51 5.38 5.78
CA LEU A 1091 -32.32 6.59 5.89
C LEU A 1091 -32.21 7.28 7.25
N PHE A 1092 -32.18 6.48 8.33
CA PHE A 1092 -32.24 6.99 9.70
C PHE A 1092 -31.05 7.87 10.06
N ILE A 1093 -29.85 7.34 9.87
CA ILE A 1093 -28.60 8.03 10.24
C ILE A 1093 -28.34 9.23 9.32
N SER A 1094 -28.66 9.07 8.03
CA SER A 1094 -28.48 10.15 7.03
C SER A 1094 -29.36 11.36 7.30
N PHE A 1095 -30.66 11.12 7.47
CA PHE A 1095 -31.63 12.17 7.82
C PHE A 1095 -31.30 12.83 9.16
N LEU A 1096 -30.92 12.02 10.15
CA LEU A 1096 -30.54 12.51 11.48
C LEU A 1096 -29.27 13.36 11.44
N SER A 1097 -28.25 12.90 10.70
CA SER A 1097 -26.99 13.62 10.56
C SER A 1097 -27.16 14.97 9.85
N ILE A 1098 -27.91 14.98 8.74
CA ILE A 1098 -28.21 16.20 7.99
C ILE A 1098 -29.02 17.20 8.84
N PHE A 1099 -29.94 16.68 9.64
CA PHE A 1099 -30.70 17.49 10.60
C PHE A 1099 -29.79 18.13 11.66
N LEU A 1100 -28.86 17.34 12.21
CA LEU A 1100 -27.91 17.85 13.22
C LEU A 1100 -26.92 18.90 12.69
N PHE A 1101 -26.55 18.81 11.41
CA PHE A 1101 -25.75 19.85 10.76
C PHE A 1101 -26.50 21.19 10.75
N LEU A 1102 -27.79 21.15 10.41
CA LEU A 1102 -28.63 22.34 10.44
C LEU A 1102 -28.70 22.93 11.86
N CYS A 1103 -28.94 22.06 12.85
CA CYS A 1103 -28.95 22.49 14.27
C CYS A 1103 -27.67 23.21 14.69
N ASN A 1104 -26.53 22.72 14.20
CA ASN A 1104 -25.21 23.30 14.51
C ASN A 1104 -25.04 24.69 13.88
N HIS A 1105 -25.29 24.77 12.58
CA HIS A 1105 -25.09 26.02 11.82
C HIS A 1105 -26.15 27.10 12.08
N VAL A 1106 -27.40 26.68 12.27
CA VAL A 1106 -28.49 27.59 12.68
C VAL A 1106 -28.12 28.29 13.98
N ALA A 1107 -27.71 27.51 14.98
CA ALA A 1107 -27.28 28.04 16.28
C ALA A 1107 -26.07 28.97 16.17
N SER A 1108 -25.13 28.61 15.29
CA SER A 1108 -23.92 29.39 15.05
C SER A 1108 -24.22 30.80 14.50
N LEU A 1109 -25.14 30.87 13.54
CA LEU A 1109 -25.57 32.18 12.99
C LEU A 1109 -26.33 33.03 14.00
N VAL A 1110 -27.20 32.40 14.78
CA VAL A 1110 -27.96 33.10 15.83
C VAL A 1110 -27.05 33.84 16.80
N SER A 1111 -25.96 33.20 17.23
CA SER A 1111 -25.01 33.82 18.15
C SER A 1111 -24.38 35.10 17.57
N ASN A 1112 -24.00 35.03 16.30
CA ASN A 1112 -23.46 36.19 15.60
C ASN A 1112 -24.47 37.31 15.47
N TYR A 1113 -25.72 36.98 15.10
CA TYR A 1113 -26.74 38.02 14.94
C TYR A 1113 -27.21 38.61 16.27
N TRP A 1114 -27.31 37.77 17.31
CA TRP A 1114 -27.56 38.24 18.68
C TRP A 1114 -26.51 39.28 19.09
N LEU A 1115 -25.25 38.91 18.88
CA LEU A 1115 -24.10 39.75 19.21
C LEU A 1115 -23.95 40.96 18.29
N SER A 1116 -24.03 40.73 16.98
CA SER A 1116 -23.92 41.80 15.97
C SER A 1116 -25.07 42.80 16.03
N LEU A 1117 -26.27 42.33 16.44
CA LEU A 1117 -27.41 43.19 16.73
C LEU A 1117 -27.12 44.02 17.98
N TRP A 1118 -26.56 43.37 19.00
CA TRP A 1118 -26.14 44.03 20.24
C TRP A 1118 -24.97 45.03 20.06
N THR A 1119 -24.15 44.84 19.02
CA THR A 1119 -22.94 45.66 18.78
C THR A 1119 -23.19 47.18 18.81
N ASP A 1120 -24.10 47.67 17.97
CA ASP A 1120 -24.41 49.10 17.90
C ASP A 1120 -25.66 49.44 18.73
N ASP A 1121 -25.49 49.35 20.06
CA ASP A 1121 -26.50 49.77 21.04
C ASP A 1121 -25.87 50.80 21.98
N PRO A 1122 -26.60 51.91 22.28
CA PRO A 1122 -26.05 52.88 23.25
C PRO A 1122 -25.98 52.34 24.68
N ILE A 1123 -24.88 52.64 25.38
CA ILE A 1123 -24.69 52.22 26.76
C ILE A 1123 -25.32 53.29 27.66
N VAL A 1124 -26.61 53.11 27.93
CA VAL A 1124 -27.38 53.98 28.82
C VAL A 1124 -27.32 53.39 30.24
N ASN A 1125 -27.72 54.19 31.24
CA ASN A 1125 -27.80 53.72 32.64
C ASN A 1125 -28.61 52.44 32.77
N GLY A 1126 -29.79 52.42 32.14
CA GLY A 1126 -30.65 51.24 32.07
C GLY A 1126 -30.06 50.07 31.29
N THR A 1127 -30.68 48.91 31.46
CA THR A 1127 -30.26 47.62 30.84
C THR A 1127 -28.89 47.09 31.33
N GLN A 1128 -28.41 47.56 32.48
CA GLN A 1128 -27.13 47.09 33.03
C GLN A 1128 -27.18 45.62 33.41
N GLU A 1129 -28.25 45.19 34.09
CA GLU A 1129 -28.45 43.78 34.43
C GLU A 1129 -28.61 42.93 33.17
N HIS A 1130 -29.25 43.49 32.14
CA HIS A 1130 -29.51 42.78 30.87
C HIS A 1130 -28.24 42.21 30.25
N THR A 1131 -27.10 42.87 30.45
CA THR A 1131 -25.80 42.33 30.03
C THR A 1131 -25.48 41.02 30.76
N GLN A 1132 -25.64 41.04 32.09
CA GLN A 1132 -25.38 39.87 32.93
C GLN A 1132 -26.31 38.70 32.61
N VAL A 1133 -27.55 39.01 32.23
CA VAL A 1133 -28.53 38.00 31.83
C VAL A 1133 -28.23 37.48 30.41
N ARG A 1134 -27.97 38.38 29.45
CA ARG A 1134 -27.84 38.00 28.04
C ARG A 1134 -26.58 37.19 27.69
N LEU A 1135 -25.47 37.42 28.39
CA LEU A 1135 -24.24 36.66 28.15
C LEU A 1135 -24.37 35.17 28.49
N SER A 1136 -25.26 34.84 29.41
CA SER A 1136 -25.60 33.43 29.72
C SER A 1136 -26.22 32.70 28.52
N VAL A 1137 -26.99 33.42 27.71
CA VAL A 1137 -27.59 32.87 26.48
C VAL A 1137 -26.50 32.59 25.44
N TYR A 1138 -25.56 33.51 25.30
CA TYR A 1138 -24.39 33.35 24.43
C TYR A 1138 -23.58 32.10 24.80
N GLY A 1139 -23.35 31.94 26.11
CA GLY A 1139 -22.72 30.74 26.65
C GLY A 1139 -23.55 29.48 26.42
N ALA A 1140 -24.86 29.57 26.65
CA ALA A 1140 -25.79 28.45 26.46
C ALA A 1140 -25.83 27.97 25.01
N LEU A 1141 -25.91 28.91 24.07
CA LEU A 1141 -25.83 28.58 22.64
C LEU A 1141 -24.49 27.94 22.26
N GLY A 1142 -23.41 28.41 22.89
CA GLY A 1142 -22.08 27.85 22.70
C GLY A 1142 -21.91 26.40 23.16
N ILE A 1143 -22.53 26.06 24.29
CA ILE A 1143 -22.52 24.67 24.79
C ILE A 1143 -23.47 23.80 23.96
N SER A 1144 -24.64 24.34 23.60
CA SER A 1144 -25.58 23.65 22.70
C SER A 1144 -24.96 23.36 21.33
N GLN A 1145 -24.18 24.31 20.81
CA GLN A 1145 -23.41 24.15 19.59
C GLN A 1145 -22.42 22.97 19.68
N GLY A 1146 -21.75 22.85 20.82
CA GLY A 1146 -20.87 21.72 21.12
C GLY A 1146 -21.58 20.37 21.16
N ILE A 1147 -22.78 20.34 21.75
CA ILE A 1147 -23.61 19.12 21.81
C ILE A 1147 -23.99 18.64 20.40
N THR A 1148 -24.36 19.56 19.52
CA THR A 1148 -24.69 19.22 18.13
C THR A 1148 -23.48 18.71 17.35
N VAL A 1149 -22.28 19.26 17.60
CA VAL A 1149 -21.03 18.77 16.99
C VAL A 1149 -20.68 17.36 17.46
N PHE A 1150 -20.84 17.10 18.76
CA PHE A 1150 -20.71 15.75 19.33
C PHE A 1150 -21.69 14.78 18.67
N GLY A 1151 -22.92 15.23 18.48
CA GLY A 1151 -23.97 14.44 17.84
C GLY A 1151 -23.67 13.97 16.42
N TYR A 1152 -23.38 14.90 15.51
CA TYR A 1152 -23.14 14.53 14.10
C TYR A 1152 -21.80 13.81 13.91
N SER A 1153 -20.79 14.17 14.70
CA SER A 1153 -19.51 13.45 14.72
C SER A 1153 -19.71 11.96 15.07
N MET A 1154 -20.52 11.72 16.11
CA MET A 1154 -20.91 10.36 16.50
C MET A 1154 -21.72 9.67 15.39
N ALA A 1155 -22.68 10.39 14.81
CA ALA A 1155 -23.58 9.85 13.79
C ALA A 1155 -22.90 9.47 12.48
N VAL A 1156 -22.07 10.37 11.96
CA VAL A 1156 -21.34 10.15 10.71
C VAL A 1156 -20.33 9.01 10.85
N SER A 1157 -19.64 8.96 11.99
CA SER A 1157 -18.66 7.90 12.29
C SER A 1157 -19.29 6.50 12.32
N ILE A 1158 -20.45 6.37 12.96
CA ILE A 1158 -21.16 5.09 13.04
C ILE A 1158 -21.70 4.68 11.67
N GLY A 1159 -22.24 5.65 10.93
CA GLY A 1159 -22.71 5.43 9.56
C GLY A 1159 -21.64 4.89 8.61
N GLY A 1160 -20.41 5.38 8.78
CA GLY A 1160 -19.26 4.86 8.02
C GLY A 1160 -18.91 3.41 8.30
N ILE A 1161 -19.10 2.98 9.56
CA ILE A 1161 -18.85 1.59 9.98
C ILE A 1161 -19.91 0.65 9.38
N PHE A 1162 -21.16 1.11 9.32
CA PHE A 1162 -22.23 0.39 8.60
C PHE A 1162 -21.92 0.23 7.11
N ALA A 1163 -21.42 1.31 6.50
CA ALA A 1163 -21.02 1.30 5.08
C ALA A 1163 -19.81 0.39 4.83
N SER A 1164 -18.82 0.47 5.71
CA SER A 1164 -17.61 -0.36 5.66
C SER A 1164 -17.94 -1.86 5.71
N ARG A 1165 -18.78 -2.24 6.66
CA ARG A 1165 -19.26 -3.61 6.83
C ARG A 1165 -19.99 -4.14 5.59
N ARG A 1166 -20.84 -3.30 5.01
CA ARG A 1166 -21.65 -3.68 3.85
C ARG A 1166 -20.82 -3.89 2.58
N LEU A 1167 -19.93 -2.94 2.29
CA LEU A 1167 -19.06 -3.00 1.10
C LEU A 1167 -18.05 -4.14 1.13
N HIS A 1168 -17.55 -4.47 2.33
CA HIS A 1168 -16.65 -5.61 2.51
C HIS A 1168 -17.36 -6.96 2.25
N LEU A 1169 -18.59 -7.08 2.74
CA LEU A 1169 -19.41 -8.29 2.52
C LEU A 1169 -19.76 -8.48 1.04
N ASP A 1170 -20.12 -7.38 0.37
CA ASP A 1170 -20.38 -7.40 -1.08
C ASP A 1170 -19.16 -7.84 -1.89
N LEU A 1171 -17.99 -7.30 -1.55
CA LEU A 1171 -16.72 -7.63 -2.22
C LEU A 1171 -16.39 -9.12 -2.09
N LEU A 1172 -16.33 -9.60 -0.85
CA LEU A 1172 -15.91 -10.98 -0.55
C LEU A 1172 -16.83 -12.04 -1.20
N HIS A 1173 -18.13 -11.78 -1.21
CA HIS A 1173 -19.10 -12.68 -1.83
C HIS A 1173 -18.95 -12.72 -3.36
N ASN A 1174 -18.70 -11.56 -3.97
CA ASN A 1174 -18.47 -11.47 -5.42
C ASN A 1174 -17.18 -12.16 -5.90
N VAL A 1175 -16.12 -12.05 -5.11
CA VAL A 1175 -14.83 -12.68 -5.45
C VAL A 1175 -14.94 -14.20 -5.33
N LEU A 1176 -15.46 -14.67 -4.20
CA LEU A 1176 -15.68 -16.12 -3.97
C LEU A 1176 -16.72 -16.75 -4.92
N ARG A 1177 -17.61 -15.94 -5.48
CA ARG A 1177 -18.56 -16.37 -6.52
C ARG A 1177 -17.88 -16.70 -7.86
N SER A 1178 -16.84 -15.95 -8.21
CA SER A 1178 -16.23 -15.98 -9.55
C SER A 1178 -15.64 -17.35 -9.96
N PRO A 1179 -15.53 -17.61 -11.28
CA PRO A 1179 -14.89 -18.84 -11.75
C PRO A 1179 -13.37 -18.82 -11.59
N ILE A 1180 -12.72 -19.96 -11.83
CA ILE A 1180 -11.27 -20.08 -11.65
C ILE A 1180 -10.46 -19.31 -12.71
N SER A 1181 -11.01 -19.22 -13.92
CA SER A 1181 -10.41 -18.41 -15.00
C SER A 1181 -10.23 -16.93 -14.65
N PHE A 1182 -11.13 -16.41 -13.82
CA PHE A 1182 -11.02 -15.04 -13.29
C PHE A 1182 -9.75 -14.84 -12.44
N PHE A 1183 -9.40 -15.86 -11.64
CA PHE A 1183 -8.22 -15.80 -10.78
C PHE A 1183 -6.91 -16.04 -11.54
N GLU A 1184 -6.92 -16.91 -12.53
CA GLU A 1184 -5.73 -17.14 -13.37
C GLU A 1184 -5.45 -15.95 -14.31
N ARG A 1185 -6.50 -15.21 -14.68
CA ARG A 1185 -6.37 -14.00 -15.51
C ARG A 1185 -5.88 -12.80 -14.70
N THR A 1186 -6.59 -12.50 -13.60
CA THR A 1186 -6.29 -11.32 -12.76
C THR A 1186 -5.00 -11.52 -11.95
N PRO A 1187 -4.15 -10.47 -11.82
CA PRO A 1187 -3.01 -10.54 -10.90
C PRO A 1187 -3.42 -10.62 -9.42
N SER A 1188 -2.54 -11.19 -8.59
CA SER A 1188 -2.79 -11.37 -7.16
C SER A 1188 -2.79 -10.03 -6.42
N GLY A 1189 -1.80 -9.19 -6.74
CA GLY A 1189 -1.68 -7.82 -6.20
C GLY A 1189 -2.93 -6.97 -6.40
N ASN A 1190 -3.60 -7.20 -7.53
CA ASN A 1190 -4.84 -6.51 -7.88
C ASN A 1190 -5.94 -6.71 -6.83
N LEU A 1191 -6.09 -7.95 -6.35
CA LEU A 1191 -7.07 -8.27 -5.30
C LEU A 1191 -6.63 -7.77 -3.93
N VAL A 1192 -5.44 -8.18 -3.48
CA VAL A 1192 -4.92 -7.80 -2.14
C VAL A 1192 -4.82 -6.29 -1.93
N ASN A 1193 -4.64 -5.53 -3.02
CA ASN A 1193 -4.78 -4.07 -3.01
C ASN A 1193 -6.19 -3.63 -2.58
N ARG A 1194 -7.21 -4.21 -3.20
CA ARG A 1194 -8.62 -3.87 -2.89
C ARG A 1194 -9.05 -4.26 -1.48
N PHE A 1195 -8.56 -5.39 -0.98
CA PHE A 1195 -8.84 -5.82 0.40
C PHE A 1195 -8.12 -4.98 1.45
N SER A 1196 -6.88 -4.59 1.18
CA SER A 1196 -6.07 -3.82 2.15
C SER A 1196 -6.30 -2.31 2.10
N LYS A 1197 -5.76 -1.65 1.07
CA LYS A 1197 -5.66 -0.18 1.04
C LYS A 1197 -6.94 0.53 0.60
N GLU A 1198 -7.59 0.02 -0.44
CA GLU A 1198 -8.85 0.60 -0.95
C GLU A 1198 -9.93 0.56 0.13
N LEU A 1199 -10.03 -0.59 0.80
CA LEU A 1199 -10.99 -0.78 1.89
C LEU A 1199 -10.62 0.03 3.14
N ASP A 1200 -9.32 0.21 3.39
CA ASP A 1200 -8.84 1.12 4.44
C ASP A 1200 -9.22 2.58 4.17
N THR A 1201 -9.23 2.98 2.90
CA THR A 1201 -9.75 4.30 2.50
C THR A 1201 -11.25 4.43 2.83
N VAL A 1202 -12.01 3.38 2.53
CA VAL A 1202 -13.43 3.30 2.90
C VAL A 1202 -13.64 3.30 4.43
N ASP A 1203 -12.74 2.64 5.17
CA ASP A 1203 -12.79 2.60 6.64
C ASP A 1203 -12.60 3.97 7.28
N SER A 1204 -11.42 4.56 7.06
CA SER A 1204 -10.96 5.74 7.80
C SER A 1204 -11.15 7.09 7.09
N MET A 1205 -10.89 7.13 5.78
CA MET A 1205 -10.75 8.40 5.05
C MET A 1205 -12.07 9.14 4.77
N ILE A 1206 -13.08 8.42 4.27
CA ILE A 1206 -14.30 9.04 3.71
C ILE A 1206 -15.19 9.75 4.74
N PRO A 1207 -15.50 9.10 5.90
CA PRO A 1207 -16.31 9.76 6.94
C PRO A 1207 -15.82 11.15 7.36
N GLN A 1208 -14.50 11.29 7.52
CA GLN A 1208 -13.86 12.58 7.81
C GLN A 1208 -14.09 13.61 6.70
N VAL A 1209 -13.98 13.18 5.44
CA VAL A 1209 -14.21 14.05 4.27
C VAL A 1209 -15.68 14.49 4.20
N ILE A 1210 -16.61 13.57 4.50
CA ILE A 1210 -18.05 13.90 4.54
C ILE A 1210 -18.36 15.00 5.55
N LYS A 1211 -17.80 14.88 6.77
CA LYS A 1211 -17.95 15.90 7.82
C LYS A 1211 -17.48 17.29 7.37
N MET A 1212 -16.30 17.34 6.77
CA MET A 1212 -15.72 18.60 6.29
C MET A 1212 -16.47 19.17 5.08
N PHE A 1213 -16.90 18.29 4.17
CA PHE A 1213 -17.71 18.70 3.00
C PHE A 1213 -19.05 19.33 3.39
N MET A 1214 -19.74 18.71 4.35
CA MET A 1214 -21.00 19.24 4.89
C MET A 1214 -20.82 20.59 5.57
N GLY A 1215 -19.81 20.68 6.44
CA GLY A 1215 -19.47 21.92 7.15
C GLY A 1215 -19.22 23.09 6.22
N SER A 1216 -18.46 22.83 5.15
CA SER A 1216 -18.21 23.83 4.10
C SER A 1216 -19.50 24.26 3.40
N LEU A 1217 -20.35 23.28 3.04
CA LEU A 1217 -21.60 23.54 2.30
C LEU A 1217 -22.55 24.44 3.09
N PHE A 1218 -22.85 24.04 4.33
CA PHE A 1218 -23.76 24.81 5.19
C PHE A 1218 -23.21 26.17 5.61
N ASN A 1219 -21.88 26.33 5.62
CA ASN A 1219 -21.26 27.65 5.81
C ASN A 1219 -21.53 28.58 4.62
N VAL A 1220 -21.38 28.05 3.41
CA VAL A 1220 -21.66 28.80 2.17
C VAL A 1220 -23.15 29.16 2.06
N ILE A 1221 -24.02 28.21 2.38
CA ILE A 1221 -25.47 28.46 2.43
C ILE A 1221 -25.79 29.47 3.54
N GLY A 1222 -25.11 29.34 4.68
CA GLY A 1222 -25.23 30.31 5.78
C GLY A 1222 -24.82 31.72 5.41
N ALA A 1223 -23.70 31.85 4.70
CA ALA A 1223 -23.19 33.15 4.24
C ALA A 1223 -24.13 33.81 3.23
N CYS A 1224 -24.70 33.02 2.32
CA CYS A 1224 -25.69 33.50 1.34
C CYS A 1224 -27.00 33.98 2.00
N ILE A 1225 -27.46 33.25 3.02
CA ILE A 1225 -28.67 33.64 3.78
C ILE A 1225 -28.41 34.90 4.63
N ILE A 1226 -27.20 35.03 5.18
CA ILE A 1226 -26.79 36.27 5.87
C ILE A 1226 -26.85 37.47 4.93
N ILE A 1227 -26.37 37.32 3.70
CA ILE A 1227 -26.47 38.37 2.68
C ILE A 1227 -27.92 38.55 2.19
N LEU A 1228 -28.71 37.48 2.19
CA LEU A 1228 -30.11 37.54 1.73
C LEU A 1228 -31.02 38.46 2.55
N LEU A 1229 -30.88 38.47 3.87
CA LEU A 1229 -31.71 39.34 4.74
C LEU A 1229 -30.96 40.50 5.43
N ALA A 1230 -29.63 40.55 5.30
CA ALA A 1230 -28.83 41.72 5.69
C ALA A 1230 -28.03 42.15 4.45
N THR A 1231 -28.21 43.40 4.04
CA THR A 1231 -27.89 43.85 2.67
C THR A 1231 -28.70 43.01 1.66
N PRO A 1232 -30.05 43.06 1.75
CA PRO A 1232 -30.90 42.11 1.03
C PRO A 1232 -30.99 42.30 -0.48
N MET A 1233 -31.15 43.55 -0.93
CA MET A 1233 -31.43 43.85 -2.33
C MET A 1233 -30.20 43.74 -3.25
N ALA A 1234 -29.01 43.59 -2.67
CA ALA A 1234 -27.79 43.30 -3.44
C ALA A 1234 -27.61 41.80 -3.68
N ALA A 1235 -28.50 41.25 -4.52
CA ALA A 1235 -28.40 39.87 -5.02
C ALA A 1235 -27.77 39.83 -6.42
N VAL A 1236 -27.26 40.98 -6.88
CA VAL A 1236 -26.52 41.09 -8.13
C VAL A 1236 -25.11 40.50 -7.97
N ILE A 1237 -24.61 40.43 -6.73
CA ILE A 1237 -23.21 40.07 -6.44
C ILE A 1237 -22.98 38.56 -6.63
N ILE A 1238 -23.96 37.74 -6.25
CA ILE A 1238 -23.81 36.28 -6.17
C ILE A 1238 -23.60 35.56 -7.52
N PRO A 1239 -24.54 35.72 -8.49
CA PRO A 1239 -24.46 34.94 -9.75
C PRO A 1239 -23.09 34.88 -10.45
N PRO A 1240 -22.42 36.04 -10.65
CA PRO A 1240 -21.06 35.95 -11.21
C PRO A 1240 -20.01 35.38 -10.26
N LEU A 1241 -20.19 35.56 -8.94
CA LEU A 1241 -19.21 35.11 -7.94
C LEU A 1241 -19.06 33.59 -7.92
N GLY A 1242 -20.19 32.88 -7.82
CA GLY A 1242 -20.18 31.42 -7.76
C GLY A 1242 -19.89 30.73 -9.08
N LEU A 1243 -20.51 31.22 -10.15
CA LEU A 1243 -20.44 30.58 -11.47
C LEU A 1243 -19.04 30.61 -12.11
N ILE A 1244 -18.18 31.55 -11.71
CA ILE A 1244 -16.76 31.50 -12.13
C ILE A 1244 -16.02 30.40 -11.38
N TYR A 1245 -16.26 30.26 -10.07
CA TYR A 1245 -15.65 29.19 -9.28
C TYR A 1245 -16.19 27.81 -9.65
N PHE A 1246 -17.43 27.75 -10.16
CA PHE A 1246 -17.95 26.51 -10.76
C PHE A 1246 -17.04 26.03 -11.91
N PHE A 1247 -16.66 26.95 -12.79
CA PHE A 1247 -15.73 26.65 -13.90
C PHE A 1247 -14.33 26.27 -13.39
N VAL A 1248 -13.85 26.98 -12.37
CA VAL A 1248 -12.55 26.66 -11.73
C VAL A 1248 -12.60 25.26 -11.08
N GLN A 1249 -13.76 24.90 -10.54
CA GLN A 1249 -13.98 23.55 -9.98
C GLN A 1249 -14.01 22.50 -11.10
N ARG A 1250 -14.82 22.76 -12.14
CA ARG A 1250 -14.93 21.81 -13.24
C ARG A 1250 -13.59 21.61 -13.94
N PHE A 1251 -12.86 22.70 -14.13
CA PHE A 1251 -11.54 22.63 -14.77
C PHE A 1251 -10.57 21.72 -14.01
N TYR A 1252 -10.62 21.78 -12.68
CA TYR A 1252 -9.70 21.04 -11.81
C TYR A 1252 -9.96 19.53 -11.80
N VAL A 1253 -11.19 19.16 -11.46
CA VAL A 1253 -11.58 17.78 -11.15
C VAL A 1253 -11.32 16.80 -12.31
N ALA A 1254 -11.52 17.26 -13.54
CA ALA A 1254 -11.27 16.47 -14.75
C ALA A 1254 -9.83 15.92 -14.79
N SER A 1255 -8.87 16.75 -14.40
CA SER A 1255 -7.47 16.36 -14.30
C SER A 1255 -7.20 15.53 -13.03
N SER A 1256 -7.57 16.11 -11.89
CA SER A 1256 -7.27 15.55 -10.56
C SER A 1256 -7.72 14.09 -10.38
N ARG A 1257 -8.99 13.84 -10.68
CA ARG A 1257 -9.58 12.50 -10.61
C ARG A 1257 -8.75 11.45 -11.37
N GLN A 1258 -8.35 11.79 -12.60
CA GLN A 1258 -7.55 10.89 -13.43
C GLN A 1258 -6.19 10.55 -12.82
N LEU A 1259 -5.54 11.52 -12.19
CA LEU A 1259 -4.27 11.29 -11.50
C LEU A 1259 -4.41 10.24 -10.38
N LYS A 1260 -5.53 10.27 -9.67
CA LYS A 1260 -5.81 9.28 -8.61
C LYS A 1260 -5.98 7.87 -9.19
N ARG A 1261 -6.69 7.77 -10.31
CA ARG A 1261 -6.87 6.50 -11.03
C ARG A 1261 -5.56 5.98 -11.62
N LEU A 1262 -4.75 6.88 -12.18
CA LEU A 1262 -3.41 6.52 -12.65
C LEU A 1262 -2.48 6.13 -11.50
N GLU A 1263 -2.68 6.75 -10.33
CA GLU A 1263 -1.92 6.43 -9.13
C GLU A 1263 -2.30 5.04 -8.58
N SER A 1264 -3.59 4.86 -8.29
CA SER A 1264 -4.08 3.62 -7.67
C SER A 1264 -3.85 2.36 -8.53
N VAL A 1265 -4.15 2.46 -9.82
CA VAL A 1265 -3.91 1.38 -10.78
C VAL A 1265 -2.43 0.97 -10.84
N SER A 1266 -1.54 1.96 -10.71
CA SER A 1266 -0.09 1.70 -10.81
C SER A 1266 0.53 1.03 -9.57
N ARG A 1267 -0.19 0.94 -8.45
CA ARG A 1267 0.35 0.27 -7.25
C ARG A 1267 0.08 -1.25 -7.18
N SER A 1268 -0.72 -1.78 -8.11
CA SER A 1268 -1.05 -3.21 -8.14
C SER A 1268 0.14 -4.12 -8.48
N PRO A 1269 1.03 -3.70 -9.41
CA PRO A 1269 2.30 -4.41 -9.58
C PRO A 1269 3.19 -4.46 -8.32
N VAL A 1270 3.17 -3.38 -7.53
CA VAL A 1270 4.01 -3.26 -6.32
C VAL A 1270 3.64 -4.36 -5.30
N TYR A 1271 2.36 -4.69 -5.18
CA TYR A 1271 1.92 -5.83 -4.37
C TYR A 1271 2.30 -7.17 -4.99
N SER A 1272 2.05 -7.30 -6.31
CA SER A 1272 2.35 -8.53 -7.04
C SER A 1272 3.82 -8.93 -6.93
N HIS A 1273 4.70 -7.94 -7.05
CA HIS A 1273 6.15 -8.14 -6.94
C HIS A 1273 6.60 -8.65 -5.57
N PHE A 1274 5.91 -8.25 -4.50
CA PHE A 1274 6.16 -8.82 -3.15
C PHE A 1274 5.70 -10.29 -3.11
N ASN A 1275 4.47 -10.52 -3.55
CA ASN A 1275 3.83 -11.84 -3.53
C ASN A 1275 4.61 -12.92 -4.27
N GLU A 1276 5.23 -12.56 -5.40
CA GLU A 1276 6.15 -13.45 -6.11
C GLU A 1276 7.42 -13.68 -5.30
N THR A 1277 8.07 -12.57 -4.92
CA THR A 1277 9.37 -12.58 -4.21
C THR A 1277 9.33 -13.43 -2.94
N LEU A 1278 8.31 -13.21 -2.11
CA LEU A 1278 8.17 -13.94 -0.85
C LEU A 1278 8.02 -15.47 -1.01
N LEU A 1279 7.39 -15.92 -2.10
CA LEU A 1279 7.23 -17.36 -2.36
C LEU A 1279 8.53 -18.06 -2.78
N GLY A 1280 9.41 -17.32 -3.45
CA GLY A 1280 10.68 -17.87 -3.96
C GLY A 1280 11.92 -17.14 -3.46
N VAL A 1281 11.99 -16.91 -2.15
CA VAL A 1281 13.17 -16.30 -1.52
C VAL A 1281 14.40 -17.22 -1.57
N SER A 1282 14.19 -18.51 -1.34
CA SER A 1282 15.27 -19.51 -1.33
C SER A 1282 15.92 -19.71 -2.71
N VAL A 1283 15.10 -19.66 -3.77
CA VAL A 1283 15.57 -19.75 -5.16
C VAL A 1283 16.41 -18.52 -5.51
N ILE A 1284 15.88 -17.34 -5.18
CA ILE A 1284 16.59 -16.05 -5.37
C ILE A 1284 17.90 -16.00 -4.56
N ARG A 1285 17.86 -16.50 -3.32
CA ARG A 1285 19.08 -16.60 -2.49
C ARG A 1285 20.08 -17.64 -3.00
N ALA A 1286 19.58 -18.76 -3.55
CA ALA A 1286 20.44 -19.83 -4.07
C ALA A 1286 21.24 -19.40 -5.29
N PHE A 1287 20.55 -18.87 -6.30
CA PHE A 1287 21.19 -18.36 -7.52
C PHE A 1287 21.97 -17.05 -7.33
N GLU A 1288 21.69 -16.33 -6.25
CA GLU A 1288 22.34 -15.04 -5.91
C GLU A 1288 22.02 -13.96 -6.95
N GLU A 1289 20.74 -13.56 -6.96
CA GLU A 1289 20.21 -12.58 -7.92
C GLU A 1289 19.41 -11.47 -7.22
N GLN A 1290 19.81 -11.09 -6.00
CA GLN A 1290 19.06 -10.12 -5.19
C GLN A 1290 18.99 -8.73 -5.82
N GLU A 1291 20.15 -8.24 -6.25
CA GLU A 1291 20.32 -6.89 -6.81
C GLU A 1291 19.34 -6.57 -7.94
N ARG A 1292 19.12 -7.55 -8.82
CA ARG A 1292 18.21 -7.41 -9.96
C ARG A 1292 16.76 -7.20 -9.51
N PHE A 1293 16.30 -8.04 -8.57
CA PHE A 1293 14.99 -7.88 -7.95
C PHE A 1293 14.85 -6.58 -7.14
N ILE A 1294 15.93 -6.16 -6.48
CA ILE A 1294 15.93 -4.89 -5.71
C ILE A 1294 15.68 -3.69 -6.63
N ARG A 1295 16.46 -3.57 -7.71
CA ARG A 1295 16.29 -2.46 -8.66
C ARG A 1295 14.98 -2.55 -9.44
N GLN A 1296 14.55 -3.76 -9.77
CA GLN A 1296 13.25 -4.01 -10.41
C GLN A 1296 12.09 -3.58 -9.51
N SER A 1297 12.18 -3.92 -8.22
CA SER A 1297 11.19 -3.49 -7.22
C SER A 1297 11.14 -1.97 -7.10
N ASP A 1298 12.32 -1.36 -7.02
CA ASP A 1298 12.45 0.11 -6.99
C ASP A 1298 11.90 0.79 -8.25
N LEU A 1299 12.18 0.21 -9.42
CA LEU A 1299 11.63 0.70 -10.69
C LEU A 1299 10.10 0.65 -10.73
N LYS A 1300 9.51 -0.39 -10.14
CA LYS A 1300 8.04 -0.51 -10.04
C LYS A 1300 7.42 0.53 -9.09
N VAL A 1301 8.12 0.83 -7.99
CA VAL A 1301 7.69 1.87 -7.04
C VAL A 1301 7.67 3.27 -7.68
N ASP A 1302 8.71 3.60 -8.45
CA ASP A 1302 8.86 4.93 -9.06
C ASP A 1302 7.70 5.32 -10.00
N GLU A 1303 7.11 4.33 -10.67
CA GLU A 1303 5.91 4.54 -11.50
C GLU A 1303 4.74 5.09 -10.67
N ASN A 1304 4.55 4.52 -9.48
CA ASN A 1304 3.53 4.98 -8.53
C ASN A 1304 3.79 6.42 -8.07
N GLN A 1305 5.07 6.74 -7.85
CA GLN A 1305 5.50 8.08 -7.43
C GLN A 1305 5.37 9.11 -8.56
N LYS A 1306 5.64 8.69 -9.80
CA LYS A 1306 5.45 9.54 -10.99
C LYS A 1306 4.02 10.01 -11.18
N ALA A 1307 3.07 9.12 -10.93
CA ALA A 1307 1.64 9.44 -10.99
C ALA A 1307 1.18 10.27 -9.79
N TYR A 1308 1.72 9.96 -8.61
CA TYR A 1308 1.33 10.63 -7.36
C TYR A 1308 1.81 12.08 -7.23
N TYR A 1309 3.00 12.38 -7.76
CA TYR A 1309 3.65 13.69 -7.54
C TYR A 1309 2.91 14.91 -8.13
N PRO A 1310 2.43 14.84 -9.39
CA PRO A 1310 1.60 15.93 -9.94
C PRO A 1310 0.30 16.21 -9.18
N SER A 1311 -0.27 15.20 -8.52
CA SER A 1311 -1.54 15.38 -7.79
C SER A 1311 -1.42 16.35 -6.62
N ILE A 1312 -0.35 16.20 -5.83
CA ILE A 1312 -0.09 17.13 -4.72
C ILE A 1312 0.29 18.54 -5.18
N VAL A 1313 0.99 18.64 -6.31
CA VAL A 1313 1.34 19.94 -6.93
C VAL A 1313 0.07 20.62 -7.50
N ALA A 1314 -0.86 19.80 -8.02
CA ALA A 1314 -2.15 20.30 -8.52
C ALA A 1314 -3.01 20.89 -7.40
N ASN A 1315 -3.02 20.25 -6.23
CA ASN A 1315 -3.67 20.82 -5.04
C ASN A 1315 -3.06 22.17 -4.63
N ARG A 1316 -1.74 22.29 -4.73
CA ARG A 1316 -1.05 23.56 -4.45
C ARG A 1316 -1.37 24.62 -5.50
N TRP A 1317 -1.41 24.20 -6.77
CA TRP A 1317 -1.82 25.06 -7.89
C TRP A 1317 -3.19 25.71 -7.66
N LEU A 1318 -4.22 24.88 -7.51
CA LEU A 1318 -5.60 25.35 -7.29
C LEU A 1318 -5.75 26.26 -6.06
N ALA A 1319 -5.06 25.91 -4.97
CA ALA A 1319 -5.15 26.67 -3.71
C ALA A 1319 -4.59 28.09 -3.82
N VAL A 1320 -3.45 28.25 -4.50
CA VAL A 1320 -2.85 29.56 -4.75
C VAL A 1320 -3.73 30.43 -5.68
N ARG A 1321 -4.33 29.80 -6.69
CA ARG A 1321 -5.19 30.51 -7.65
C ARG A 1321 -6.47 31.04 -6.97
N LEU A 1322 -7.15 30.17 -6.22
CA LEU A 1322 -8.41 30.52 -5.56
C LEU A 1322 -8.25 31.60 -4.49
N GLU A 1323 -7.21 31.48 -3.67
CA GLU A 1323 -6.89 32.51 -2.66
C GLU A 1323 -6.48 33.86 -3.26
N CYS A 1324 -5.78 33.82 -4.40
CA CYS A 1324 -5.40 35.04 -5.13
C CYS A 1324 -6.61 35.78 -5.68
N VAL A 1325 -7.52 35.02 -6.31
CA VAL A 1325 -8.77 35.58 -6.84
C VAL A 1325 -9.65 36.11 -5.68
N GLY A 1326 -9.68 35.37 -4.57
CA GLY A 1326 -10.38 35.81 -3.36
C GLY A 1326 -9.89 37.13 -2.80
N ASN A 1327 -8.57 37.29 -2.74
CA ASN A 1327 -7.95 38.56 -2.30
C ASN A 1327 -8.25 39.72 -3.24
N CYS A 1328 -8.30 39.44 -4.55
CA CYS A 1328 -8.72 40.43 -5.55
C CYS A 1328 -10.16 40.92 -5.34
N ILE A 1329 -11.06 40.01 -4.96
CA ILE A 1329 -12.47 40.36 -4.67
C ILE A 1329 -12.59 41.16 -3.36
N VAL A 1330 -11.78 40.81 -2.35
CA VAL A 1330 -11.73 41.57 -1.08
C VAL A 1330 -11.19 42.99 -1.32
N LEU A 1331 -10.12 43.10 -2.10
CA LEU A 1331 -9.58 44.41 -2.51
C LEU A 1331 -10.61 45.18 -3.36
N PHE A 1332 -11.23 44.49 -4.31
CA PHE A 1332 -12.35 45.03 -5.10
C PHE A 1332 -13.46 45.61 -4.20
N ALA A 1333 -13.87 44.85 -3.20
CA ALA A 1333 -14.90 45.31 -2.25
C ALA A 1333 -14.43 46.48 -1.39
N SER A 1334 -13.21 46.35 -0.84
CA SER A 1334 -12.65 47.35 0.06
C SER A 1334 -12.35 48.69 -0.63
N LEU A 1335 -11.78 48.63 -1.83
CA LEU A 1335 -11.53 49.84 -2.64
C LEU A 1335 -12.85 50.54 -2.93
N PHE A 1336 -13.83 49.77 -3.43
CA PHE A 1336 -15.20 50.27 -3.65
C PHE A 1336 -15.81 50.88 -2.39
N ALA A 1337 -15.53 50.26 -1.24
CA ALA A 1337 -15.95 50.82 0.06
C ALA A 1337 -15.27 52.17 0.35
N VAL A 1338 -13.96 52.19 0.12
CA VAL A 1338 -13.19 53.42 0.41
C VAL A 1338 -13.56 54.60 -0.51
N ILE A 1339 -13.79 54.39 -1.77
CA ILE A 1339 -14.16 55.46 -2.72
C ILE A 1339 -15.56 55.98 -2.41
N SER A 1340 -16.51 55.06 -2.28
CA SER A 1340 -17.90 55.38 -1.91
C SER A 1340 -18.14 55.26 -0.39
N ARG A 1341 -17.13 55.65 0.40
CA ARG A 1341 -17.23 55.73 1.85
C ARG A 1341 -18.20 56.82 2.28
N HIS A 1342 -17.93 58.05 1.83
CA HIS A 1342 -18.72 59.23 2.22
C HIS A 1342 -20.04 59.36 1.46
N SER A 1343 -20.03 59.07 0.16
CA SER A 1343 -21.17 59.34 -0.75
C SER A 1343 -22.57 59.15 -0.15
N LEU A 1344 -22.89 57.93 0.28
CA LEU A 1344 -24.20 57.61 0.85
C LEU A 1344 -24.19 56.28 1.62
N SER A 1345 -24.93 56.24 2.73
CA SER A 1345 -25.15 55.03 3.54
C SER A 1345 -23.85 54.45 4.12
N ALA A 1346 -23.10 55.33 4.80
CA ALA A 1346 -21.78 54.98 5.36
C ALA A 1346 -21.80 53.83 6.37
N GLY A 1347 -22.89 53.72 7.13
CA GLY A 1347 -23.03 52.68 8.16
C GLY A 1347 -22.83 51.25 7.70
N LEU A 1348 -23.33 50.93 6.50
CA LEU A 1348 -23.25 49.55 5.95
C LEU A 1348 -22.09 49.30 4.99
N VAL A 1349 -21.52 50.35 4.39
CA VAL A 1349 -20.38 50.17 3.46
C VAL A 1349 -19.14 49.60 4.17
N GLY A 1350 -18.94 49.99 5.43
CA GLY A 1350 -17.91 49.39 6.28
C GLY A 1350 -18.19 47.93 6.56
N LEU A 1351 -19.43 47.63 6.96
CA LEU A 1351 -19.88 46.25 7.21
C LEU A 1351 -19.81 45.36 5.96
N SER A 1352 -20.09 45.95 4.79
CA SER A 1352 -20.09 45.23 3.50
C SER A 1352 -18.78 44.48 3.22
N VAL A 1353 -17.65 45.05 3.65
CA VAL A 1353 -16.34 44.39 3.54
C VAL A 1353 -16.21 43.23 4.54
N SER A 1354 -16.75 43.40 5.75
CA SER A 1354 -16.60 42.41 6.84
C SER A 1354 -17.00 40.99 6.45
N TYR A 1355 -18.19 40.83 5.88
CA TYR A 1355 -18.68 39.52 5.41
C TYR A 1355 -18.22 39.13 3.99
N SER A 1356 -17.62 40.07 3.25
CA SER A 1356 -17.08 39.78 1.91
C SER A 1356 -15.91 38.79 1.96
N LEU A 1357 -15.08 38.91 3.00
CA LEU A 1357 -13.98 37.96 3.24
C LEU A 1357 -14.50 36.55 3.56
N GLN A 1358 -15.54 36.48 4.38
CA GLN A 1358 -16.13 35.20 4.82
C GLN A 1358 -16.59 34.34 3.63
N VAL A 1359 -17.30 34.97 2.70
CA VAL A 1359 -17.81 34.30 1.50
C VAL A 1359 -16.66 33.68 0.72
N THR A 1360 -15.65 34.47 0.38
CA THR A 1360 -14.49 34.00 -0.39
C THR A 1360 -13.77 32.81 0.27
N THR A 1361 -13.62 32.85 1.59
CA THR A 1361 -12.92 31.79 2.33
C THR A 1361 -13.74 30.49 2.48
N TYR A 1362 -15.02 30.62 2.83
CA TYR A 1362 -15.90 29.44 2.92
C TYR A 1362 -16.18 28.83 1.54
N LEU A 1363 -16.35 29.70 0.55
CA LEU A 1363 -16.52 29.30 -0.84
C LEU A 1363 -15.23 28.72 -1.43
N ASN A 1364 -14.08 29.21 -0.96
CA ASN A 1364 -12.77 28.59 -1.26
C ASN A 1364 -12.71 27.15 -0.73
N TRP A 1365 -13.13 26.96 0.52
CA TRP A 1365 -13.23 25.62 1.13
C TRP A 1365 -14.07 24.64 0.31
N LEU A 1366 -15.22 25.11 -0.17
CA LEU A 1366 -16.18 24.25 -0.89
C LEU A 1366 -15.62 23.66 -2.18
N VAL A 1367 -14.77 24.42 -2.88
CA VAL A 1367 -14.15 23.96 -4.13
C VAL A 1367 -13.14 22.84 -3.85
N ARG A 1368 -12.35 23.00 -2.79
CA ARG A 1368 -11.32 22.03 -2.41
C ARG A 1368 -11.91 20.73 -1.88
N MET A 1369 -12.83 20.84 -0.93
CA MET A 1369 -13.52 19.67 -0.35
C MET A 1369 -14.39 18.90 -1.35
N SER A 1370 -14.97 19.59 -2.33
CA SER A 1370 -15.71 18.95 -3.42
C SER A 1370 -14.79 18.05 -4.26
N SER A 1371 -13.58 18.54 -4.54
CA SER A 1371 -12.55 17.78 -5.24
C SER A 1371 -12.04 16.60 -4.42
N GLU A 1372 -11.83 16.81 -3.12
CA GLU A 1372 -11.42 15.74 -2.19
C GLU A 1372 -12.43 14.58 -2.14
N MET A 1373 -13.71 14.94 -2.05
CA MET A 1373 -14.80 13.95 -2.04
C MET A 1373 -14.87 13.15 -3.34
N GLU A 1374 -14.78 13.85 -4.47
CA GLU A 1374 -14.88 13.22 -5.80
C GLU A 1374 -13.64 12.38 -6.20
N THR A 1375 -12.49 12.65 -5.57
CA THR A 1375 -11.27 11.85 -5.78
C THR A 1375 -11.17 10.66 -4.81
N ASN A 1376 -11.59 10.83 -3.56
CA ASN A 1376 -11.59 9.74 -2.56
C ASN A 1376 -12.65 8.66 -2.80
N ILE A 1377 -13.74 9.00 -3.50
CA ILE A 1377 -14.79 8.04 -3.85
C ILE A 1377 -14.36 7.03 -4.96
N VAL A 1378 -13.23 7.29 -5.62
CA VAL A 1378 -12.65 6.37 -6.60
C VAL A 1378 -12.35 4.98 -5.98
N ALA A 1379 -12.02 4.95 -4.69
CA ALA A 1379 -11.86 3.68 -3.95
C ALA A 1379 -13.16 2.86 -3.87
N VAL A 1380 -14.28 3.54 -3.63
CA VAL A 1380 -15.61 2.89 -3.58
C VAL A 1380 -15.98 2.36 -4.96
N GLU A 1381 -15.77 3.20 -5.98
CA GLU A 1381 -15.93 2.82 -7.39
C GLU A 1381 -15.08 1.61 -7.76
N ARG A 1382 -13.83 1.61 -7.26
CA ARG A 1382 -12.86 0.54 -7.50
C ARG A 1382 -13.33 -0.81 -6.92
N LEU A 1383 -13.95 -0.80 -5.75
CA LEU A 1383 -14.52 -2.02 -5.15
C LEU A 1383 -15.72 -2.60 -5.92
N LYS A 1384 -16.47 -1.74 -6.62
CA LYS A 1384 -17.65 -2.15 -7.40
C LYS A 1384 -17.34 -2.76 -8.79
N GLU A 1385 -16.06 -2.77 -9.19
CA GLU A 1385 -15.67 -3.30 -10.50
C GLU A 1385 -15.92 -4.80 -10.67
N TYR A 1386 -15.91 -5.56 -9.57
CA TYR A 1386 -16.26 -7.00 -9.59
C TYR A 1386 -17.73 -7.30 -9.23
N SER A 1387 -18.59 -6.27 -9.24
CA SER A 1387 -20.02 -6.44 -9.00
C SER A 1387 -20.70 -6.96 -10.26
N GLU A 1388 -20.46 -6.26 -11.36
CA GLU A 1388 -20.95 -6.66 -12.69
C GLU A 1388 -19.78 -7.17 -13.53
N THR A 1389 -19.35 -8.39 -13.23
CA THR A 1389 -18.29 -9.10 -13.97
C THR A 1389 -18.78 -10.52 -14.31
N GLU A 1390 -17.90 -11.35 -14.87
CA GLU A 1390 -18.23 -12.75 -15.14
C GLU A 1390 -18.43 -13.54 -13.84
N LYS A 1391 -19.45 -14.40 -13.83
CA LYS A 1391 -19.79 -15.19 -12.63
C LYS A 1391 -19.98 -16.66 -12.98
N GLU A 1392 -19.85 -17.50 -11.95
CA GLU A 1392 -20.08 -18.95 -12.08
C GLU A 1392 -21.57 -19.24 -11.95
N ALA A 1393 -21.97 -20.44 -12.36
CA ALA A 1393 -23.37 -20.88 -12.23
C ALA A 1393 -23.78 -21.00 -10.75
N PRO A 1394 -25.10 -20.90 -10.44
CA PRO A 1394 -25.53 -20.89 -9.04
C PRO A 1394 -25.22 -22.18 -8.25
N TRP A 1395 -25.11 -22.03 -6.94
CA TRP A 1395 -24.73 -23.12 -6.04
C TRP A 1395 -25.95 -23.96 -5.67
N GLN A 1396 -26.99 -23.28 -5.20
CA GLN A 1396 -28.26 -23.91 -4.84
C GLN A 1396 -29.36 -23.48 -5.80
N ILE A 1397 -29.62 -24.33 -6.80
CA ILE A 1397 -30.68 -24.11 -7.78
C ILE A 1397 -32.08 -24.29 -7.15
N GLN A 1398 -32.24 -25.41 -6.41
CA GLN A 1398 -33.46 -25.76 -5.65
C GLN A 1398 -34.69 -26.27 -6.45
N ASP A 1399 -34.60 -26.28 -7.78
CA ASP A 1399 -35.70 -26.73 -8.64
C ASP A 1399 -35.42 -28.12 -9.22
N MET A 1400 -34.21 -28.32 -9.77
CA MET A 1400 -33.80 -29.59 -10.38
C MET A 1400 -32.96 -30.47 -9.44
N ALA A 1401 -32.99 -30.18 -8.14
CA ALA A 1401 -32.15 -30.89 -7.17
C ALA A 1401 -32.45 -32.38 -7.13
N PRO A 1402 -31.40 -33.23 -7.21
CA PRO A 1402 -31.57 -34.69 -7.14
C PRO A 1402 -31.91 -35.17 -5.73
N PRO A 1403 -32.35 -36.44 -5.59
CA PRO A 1403 -32.74 -36.95 -4.26
C PRO A 1403 -31.57 -37.16 -3.31
N LYS A 1404 -31.89 -37.44 -2.05
CA LYS A 1404 -30.89 -37.53 -0.97
C LYS A 1404 -29.93 -38.72 -1.10
N ASP A 1405 -30.35 -39.78 -1.81
CA ASP A 1405 -29.49 -40.93 -2.13
C ASP A 1405 -29.24 -40.99 -3.65
N TRP A 1406 -28.78 -39.86 -4.20
CA TRP A 1406 -28.56 -39.74 -5.65
C TRP A 1406 -27.36 -40.55 -6.16
N PRO A 1407 -26.14 -40.28 -5.65
CA PRO A 1407 -25.00 -41.07 -6.12
C PRO A 1407 -25.00 -42.46 -5.46
N GLN A 1408 -25.81 -43.36 -6.01
CA GLN A 1408 -26.02 -44.72 -5.46
C GLN A 1408 -25.37 -45.82 -6.32
N VAL A 1409 -25.36 -45.63 -7.63
CA VAL A 1409 -24.59 -46.47 -8.54
C VAL A 1409 -23.75 -45.51 -9.36
N GLY A 1410 -22.43 -45.58 -9.18
CA GLY A 1410 -21.51 -44.65 -9.83
C GLY A 1410 -21.33 -44.93 -11.32
N ARG A 1411 -22.39 -44.67 -12.08
CA ARG A 1411 -22.42 -44.93 -13.52
C ARG A 1411 -22.05 -43.64 -14.25
N VAL A 1412 -20.74 -43.40 -14.34
CA VAL A 1412 -20.20 -42.20 -14.96
C VAL A 1412 -20.17 -42.41 -16.46
N GLU A 1413 -20.90 -41.58 -17.21
CA GLU A 1413 -21.01 -41.70 -18.67
C GLU A 1413 -20.62 -40.40 -19.37
N PHE A 1414 -19.51 -40.45 -20.11
CA PHE A 1414 -19.12 -39.34 -20.99
C PHE A 1414 -19.68 -39.59 -22.39
N ARG A 1415 -20.21 -38.53 -23.02
CA ARG A 1415 -20.72 -38.60 -24.40
C ARG A 1415 -20.31 -37.35 -25.19
N ASP A 1416 -19.35 -37.54 -26.10
CA ASP A 1416 -18.84 -36.48 -27.00
C ASP A 1416 -18.26 -35.29 -26.23
N TYR A 1417 -17.62 -35.55 -25.09
CA TYR A 1417 -17.12 -34.50 -24.20
C TYR A 1417 -15.93 -33.76 -24.83
N GLY A 1418 -15.89 -32.44 -24.60
CA GLY A 1418 -14.82 -31.59 -25.10
C GLY A 1418 -14.65 -30.36 -24.22
N LEU A 1419 -13.42 -30.11 -23.79
CA LEU A 1419 -13.11 -29.00 -22.86
C LEU A 1419 -12.18 -27.97 -23.51
N ARG A 1420 -12.32 -26.72 -23.06
CA ARG A 1420 -11.50 -25.61 -23.54
C ARG A 1420 -11.38 -24.57 -22.42
N TYR A 1421 -10.16 -24.12 -22.15
CA TYR A 1421 -9.89 -23.18 -21.05
C TYR A 1421 -10.26 -21.74 -21.42
N ARG A 1422 -9.66 -21.25 -22.51
CA ARG A 1422 -9.87 -19.89 -23.00
C ARG A 1422 -10.61 -19.95 -24.33
N GLU A 1423 -11.62 -19.10 -24.49
CA GLU A 1423 -12.54 -19.13 -25.64
C GLU A 1423 -11.89 -19.07 -27.04
N ASP A 1424 -10.76 -18.38 -27.14
CA ASP A 1424 -9.98 -18.31 -28.40
C ASP A 1424 -8.79 -19.29 -28.45
N LEU A 1425 -8.76 -20.27 -27.55
CA LEU A 1425 -7.68 -21.27 -27.49
C LEU A 1425 -8.15 -22.59 -28.10
N ASP A 1426 -7.20 -23.43 -28.50
CA ASP A 1426 -7.50 -24.76 -29.04
C ASP A 1426 -8.04 -25.71 -27.97
N LEU A 1427 -8.61 -26.82 -28.42
CA LEU A 1427 -9.20 -27.82 -27.51
C LEU A 1427 -8.12 -28.63 -26.79
N VAL A 1428 -8.36 -28.93 -25.51
CA VAL A 1428 -7.47 -29.79 -24.71
C VAL A 1428 -7.91 -31.26 -24.77
N LEU A 1429 -9.23 -31.48 -24.68
CA LEU A 1429 -9.84 -32.80 -24.89
C LEU A 1429 -10.84 -32.70 -26.06
N LYS A 1430 -11.06 -33.83 -26.74
CA LYS A 1430 -12.04 -33.91 -27.82
C LYS A 1430 -12.44 -35.36 -28.13
N HIS A 1431 -13.73 -35.58 -28.38
CA HIS A 1431 -14.30 -36.89 -28.73
C HIS A 1431 -14.06 -37.96 -27.65
N ILE A 1432 -14.50 -37.63 -26.44
CA ILE A 1432 -14.45 -38.56 -25.30
C ILE A 1432 -15.74 -39.37 -25.31
N ASN A 1433 -15.61 -40.69 -25.11
CA ASN A 1433 -16.76 -41.59 -25.12
C ASN A 1433 -16.44 -42.90 -24.38
N VAL A 1434 -16.60 -42.87 -23.05
CA VAL A 1434 -16.44 -44.05 -22.19
C VAL A 1434 -17.50 -44.07 -21.09
N THR A 1435 -17.71 -45.25 -20.52
CA THR A 1435 -18.73 -45.47 -19.48
C THR A 1435 -18.17 -46.29 -18.32
N ILE A 1436 -17.89 -45.61 -17.21
CA ILE A 1436 -17.42 -46.26 -15.97
C ILE A 1436 -18.63 -46.67 -15.14
N ASP A 1437 -18.86 -47.97 -15.00
CA ASP A 1437 -19.98 -48.51 -14.21
C ASP A 1437 -19.70 -48.42 -12.70
N GLY A 1438 -20.75 -48.68 -11.91
CA GLY A 1438 -20.66 -48.59 -10.45
C GLY A 1438 -19.82 -49.69 -9.83
N GLY A 1439 -18.98 -49.32 -8.86
CA GLY A 1439 -18.05 -50.26 -8.23
C GLY A 1439 -16.95 -50.77 -9.15
N GLU A 1440 -16.60 -49.97 -10.16
CA GLU A 1440 -15.58 -50.32 -11.14
C GLU A 1440 -14.35 -49.50 -10.86
N LYS A 1441 -13.25 -50.18 -10.51
CA LYS A 1441 -11.98 -49.51 -10.23
C LYS A 1441 -11.31 -49.24 -11.57
N VAL A 1442 -11.02 -47.98 -11.87
CA VAL A 1442 -10.48 -47.56 -13.17
C VAL A 1442 -9.16 -46.82 -13.00
N GLY A 1443 -8.31 -46.91 -14.03
CA GLY A 1443 -7.04 -46.18 -14.08
C GLY A 1443 -6.94 -45.23 -15.27
N ILE A 1444 -6.07 -44.23 -15.16
CA ILE A 1444 -5.76 -43.27 -16.22
C ILE A 1444 -4.24 -43.12 -16.31
N VAL A 1445 -3.65 -43.69 -17.35
CA VAL A 1445 -2.21 -43.59 -17.64
C VAL A 1445 -2.03 -42.72 -18.88
N GLY A 1446 -0.89 -42.03 -18.95
CA GLY A 1446 -0.56 -41.22 -20.12
C GLY A 1446 0.72 -40.43 -19.99
N ARG A 1447 1.15 -39.82 -21.09
CA ARG A 1447 2.32 -38.94 -21.10
C ARG A 1447 1.97 -37.62 -20.42
N THR A 1448 2.98 -36.96 -19.86
CA THR A 1448 2.82 -35.63 -19.25
C THR A 1448 2.27 -34.60 -20.26
N GLY A 1449 1.26 -33.85 -19.83
CA GLY A 1449 0.59 -32.86 -20.68
C GLY A 1449 -0.33 -33.47 -21.73
N ALA A 1450 -1.11 -34.49 -21.31
CA ALA A 1450 -2.04 -35.20 -22.20
C ALA A 1450 -3.52 -35.03 -21.80
N GLY A 1451 -3.80 -34.14 -20.84
CA GLY A 1451 -5.17 -33.84 -20.44
C GLY A 1451 -5.82 -34.89 -19.55
N LYS A 1452 -5.13 -35.24 -18.46
CA LYS A 1452 -5.64 -36.20 -17.48
C LYS A 1452 -6.32 -35.48 -16.32
N SER A 1453 -5.60 -34.53 -15.72
CA SER A 1453 -6.14 -33.72 -14.62
C SER A 1453 -7.30 -32.82 -15.07
N SER A 1454 -7.24 -32.34 -16.28
CA SER A 1454 -8.29 -31.49 -16.86
C SER A 1454 -9.63 -32.23 -17.06
N LEU A 1455 -9.57 -33.56 -17.27
CA LEU A 1455 -10.77 -34.41 -17.33
C LEU A 1455 -11.51 -34.40 -15.98
N THR A 1456 -10.75 -34.65 -14.91
CA THR A 1456 -11.28 -34.60 -13.53
C THR A 1456 -11.64 -33.17 -13.10
N LEU A 1457 -10.89 -32.19 -13.59
CA LEU A 1457 -11.19 -30.76 -13.37
C LEU A 1457 -12.47 -30.34 -14.10
N GLY A 1458 -12.71 -30.94 -15.28
CA GLY A 1458 -13.95 -30.75 -16.04
C GLY A 1458 -15.13 -31.60 -15.58
N LEU A 1459 -14.85 -32.70 -14.89
CA LEU A 1459 -15.89 -33.55 -14.26
C LEU A 1459 -16.67 -32.79 -13.18
N PHE A 1460 -15.94 -32.04 -12.35
CA PHE A 1460 -16.54 -31.22 -11.28
C PHE A 1460 -17.26 -29.97 -11.81
N ARG A 1461 -17.00 -29.63 -13.08
CA ARG A 1461 -17.62 -28.50 -13.78
C ARG A 1461 -17.10 -27.16 -13.24
N ILE A 1462 -15.77 -27.08 -13.13
CA ILE A 1462 -15.08 -25.84 -12.76
C ILE A 1462 -15.01 -24.99 -14.02
N LYS A 1463 -14.46 -25.57 -15.08
CA LYS A 1463 -14.54 -25.00 -16.42
C LYS A 1463 -15.70 -25.68 -17.15
N GLU A 1464 -16.55 -24.88 -17.79
CA GLU A 1464 -17.75 -25.38 -18.47
C GLU A 1464 -17.39 -26.10 -19.77
N SER A 1465 -18.17 -27.14 -20.09
CA SER A 1465 -17.89 -28.00 -21.25
C SER A 1465 -18.27 -27.34 -22.56
N ALA A 1466 -17.42 -27.54 -23.59
CA ALA A 1466 -17.66 -26.97 -24.91
C ALA A 1466 -18.66 -27.81 -25.71
N GLU A 1467 -18.33 -29.09 -25.90
CA GLU A 1467 -19.15 -30.04 -26.65
C GLU A 1467 -19.56 -31.22 -25.78
N GLY A 1468 -20.70 -31.82 -26.12
CA GLY A 1468 -21.19 -33.03 -25.45
C GLY A 1468 -21.68 -32.81 -24.04
N GLU A 1469 -21.67 -33.89 -23.26
CA GLU A 1469 -22.13 -33.86 -21.86
C GLU A 1469 -21.63 -35.05 -21.05
N ILE A 1470 -21.64 -34.90 -19.73
CA ILE A 1470 -21.31 -35.97 -18.78
C ILE A 1470 -22.55 -36.30 -17.95
N ILE A 1471 -22.74 -37.58 -17.62
CA ILE A 1471 -23.91 -38.05 -16.88
C ILE A 1471 -23.51 -38.97 -15.72
N ILE A 1472 -24.14 -38.74 -14.56
CA ILE A 1472 -23.91 -39.52 -13.34
C ILE A 1472 -25.28 -40.07 -12.89
N ASP A 1473 -25.46 -41.39 -13.04
CA ASP A 1473 -26.66 -42.10 -12.59
C ASP A 1473 -27.95 -41.60 -13.28
N ASP A 1474 -27.87 -41.49 -14.61
CA ASP A 1474 -28.99 -41.04 -15.46
C ASP A 1474 -29.50 -39.62 -15.17
N ILE A 1475 -28.62 -38.74 -14.68
CA ILE A 1475 -28.93 -37.34 -14.42
C ILE A 1475 -27.84 -36.47 -15.04
N ASN A 1476 -28.24 -35.35 -15.64
CA ASN A 1476 -27.32 -34.43 -16.29
C ASN A 1476 -26.62 -33.55 -15.25
N ILE A 1477 -25.36 -33.22 -15.52
CA ILE A 1477 -24.49 -32.48 -14.59
C ILE A 1477 -24.60 -30.96 -14.76
N ALA A 1478 -24.72 -30.50 -16.01
CA ALA A 1478 -24.84 -29.06 -16.30
C ALA A 1478 -26.13 -28.41 -15.76
N LYS A 1479 -27.15 -29.22 -15.51
CA LYS A 1479 -28.44 -28.73 -15.01
C LYS A 1479 -28.45 -28.46 -13.49
N ILE A 1480 -27.65 -29.22 -12.72
CA ILE A 1480 -27.71 -29.18 -11.26
C ILE A 1480 -26.89 -28.00 -10.73
N GLY A 1481 -27.27 -27.50 -9.56
CA GLY A 1481 -26.46 -26.53 -8.80
C GLY A 1481 -25.21 -27.18 -8.24
N LEU A 1482 -24.04 -26.60 -8.53
CA LEU A 1482 -22.74 -27.25 -8.30
C LEU A 1482 -22.40 -27.58 -6.84
N HIS A 1483 -23.00 -26.89 -5.87
CA HIS A 1483 -22.86 -27.30 -4.45
C HIS A 1483 -23.65 -28.56 -4.12
N ASP A 1484 -24.71 -28.84 -4.87
CA ASP A 1484 -25.43 -30.12 -4.76
C ASP A 1484 -24.54 -31.25 -5.32
N LEU A 1485 -23.73 -30.94 -6.34
CA LEU A 1485 -22.78 -31.88 -6.93
C LEU A 1485 -21.56 -32.11 -6.05
N ARG A 1486 -20.79 -31.05 -5.80
CA ARG A 1486 -19.44 -31.15 -5.22
C ARG A 1486 -19.35 -31.67 -3.78
N PHE A 1487 -20.43 -31.52 -3.01
CA PHE A 1487 -20.53 -32.18 -1.70
C PHE A 1487 -20.73 -33.71 -1.81
N LYS A 1488 -21.18 -34.18 -2.97
CA LYS A 1488 -21.49 -35.60 -3.20
C LYS A 1488 -20.41 -36.41 -3.93
N ILE A 1489 -19.31 -35.78 -4.36
CA ILE A 1489 -18.13 -36.48 -4.92
C ILE A 1489 -16.83 -35.82 -4.45
N THR A 1490 -15.75 -36.60 -4.35
CA THR A 1490 -14.50 -36.17 -3.70
C THR A 1490 -13.27 -36.28 -4.61
N ILE A 1491 -12.19 -35.64 -4.18
CA ILE A 1491 -10.94 -35.61 -4.93
C ILE A 1491 -9.74 -35.34 -4.01
N ILE A 1492 -8.60 -35.92 -4.37
CA ILE A 1492 -7.29 -35.54 -3.81
C ILE A 1492 -6.57 -34.81 -4.94
N PRO A 1493 -6.33 -33.49 -4.80
CA PRO A 1493 -5.73 -32.73 -5.89
C PRO A 1493 -4.24 -33.01 -6.09
N GLN A 1494 -3.71 -32.60 -7.24
CA GLN A 1494 -2.32 -32.87 -7.61
C GLN A 1494 -1.33 -32.09 -6.74
N ASP A 1495 -1.63 -30.81 -6.51
CA ASP A 1495 -0.87 -29.97 -5.58
C ASP A 1495 -1.48 -30.09 -4.17
N PRO A 1496 -0.72 -30.58 -3.17
CA PRO A 1496 -1.25 -30.67 -1.81
C PRO A 1496 -1.21 -29.33 -1.08
N VAL A 1497 -2.39 -28.72 -0.91
CA VAL A 1497 -2.51 -27.38 -0.32
C VAL A 1497 -3.06 -27.45 1.12
N LEU A 1498 -2.35 -26.84 2.06
CA LEU A 1498 -2.80 -26.67 3.45
C LEU A 1498 -2.93 -25.17 3.75
N PHE A 1499 -3.99 -24.80 4.47
CA PHE A 1499 -4.24 -23.40 4.86
C PHE A 1499 -3.70 -23.12 6.25
N SER A 1500 -3.43 -21.84 6.52
CA SER A 1500 -2.81 -21.39 7.77
C SER A 1500 -3.78 -21.49 8.96
N GLY A 1501 -3.42 -22.29 9.95
CA GLY A 1501 -4.25 -22.48 11.15
C GLY A 1501 -3.88 -23.75 11.88
N SER A 1502 -4.84 -24.33 12.60
CA SER A 1502 -4.64 -25.61 13.27
C SER A 1502 -4.68 -26.75 12.24
N LEU A 1503 -4.10 -27.90 12.61
CA LEU A 1503 -4.17 -29.11 11.78
C LEU A 1503 -5.60 -29.67 11.71
N ARG A 1504 -6.39 -29.41 12.76
CA ARG A 1504 -7.83 -29.72 12.77
C ARG A 1504 -8.62 -28.82 11.81
N MET A 1505 -8.19 -27.58 11.63
CA MET A 1505 -8.85 -26.63 10.71
C MET A 1505 -8.85 -27.11 9.25
N ASN A 1506 -7.74 -27.71 8.82
CA ASN A 1506 -7.63 -28.27 7.47
C ASN A 1506 -8.54 -29.49 7.29
N LEU A 1507 -8.47 -30.42 8.23
CA LEU A 1507 -9.26 -31.66 8.17
C LEU A 1507 -10.77 -31.41 8.33
N ASP A 1508 -11.12 -30.50 9.24
CA ASP A 1508 -12.51 -30.23 9.62
C ASP A 1508 -12.77 -28.70 9.69
N PRO A 1509 -13.13 -28.07 8.56
CA PRO A 1509 -13.39 -26.62 8.54
C PRO A 1509 -14.73 -26.20 9.16
N PHE A 1510 -15.80 -26.93 8.87
CA PHE A 1510 -17.14 -26.62 9.39
C PHE A 1510 -17.36 -26.96 10.88
N SER A 1511 -16.50 -27.82 11.44
CA SER A 1511 -16.63 -28.33 12.82
C SER A 1511 -17.92 -29.13 13.01
N GLN A 1512 -17.99 -30.27 12.31
CA GLN A 1512 -19.18 -31.12 12.26
C GLN A 1512 -19.16 -32.26 13.28
N TYR A 1513 -18.03 -32.97 13.35
CA TYR A 1513 -17.94 -34.25 14.08
C TYR A 1513 -16.81 -34.27 15.12
N SER A 1514 -16.83 -35.30 15.96
CA SER A 1514 -15.95 -35.42 17.12
C SER A 1514 -14.49 -35.76 16.76
N ASP A 1515 -13.64 -35.79 17.80
CA ASP A 1515 -12.20 -36.03 17.65
C ASP A 1515 -11.86 -37.48 17.28
N GLU A 1516 -12.62 -38.43 17.82
CA GLU A 1516 -12.37 -39.87 17.62
C GLU A 1516 -12.41 -40.26 16.14
N GLU A 1517 -13.34 -39.67 15.39
CA GLU A 1517 -13.42 -39.85 13.93
C GLU A 1517 -12.13 -39.37 13.23
N VAL A 1518 -11.63 -38.21 13.67
CA VAL A 1518 -10.38 -37.63 13.12
C VAL A 1518 -9.16 -38.49 13.50
N TRP A 1519 -9.11 -38.93 14.75
CA TRP A 1519 -8.05 -39.85 15.22
C TRP A 1519 -8.07 -41.19 14.48
N THR A 1520 -9.26 -41.77 14.32
CA THR A 1520 -9.40 -43.03 13.56
C THR A 1520 -9.14 -42.87 12.05
N SER A 1521 -9.38 -41.67 11.51
CA SER A 1521 -9.00 -41.37 10.11
C SER A 1521 -7.48 -41.17 9.97
N LEU A 1522 -6.89 -40.42 10.91
CA LEU A 1522 -5.42 -40.26 10.97
C LEU A 1522 -4.68 -41.57 11.30
N GLU A 1523 -5.37 -42.50 11.97
CA GLU A 1523 -4.87 -43.87 12.16
C GLU A 1523 -4.75 -44.60 10.81
N LEU A 1524 -5.77 -44.47 9.97
CA LEU A 1524 -5.75 -45.03 8.61
C LEU A 1524 -4.77 -44.29 7.69
N ALA A 1525 -4.68 -42.96 7.83
CA ALA A 1525 -3.77 -42.14 7.02
C ALA A 1525 -2.28 -42.30 7.32
N HIS A 1526 -1.94 -42.98 8.42
CA HIS A 1526 -0.55 -43.24 8.85
C HIS A 1526 0.20 -41.97 9.26
N LEU A 1527 -0.50 -41.11 10.00
CA LEU A 1527 0.09 -39.93 10.65
C LEU A 1527 -0.15 -39.96 12.17
N LYS A 1528 -0.29 -41.16 12.72
CA LYS A 1528 -0.62 -41.31 14.14
C LYS A 1528 0.58 -40.97 15.01
N GLY A 1529 1.72 -41.61 14.73
CA GLY A 1529 2.96 -41.36 15.44
C GLY A 1529 3.48 -39.94 15.31
N PHE A 1530 3.41 -39.39 14.10
CA PHE A 1530 3.83 -38.02 13.83
C PHE A 1530 3.04 -36.98 14.62
N VAL A 1531 1.72 -37.12 14.62
CA VAL A 1531 0.83 -36.22 15.35
C VAL A 1531 0.87 -36.46 16.87
N SER A 1532 0.93 -37.74 17.29
CA SER A 1532 1.00 -38.10 18.71
C SER A 1532 2.30 -37.64 19.39
N ALA A 1533 3.43 -37.83 18.71
CA ALA A 1533 4.73 -37.39 19.22
C ALA A 1533 4.90 -35.86 19.27
N LEU A 1534 4.11 -35.15 18.46
CA LEU A 1534 4.12 -33.68 18.41
C LEU A 1534 3.56 -33.10 19.73
N PRO A 1535 4.07 -31.91 20.17
CA PRO A 1535 3.61 -31.36 21.46
C PRO A 1535 2.11 -31.05 21.53
N ASP A 1536 1.60 -30.32 20.55
CA ASP A 1536 0.17 -30.06 20.40
C ASP A 1536 -0.39 -31.07 19.40
N LYS A 1537 -1.46 -31.77 19.79
CA LYS A 1537 -2.02 -32.84 18.94
C LYS A 1537 -2.73 -32.27 17.71
N LEU A 1538 -3.98 -31.78 17.89
CA LEU A 1538 -4.78 -31.22 16.81
C LEU A 1538 -4.96 -29.70 16.97
N ASN A 1539 -4.06 -29.08 17.75
CA ASN A 1539 -4.01 -27.62 17.89
C ASN A 1539 -2.60 -27.13 17.53
N HIS A 1540 -1.98 -27.81 16.55
CA HIS A 1540 -0.63 -27.47 16.09
C HIS A 1540 -0.70 -26.40 15.00
N GLU A 1541 0.09 -25.35 15.17
CA GLU A 1541 0.07 -24.20 14.24
C GLU A 1541 0.74 -24.55 12.91
N CYS A 1542 -0.07 -25.02 11.96
CA CYS A 1542 0.33 -25.15 10.56
C CYS A 1542 0.30 -23.75 9.95
N ALA A 1543 1.44 -23.34 9.37
CA ALA A 1543 1.65 -21.94 8.95
C ALA A 1543 2.36 -21.83 7.61
N GLU A 1544 2.30 -20.62 7.04
CA GLU A 1544 2.96 -20.26 5.77
C GLU A 1544 2.48 -21.09 4.56
N GLY A 1545 1.23 -21.57 4.60
CA GLY A 1545 0.69 -22.42 3.54
C GLY A 1545 1.28 -23.83 3.52
N GLY A 1546 1.33 -24.46 4.68
CA GLY A 1546 1.77 -25.86 4.80
C GLY A 1546 3.26 -26.12 4.67
N GLU A 1547 4.08 -25.19 5.15
CA GLU A 1547 5.55 -25.32 5.08
C GLU A 1547 6.19 -25.86 6.39
N ASN A 1548 5.40 -25.95 7.47
CA ASN A 1548 5.87 -26.54 8.73
C ASN A 1548 6.21 -28.02 8.61
N LEU A 1549 5.47 -28.74 7.75
CA LEU A 1549 5.72 -30.15 7.47
C LEU A 1549 6.05 -30.36 5.98
N SER A 1550 6.56 -31.56 5.67
CA SER A 1550 7.08 -31.87 4.33
C SER A 1550 5.98 -32.08 3.29
N VAL A 1551 6.39 -32.11 2.03
CA VAL A 1551 5.49 -32.34 0.90
C VAL A 1551 4.82 -33.72 1.01
N GLY A 1552 5.60 -34.72 1.44
CA GLY A 1552 5.09 -36.06 1.70
C GLY A 1552 4.07 -36.16 2.82
N GLN A 1553 4.23 -35.35 3.85
CA GLN A 1553 3.29 -35.32 4.98
C GLN A 1553 1.94 -34.66 4.64
N ARG A 1554 1.97 -33.62 3.79
CA ARG A 1554 0.73 -32.97 3.31
C ARG A 1554 -0.15 -33.96 2.55
N GLN A 1555 0.48 -34.72 1.65
CA GLN A 1555 -0.18 -35.78 0.87
C GLN A 1555 -1.01 -36.71 1.76
N LEU A 1556 -0.48 -37.03 2.95
CA LEU A 1556 -1.19 -37.85 3.93
C LEU A 1556 -2.35 -37.10 4.61
N VAL A 1557 -2.18 -35.79 4.82
CA VAL A 1557 -3.28 -34.94 5.31
C VAL A 1557 -4.42 -34.87 4.27
N CYS A 1558 -4.06 -34.77 3.00
CA CYS A 1558 -5.02 -34.85 1.88
C CYS A 1558 -5.74 -36.20 1.84
N LEU A 1559 -4.99 -37.27 2.08
CA LEU A 1559 -5.56 -38.61 2.16
C LEU A 1559 -6.52 -38.77 3.35
N ALA A 1560 -6.19 -38.12 4.47
CA ALA A 1560 -7.09 -38.06 5.63
C ALA A 1560 -8.37 -37.28 5.32
N ARG A 1561 -8.22 -36.12 4.68
CA ARG A 1561 -9.36 -35.31 4.21
C ARG A 1561 -10.30 -36.08 3.30
N ALA A 1562 -9.74 -36.91 2.43
CA ALA A 1562 -10.51 -37.79 1.55
C ALA A 1562 -11.25 -38.87 2.33
N LEU A 1563 -10.58 -39.47 3.31
CA LEU A 1563 -11.15 -40.56 4.12
C LEU A 1563 -12.27 -40.15 5.08
N LEU A 1564 -12.36 -38.86 5.42
CA LEU A 1564 -13.43 -38.38 6.33
C LEU A 1564 -14.79 -38.15 5.65
N ARG A 1565 -14.77 -37.74 4.37
CA ARG A 1565 -16.01 -37.38 3.66
C ARG A 1565 -16.83 -38.61 3.21
N LYS A 1566 -16.15 -39.66 2.74
CA LYS A 1566 -16.76 -40.97 2.43
C LYS A 1566 -17.93 -40.91 1.44
N THR A 1567 -17.63 -40.42 0.24
CA THR A 1567 -18.57 -40.47 -0.88
C THR A 1567 -18.46 -41.81 -1.61
N LYS A 1568 -19.23 -41.95 -2.70
CA LYS A 1568 -19.21 -43.16 -3.53
C LYS A 1568 -18.45 -43.03 -4.86
N ILE A 1569 -17.99 -41.83 -5.21
CA ILE A 1569 -17.05 -41.63 -6.33
C ILE A 1569 -15.80 -40.89 -5.85
N LEU A 1570 -14.68 -41.61 -5.82
CA LEU A 1570 -13.37 -41.06 -5.43
C LEU A 1570 -12.50 -40.82 -6.67
N VAL A 1571 -11.78 -39.69 -6.65
CA VAL A 1571 -10.90 -39.27 -7.75
C VAL A 1571 -9.50 -39.05 -7.20
N LEU A 1572 -8.55 -39.91 -7.58
CA LEU A 1572 -7.15 -39.74 -7.15
C LEU A 1572 -6.33 -39.11 -8.28
N ASP A 1573 -5.50 -38.14 -7.94
CA ASP A 1573 -4.69 -37.39 -8.93
C ASP A 1573 -3.23 -37.30 -8.45
N GLN A 1574 -2.49 -38.39 -8.66
CA GLN A 1574 -1.11 -38.55 -8.17
C GLN A 1574 -1.03 -38.37 -6.64
N ALA A 1575 -1.81 -39.18 -5.93
CA ALA A 1575 -1.83 -39.18 -4.46
C ALA A 1575 -0.56 -39.80 -3.86
N THR A 1576 0.15 -40.63 -4.64
CA THR A 1576 1.36 -41.30 -4.20
C THR A 1576 2.61 -40.64 -4.81
N ALA A 1577 2.64 -39.31 -4.85
CA ALA A 1577 3.64 -38.56 -5.60
C ALA A 1577 4.99 -38.49 -4.89
N ALA A 1578 5.00 -37.88 -3.71
CA ALA A 1578 6.22 -37.66 -2.92
C ALA A 1578 6.23 -38.50 -1.64
N VAL A 1579 6.26 -39.82 -1.81
CA VAL A 1579 6.24 -40.78 -0.70
C VAL A 1579 7.24 -41.92 -0.96
N ASP A 1580 7.47 -42.73 0.08
CA ASP A 1580 8.35 -43.90 -0.03
C ASP A 1580 7.64 -45.05 -0.73
N LEU A 1581 8.40 -46.07 -1.10
CA LEU A 1581 7.86 -47.24 -1.78
C LEU A 1581 7.21 -48.28 -0.84
N GLU A 1582 7.47 -48.18 0.46
CA GLU A 1582 6.73 -48.97 1.47
C GLU A 1582 5.48 -48.21 1.96
N THR A 1583 5.61 -46.91 2.19
CA THR A 1583 4.49 -46.03 2.51
C THR A 1583 3.42 -46.06 1.42
N ASP A 1584 3.87 -46.18 0.17
CA ASP A 1584 3.00 -46.38 -0.99
C ASP A 1584 2.13 -47.64 -0.83
N ASP A 1585 2.75 -48.74 -0.42
CA ASP A 1585 2.03 -50.00 -0.16
C ASP A 1585 1.03 -49.86 1.00
N LEU A 1586 1.42 -49.10 2.03
CA LEU A 1586 0.51 -48.79 3.16
C LEU A 1586 -0.73 -48.01 2.69
N ILE A 1587 -0.52 -46.88 2.02
CA ILE A 1587 -1.65 -46.06 1.53
C ILE A 1587 -2.48 -46.76 0.43
N GLN A 1588 -1.80 -47.52 -0.45
CA GLN A 1588 -2.51 -48.37 -1.42
C GLN A 1588 -3.41 -49.38 -0.71
N SER A 1589 -2.88 -50.08 0.28
CA SER A 1589 -3.65 -51.04 1.08
C SER A 1589 -4.92 -50.42 1.69
N THR A 1590 -4.78 -49.23 2.27
CA THR A 1590 -5.93 -48.51 2.84
C THR A 1590 -6.92 -48.08 1.75
N ILE A 1591 -6.41 -47.58 0.62
CA ILE A 1591 -7.26 -47.24 -0.53
C ILE A 1591 -8.02 -48.46 -1.07
N ARG A 1592 -7.38 -49.64 -1.05
CA ARG A 1592 -8.03 -50.90 -1.45
C ARG A 1592 -9.08 -51.35 -0.44
N THR A 1593 -8.72 -51.36 0.84
CA THR A 1593 -9.63 -51.88 1.89
C THR A 1593 -10.79 -50.94 2.23
N GLN A 1594 -10.55 -49.64 2.28
CA GLN A 1594 -11.60 -48.66 2.59
C GLN A 1594 -12.62 -48.50 1.45
N PHE A 1595 -12.12 -48.25 0.24
CA PHE A 1595 -12.96 -47.99 -0.93
C PHE A 1595 -13.15 -49.25 -1.79
N ASP A 1596 -13.81 -50.27 -1.22
CA ASP A 1596 -14.16 -51.50 -1.93
C ASP A 1596 -15.55 -51.39 -2.57
N ASP A 1597 -16.49 -50.82 -1.84
CA ASP A 1597 -17.84 -50.57 -2.35
C ASP A 1597 -17.87 -49.41 -3.36
N CYS A 1598 -17.14 -48.33 -3.06
CA CYS A 1598 -17.19 -47.09 -3.83
C CYS A 1598 -16.39 -47.16 -5.14
N THR A 1599 -16.78 -46.34 -6.11
CA THR A 1599 -16.07 -46.21 -7.39
C THR A 1599 -14.82 -45.36 -7.20
N VAL A 1600 -13.71 -45.82 -7.77
CA VAL A 1600 -12.42 -45.12 -7.66
C VAL A 1600 -11.79 -44.98 -9.05
N LEU A 1601 -11.46 -43.74 -9.43
CA LEU A 1601 -10.72 -43.46 -10.66
C LEU A 1601 -9.44 -42.68 -10.32
N THR A 1602 -8.34 -43.07 -10.96
CA THR A 1602 -6.99 -42.65 -10.53
C THR A 1602 -6.09 -42.21 -11.68
N ILE A 1603 -5.37 -41.12 -11.50
CA ILE A 1603 -4.43 -40.65 -12.50
C ILE A 1603 -3.10 -41.13 -11.95
N ALA A 1604 -2.26 -41.78 -12.73
CA ALA A 1604 -1.01 -42.24 -12.15
C ALA A 1604 0.19 -42.27 -13.06
N HIS A 1605 1.36 -42.01 -12.51
CA HIS A 1605 2.58 -42.11 -13.29
C HIS A 1605 3.42 -43.29 -12.80
N ARG A 1606 3.01 -43.88 -11.68
CA ARG A 1606 3.69 -45.05 -11.16
C ARG A 1606 2.79 -46.18 -11.59
N LEU A 1607 3.12 -46.81 -12.70
CA LEU A 1607 2.25 -47.81 -13.28
C LEU A 1607 1.94 -49.01 -12.43
N ASN A 1608 2.86 -49.41 -11.57
CA ASN A 1608 2.66 -50.60 -10.73
C ASN A 1608 1.46 -50.55 -9.78
N THR A 1609 1.10 -49.37 -9.33
CA THR A 1609 -0.02 -49.17 -8.44
C THR A 1609 -1.31 -49.31 -9.21
N ILE A 1610 -1.20 -49.60 -10.49
CA ILE A 1610 -2.39 -49.67 -11.35
C ILE A 1610 -2.70 -51.08 -11.90
N MET A 1611 -1.80 -52.04 -11.73
CA MET A 1611 -1.97 -53.39 -12.33
C MET A 1611 -3.15 -54.20 -11.78
N ASP A 1612 -3.44 -54.07 -10.48
CA ASP A 1612 -4.54 -54.82 -9.84
C ASP A 1612 -5.94 -54.27 -10.16
N TYR A 1613 -6.02 -53.11 -10.81
CA TYR A 1613 -7.32 -52.56 -11.26
C TYR A 1613 -8.04 -53.46 -12.26
N THR A 1614 -9.35 -53.31 -12.32
CA THR A 1614 -10.21 -54.11 -13.20
C THR A 1614 -9.99 -53.71 -14.66
N ARG A 1615 -10.03 -52.39 -14.92
CA ARG A 1615 -9.77 -51.83 -16.24
C ARG A 1615 -8.92 -50.55 -16.15
N VAL A 1616 -8.45 -50.09 -17.30
CA VAL A 1616 -7.56 -48.91 -17.38
C VAL A 1616 -7.72 -48.17 -18.72
N ILE A 1617 -7.53 -46.85 -18.67
CA ILE A 1617 -7.60 -45.95 -19.83
C ILE A 1617 -6.20 -45.46 -20.19
N VAL A 1618 -5.98 -45.21 -21.48
CA VAL A 1618 -4.77 -44.56 -21.99
C VAL A 1618 -5.18 -43.43 -22.92
N LEU A 1619 -4.47 -42.29 -22.84
CA LEU A 1619 -4.68 -41.16 -23.76
C LEU A 1619 -3.37 -40.43 -24.05
N ASP A 1620 -3.16 -40.09 -25.32
CA ASP A 1620 -1.87 -39.60 -25.82
C ASP A 1620 -1.79 -38.07 -25.81
N LYS A 1621 -2.73 -37.42 -26.50
CA LYS A 1621 -2.79 -35.95 -26.57
C LYS A 1621 -4.18 -35.45 -26.20
N GLY A 1622 -5.18 -35.81 -27.00
CA GLY A 1622 -6.57 -35.44 -26.75
C GLY A 1622 -7.63 -36.54 -26.93
N GLU A 1623 -7.24 -37.71 -27.43
CA GLU A 1623 -8.16 -38.82 -27.69
C GLU A 1623 -7.81 -40.01 -26.83
N ILE A 1624 -8.82 -40.81 -26.48
CA ILE A 1624 -8.61 -42.04 -25.72
C ILE A 1624 -8.08 -43.11 -26.67
N GLN A 1625 -6.87 -43.59 -26.40
CA GLN A 1625 -6.23 -44.65 -27.18
C GLN A 1625 -6.78 -46.01 -26.74
N GLU A 1626 -6.29 -47.09 -27.35
CA GLU A 1626 -6.77 -48.44 -27.04
C GLU A 1626 -6.76 -48.72 -25.53
N TRP A 1627 -7.93 -49.08 -25.00
CA TRP A 1627 -8.15 -49.24 -23.56
C TRP A 1627 -8.91 -50.52 -23.25
N GLY A 1628 -8.86 -50.93 -21.98
CA GLY A 1628 -9.46 -52.19 -21.53
C GLY A 1628 -8.79 -52.70 -20.26
N SER A 1629 -8.70 -54.03 -20.14
CA SER A 1629 -8.04 -54.65 -18.98
C SER A 1629 -6.51 -54.64 -19.14
N PRO A 1630 -5.76 -54.58 -18.01
CA PRO A 1630 -4.29 -54.59 -18.07
C PRO A 1630 -3.70 -55.80 -18.80
N SER A 1631 -4.23 -56.99 -18.52
CA SER A 1631 -3.81 -58.23 -19.18
C SER A 1631 -4.07 -58.22 -20.69
N ASP A 1632 -5.24 -57.70 -21.08
CA ASP A 1632 -5.60 -57.56 -22.50
C ASP A 1632 -4.73 -56.50 -23.19
N LEU A 1633 -4.48 -55.38 -22.52
CA LEU A 1633 -3.58 -54.34 -23.03
C LEU A 1633 -2.11 -54.77 -23.06
N LEU A 1634 -1.73 -55.71 -22.19
CA LEU A 1634 -0.43 -56.38 -22.32
C LEU A 1634 -0.42 -57.31 -23.55
N GLN A 1635 -1.51 -58.06 -23.74
CA GLN A 1635 -1.68 -58.91 -24.93
C GLN A 1635 -1.76 -58.13 -26.26
N GLN A 1636 -2.20 -56.87 -26.19
CA GLN A 1636 -2.22 -55.96 -27.34
C GLN A 1636 -0.86 -55.77 -28.01
N ARG A 1637 0.20 -55.64 -27.19
CA ARG A 1637 1.58 -55.37 -27.65
C ARG A 1637 1.66 -54.05 -28.44
N GLY A 1638 1.27 -52.96 -27.78
CA GLY A 1638 1.21 -51.63 -28.40
C GLY A 1638 1.72 -50.51 -27.51
N LEU A 1639 0.85 -49.57 -27.19
CA LEU A 1639 1.24 -48.34 -26.47
C LEU A 1639 1.45 -48.59 -24.98
N PHE A 1640 0.45 -49.18 -24.33
CA PHE A 1640 0.51 -49.50 -22.89
C PHE A 1640 1.65 -50.47 -22.56
N TYR A 1641 1.81 -51.48 -23.43
CA TYR A 1641 2.91 -52.44 -23.35
C TYR A 1641 4.28 -51.73 -23.38
N SER A 1642 4.41 -50.70 -24.21
CA SER A 1642 5.65 -49.93 -24.29
C SER A 1642 5.95 -49.20 -22.98
N MET A 1643 4.93 -48.58 -22.40
CA MET A 1643 5.05 -47.90 -21.10
C MET A 1643 5.34 -48.88 -19.96
N ALA A 1644 4.62 -50.01 -19.94
CA ALA A 1644 4.85 -51.06 -18.93
C ALA A 1644 6.22 -51.74 -19.07
N LYS A 1645 6.69 -51.89 -20.31
CA LYS A 1645 8.02 -52.42 -20.59
C LYS A 1645 9.12 -51.41 -20.23
N ASP A 1646 8.91 -50.15 -20.58
CA ASP A 1646 9.82 -49.06 -20.21
C ASP A 1646 9.91 -48.85 -18.70
N SER A 1647 8.76 -48.89 -18.02
CA SER A 1647 8.69 -48.73 -16.56
C SER A 1647 9.41 -49.85 -15.79
N GLY A 1648 9.39 -51.06 -16.37
CA GLY A 1648 10.15 -52.20 -15.85
C GLY A 1648 9.33 -53.44 -15.51
N LEU A 1649 8.31 -53.76 -16.33
CA LEU A 1649 7.43 -54.90 -16.08
C LEU A 1649 7.40 -55.90 -17.27
N VAL A 1650 8.58 -56.21 -17.80
CA VAL A 1650 8.77 -57.27 -18.80
C VAL A 1650 9.98 -58.11 -18.39
PG ATP B . 9.55 -35.64 1.91
O1G ATP B . 10.16 -34.61 0.99
O2G ATP B . 8.06 -35.49 2.11
O3G ATP B . 10.00 -37.05 1.63
PB ATP B . 11.60 -34.58 3.51
O1B ATP B . 11.76 -33.54 2.43
O2B ATP B . 12.62 -35.69 3.67
O3B ATP B . 10.15 -35.27 3.35
PA ATP B . 12.03 -32.38 5.20
O1A ATP B . 13.47 -32.33 4.74
O2A ATP B . 11.04 -31.43 4.59
O3A ATP B . 11.46 -33.87 4.94
O5' ATP B . 12.00 -32.20 6.80
C5' ATP B . 11.68 -33.24 7.74
C4' ATP B . 11.13 -32.65 9.03
O4' ATP B . 11.58 -31.30 9.23
C3' ATP B . 9.61 -32.63 9.09
O3' ATP B . 9.13 -33.72 9.87
C2' ATP B . 9.23 -31.28 9.67
O2' ATP B . 8.68 -31.41 10.99
C1' ATP B . 10.52 -30.47 9.72
N9 ATP B . 10.39 -29.25 8.88
C8 ATP B . 10.45 -29.20 7.53
N7 ATP B . 10.28 -27.92 7.09
C5 ATP B . 10.10 -27.14 8.17
C6 ATP B . 9.88 -25.70 8.42
N6 ATP B . 9.80 -24.81 7.39
N1 ATP B . 9.75 -25.28 9.71
C2 ATP B . 9.82 -26.14 10.74
N3 ATP B . 10.03 -27.47 10.58
C4 ATP B . 10.17 -28.02 9.34
PG ATP C . 0.57 -33.68 -15.92
O1G ATP C . 1.86 -33.00 -16.31
O2G ATP C . -0.20 -32.95 -14.85
O3G ATP C . 0.69 -35.16 -15.70
PB ATP C . -1.94 -33.40 -17.16
O1B ATP C . -2.53 -34.72 -17.61
O2B ATP C . -2.29 -32.85 -15.80
O3B ATP C . -0.34 -33.53 -17.25
PA ATP C . -3.39 -31.15 -18.01
O1A ATP C . -2.79 -30.17 -17.04
O2A ATP C . -4.70 -31.83 -17.66
O3A ATP C . -2.30 -32.30 -18.28
O5' ATP C . -3.60 -30.39 -19.42
C5' ATP C . -2.91 -30.67 -20.63
C4' ATP C . -2.59 -29.37 -21.38
O4' ATP C . -3.62 -28.40 -21.21
C3' ATP C . -1.29 -28.74 -20.92
O3' ATP C . -0.22 -29.07 -21.81
C2' ATP C . -1.55 -27.25 -20.86
O2' ATP C . -0.85 -26.54 -21.88
C1' ATP C . -3.06 -27.10 -21.03
N9 ATP C . -3.64 -26.42 -19.83
C8 ATP C . -3.87 -27.01 -18.64
N7 ATP C . -4.40 -26.12 -17.76
C5 ATP C . -4.51 -24.94 -18.39
C6 ATP C . -4.99 -23.59 -18.04
N6 ATP C . -5.47 -23.32 -16.80
N1 ATP C . -4.94 -22.62 -19.00
C2 ATP C . -4.47 -22.87 -20.23
N3 ATP C . -4.02 -24.09 -20.62
C4 ATP C . -4.00 -25.14 -19.76
MG MG D . 11.44 -33.17 0.50
MG MG E . -2.03 -33.53 -13.85
C1 CLR F . -26.33 6.77 20.07
C2 CLR F . -25.87 5.42 19.52
C3 CLR F . -26.54 5.11 18.17
C4 CLR F . -26.12 6.17 17.17
C5 CLR F . -26.58 7.51 17.70
C6 CLR F . -27.43 8.19 16.92
C7 CLR F . -28.20 9.38 17.42
C8 CLR F . -27.42 10.10 18.50
C9 CLR F . -26.90 9.20 19.63
C10 CLR F . -26.12 7.96 19.11
C11 CLR F . -26.17 10.06 20.69
C12 CLR F . -26.93 11.32 21.17
C13 CLR F . -27.52 12.14 20.02
C14 CLR F . -28.30 11.14 19.18
C15 CLR F . -29.25 11.94 18.32
C16 CLR F . -29.70 13.03 19.25
C17 CLR F . -28.63 13.18 20.36
C18 CLR F . -26.36 12.80 19.23
C19 CLR F . -24.63 8.25 19.02
C20 CLR F . -28.21 14.65 20.56
C21 CLR F . -27.35 14.82 21.82
C22 CLR F . -29.44 15.58 20.55
C23 CLR F . -29.37 16.86 21.38
C24 CLR F . -30.65 17.68 21.18
C25 CLR F . -30.41 19.04 20.53
C26 CLR F . -29.80 18.92 19.13
C27 CLR F . -29.59 19.97 21.44
O1 CLR F . -26.18 3.81 17.68
C1 CLR G . -18.92 16.47 -5.80
C2 CLR G . -18.46 17.20 -7.05
C3 CLR G . -19.00 16.49 -8.30
C4 CLR G . -20.51 16.50 -8.32
C5 CLR G . -20.99 15.83 -7.05
C6 CLR G . -21.85 14.81 -7.19
C7 CLR G . -22.43 14.04 -6.03
C8 CLR G . -22.24 14.77 -4.71
C9 CLR G . -20.81 15.33 -4.59
C10 CLR G . -20.46 16.34 -5.71
C11 CLR G . -20.51 15.88 -3.18
C12 CLR G . -20.90 14.92 -2.06
C13 CLR G . -22.35 14.47 -2.18
C14 CLR G . -22.49 13.83 -3.54
C15 CLR G . -23.79 13.05 -3.48
C16 CLR G . -23.83 12.56 -2.04
C17 CLR G . -22.70 13.28 -1.27
C18 CLR G . -23.35 15.65 -1.98
C19 CLR G . -21.07 17.72 -5.44
C20 CLR G . -23.07 13.56 0.19
C21 CLR G . -22.09 14.46 0.95
C22 CLR G . -23.22 12.26 0.98
C23 CLR G . -24.44 12.34 1.88
C24 CLR G . -24.44 11.25 2.95
C25 CLR G . -24.16 11.79 4.36
C26 CLR G . -24.03 10.62 5.34
C27 CLR G . -25.22 12.78 4.84
O1 CLR G . -18.53 17.12 -9.48
C1 CLR H . 1.87 12.11 22.69
C2 CLR H . 2.16 10.62 22.48
C3 CLR H . 1.42 9.73 23.47
C4 CLR H . -0.09 10.06 23.56
C5 CLR H . -0.32 11.56 23.62
C6 CLR H . -1.13 12.05 24.60
C7 CLR H . -1.35 13.53 24.83
C8 CLR H . -1.15 14.31 23.55
C9 CLR H . 0.23 13.98 22.95
C10 CLR H . 0.38 12.47 22.62
C11 CLR H . 0.63 14.91 21.79
C12 CLR H . 0.42 16.40 22.10
C13 CLR H . -1.00 16.68 22.56
C14 CLR H . -1.23 15.82 23.81
C15 CLR H . -2.51 16.38 24.43
C16 CLR H . -2.46 17.88 24.09
C17 CLR H . -1.30 18.09 23.09
C18 CLR H . -2.00 16.34 21.43
C19 CLR H . -0.19 12.16 21.22
C20 CLR H . -1.58 19.17 22.01
C21 CLR H . -0.37 19.43 21.10
C22 CLR H . -2.12 20.50 22.57
C23 CLR H . -1.11 21.31 23.38
C24 CLR H . -1.57 22.77 23.51
C25 CLR H . -2.75 22.97 24.47
C26 CLR H . -3.30 24.39 24.37
C27 CLR H . -2.34 22.64 25.90
O1 CLR H . 1.58 8.36 23.08
#